data_3H9J
#
_entry.id   3H9J
#
_cell.length_a   55.841
_cell.length_b   138.004
_cell.length_c   80.816
_cell.angle_alpha   90.000
_cell.angle_beta   92.210
_cell.angle_gamma   90.000
#
_symmetry.space_group_name_H-M   'P 1 21 1'
#
loop_
_entity.id
_entity.type
_entity.pdbx_description
1 polymer 'MccB protein'
2 polymer 'Microcin C7 ANALOG'
3 non-polymer 'ZINC ION'
4 non-polymer 'DIPHOSPHOMETHYLPHOSPHONIC ACID ADENOSYL ESTER'
5 non-polymer 'SULFATE ION'
6 water water
#
loop_
_entity_poly.entity_id
_entity_poly.type
_entity_poly.pdbx_seq_one_letter_code
_entity_poly.pdbx_strand_id
1 'polypeptide(L)'
;GSHMDYILGRYVKIARYGSGGLVGGGGKEQYVENLVLWENIIKTAYCFITPSSYTAALETANIPEKDFSNCFRFLKENFF
IIPGEYNNSTENNRYSRNFLHYQSYGANPVLVQDKLKNAKVVILGCGGIGNHVSVILATSGIGEIILIDNDQIENTNLTR
QVLFSEDDVGKNKTEVIKRELLKRNSEISVSEIALNINDYTDLHKVPEADIWVVSADHPFNLINWVNKYCVRANQPYINA
GYVNDIAVFGPLYVPGKTGCYECQKVVADLYGSEKENIDHKIKLINSRFKPATFAPVNNVAAALCAADVIKFIGKYSEPL
SLNKRIGIWSDEIKIHSQNMGRSPVCSVCGNRM
;
A,B,C,D
2 'polypeptide(L)' (MSE)RTGNAN E,F,G,H
#
loop_
_chem_comp.id
_chem_comp.type
_chem_comp.name
_chem_comp.formula
APC non-polymer 'DIPHOSPHOMETHYLPHOSPHONIC ACID ADENOSYL ESTER' 'C11 H18 N5 O12 P3'
SO4 non-polymer 'SULFATE ION' 'O4 S -2'
ZN non-polymer 'ZINC ION' 'Zn 2'
#
# COMPACT_ATOMS: atom_id res chain seq x y z
N MET A 4 34.33 23.87 -32.52
CA MET A 4 34.02 22.43 -32.32
C MET A 4 34.22 22.06 -30.85
N ASP A 5 33.22 22.38 -30.03
CA ASP A 5 33.23 22.06 -28.60
C ASP A 5 33.02 20.58 -28.25
N TYR A 6 33.65 20.17 -27.16
CA TYR A 6 33.39 18.87 -26.56
C TYR A 6 33.04 19.04 -25.09
N ILE A 7 32.25 18.09 -24.57
CA ILE A 7 31.81 18.12 -23.18
C ILE A 7 31.81 16.72 -22.53
N LEU A 8 32.38 16.62 -21.35
CA LEU A 8 32.32 15.39 -20.58
C LEU A 8 30.87 14.94 -20.32
N GLY A 9 30.57 13.71 -20.68
CA GLY A 9 29.25 13.13 -20.43
C GLY A 9 28.96 13.08 -18.94
N ARG A 10 27.71 13.32 -18.61
CA ARG A 10 27.23 13.31 -17.23
C ARG A 10 27.24 11.88 -16.64
N TYR A 11 27.28 10.89 -17.54
CA TYR A 11 27.21 9.46 -17.21
C TYR A 11 28.60 8.81 -17.00
N VAL A 12 29.68 9.60 -17.00
CA VAL A 12 30.98 9.01 -16.70
C VAL A 12 31.28 9.16 -15.22
N LYS A 13 31.76 8.08 -14.65
CA LYS A 13 32.25 8.04 -13.29
C LYS A 13 33.64 7.41 -13.33
N ILE A 14 34.48 7.79 -12.38
CA ILE A 14 35.79 7.18 -12.25
C ILE A 14 36.00 6.69 -10.82
N ALA A 15 36.77 5.61 -10.69
CA ALA A 15 37.03 5.03 -9.39
C ALA A 15 38.49 4.67 -9.19
N ARG A 16 38.98 4.99 -8.00
CA ARG A 16 40.16 4.39 -7.39
C ARG A 16 39.98 2.87 -7.42
N TYR A 17 40.77 2.17 -8.23
CA TYR A 17 40.62 0.71 -8.33
C TYR A 17 41.90 -0.02 -8.78
N GLY A 18 42.30 -1.02 -7.98
CA GLY A 18 43.45 -1.86 -8.31
C GLY A 18 44.75 -1.08 -8.28
N SER A 19 45.52 -1.19 -9.36
CA SER A 19 46.79 -0.46 -9.51
C SER A 19 46.60 0.90 -10.20
N GLY A 20 45.46 1.06 -10.87
CA GLY A 20 45.12 2.32 -11.53
C GLY A 20 43.70 2.71 -11.16
N GLY A 21 42.83 2.74 -12.15
CA GLY A 21 41.43 3.02 -11.88
C GLY A 21 40.49 2.70 -13.01
N LEU A 22 39.20 2.89 -12.75
CA LEU A 22 38.16 2.62 -13.74
C LEU A 22 37.70 3.93 -14.33
N VAL A 23 37.42 3.94 -15.63
CA VAL A 23 36.81 5.10 -16.29
C VAL A 23 35.50 4.70 -16.94
N GLY A 24 34.43 5.43 -16.60
CA GLY A 24 33.10 5.16 -17.15
C GLY A 24 32.33 4.10 -16.38
N GLY A 25 31.07 3.92 -16.75
CA GLY A 25 30.19 3.02 -16.03
C GLY A 25 29.37 2.25 -17.03
N GLY A 26 29.22 0.96 -16.80
CA GLY A 26 28.39 0.14 -17.64
C GLY A 26 29.23 -0.65 -18.60
N GLY A 27 28.67 -0.87 -19.79
CA GLY A 27 29.29 -1.68 -20.82
C GLY A 27 30.62 -1.14 -21.29
N LYS A 28 30.78 0.19 -21.21
CA LYS A 28 32.02 0.83 -21.69
C LYS A 28 33.08 1.06 -20.60
N GLU A 29 32.78 0.65 -19.37
CA GLU A 29 33.76 0.68 -18.28
C GLU A 29 35.12 0.16 -18.74
N GLN A 30 36.17 0.91 -18.41
CA GLN A 30 37.55 0.52 -18.70
C GLN A 30 38.36 0.50 -17.41
N TYR A 31 39.12 -0.57 -17.22
CA TYR A 31 40.12 -0.62 -16.17
C TYR A 31 41.45 -0.25 -16.79
N VAL A 32 41.98 0.90 -16.36
CA VAL A 32 43.31 1.31 -16.79
C VAL A 32 44.31 1.03 -15.67
N GLU A 33 45.22 0.10 -15.96
CA GLU A 33 46.17 -0.43 -14.98
C GLU A 33 47.30 0.52 -14.61
N ASN A 34 47.63 1.45 -15.50
CA ASN A 34 48.71 2.39 -15.23
C ASN A 34 48.21 3.62 -14.49
N LEU A 35 48.71 3.82 -13.27
CA LEU A 35 48.26 4.92 -12.40
C LEU A 35 48.47 6.29 -13.04
N VAL A 36 49.66 6.50 -13.61
CA VAL A 36 50.00 7.75 -14.29
C VAL A 36 49.03 8.07 -15.43
N LEU A 37 48.74 7.06 -16.26
CA LEU A 37 47.84 7.24 -17.41
C LEU A 37 46.43 7.58 -16.93
N TRP A 38 45.95 6.85 -15.94
CA TRP A 38 44.62 7.01 -15.40
C TRP A 38 44.45 8.37 -14.75
N GLU A 39 45.44 8.76 -13.95
CA GLU A 39 45.46 10.09 -13.40
C GLU A 39 45.45 11.15 -14.51
N ASN A 40 46.22 10.94 -15.57
CA ASN A 40 46.17 11.83 -16.74
C ASN A 40 44.80 11.90 -17.43
N ILE A 41 44.15 10.75 -17.58
CA ILE A 41 42.80 10.65 -18.14
C ILE A 41 41.80 11.48 -17.32
N ILE A 42 41.96 11.46 -16.00
CA ILE A 42 41.13 12.25 -15.09
C ILE A 42 41.37 13.75 -15.30
N LYS A 43 42.65 14.12 -15.33
CA LYS A 43 43.05 15.50 -15.57
C LYS A 43 42.46 16.03 -16.88
N THR A 44 42.49 15.23 -17.95
CA THR A 44 41.97 15.71 -19.24
C THR A 44 40.44 15.74 -19.31
N ALA A 45 39.77 14.74 -18.74
CA ALA A 45 38.30 14.73 -18.56
C ALA A 45 37.81 15.98 -17.83
N TYR A 46 38.50 16.34 -16.76
CA TYR A 46 38.23 17.54 -15.97
C TYR A 46 38.25 18.79 -16.87
N CYS A 47 39.15 18.82 -17.84
CA CYS A 47 39.26 19.94 -18.79
C CYS A 47 38.06 20.09 -19.73
N PHE A 48 37.22 19.06 -19.80
CA PHE A 48 36.05 19.07 -20.67
C PHE A 48 34.72 19.14 -19.92
N ILE A 49 34.75 19.49 -18.63
CA ILE A 49 33.55 19.57 -17.84
C ILE A 49 32.63 20.65 -18.41
N THR A 50 33.21 21.80 -18.75
CA THR A 50 32.51 22.84 -19.52
C THR A 50 32.79 22.59 -21.00
N PRO A 51 31.87 23.03 -21.88
CA PRO A 51 32.03 22.78 -23.31
C PRO A 51 33.23 23.54 -23.90
N SER A 52 34.19 22.78 -24.42
CA SER A 52 35.49 23.33 -24.86
C SER A 52 36.00 22.67 -26.12
N SER A 53 36.65 23.44 -26.97
CA SER A 53 37.43 22.89 -28.07
C SER A 53 38.61 22.13 -27.46
N TYR A 54 39.24 21.31 -28.30
CA TYR A 54 40.44 20.56 -27.90
C TYR A 54 41.49 21.52 -27.34
N THR A 55 41.76 22.62 -28.06
CA THR A 55 42.88 23.49 -27.74
C THR A 55 42.59 24.38 -26.54
N ALA A 56 41.32 24.75 -26.34
CA ALA A 56 40.89 25.51 -25.16
C ALA A 56 41.03 24.69 -23.88
N ALA A 57 40.66 23.40 -23.95
CA ALA A 57 40.84 22.49 -22.82
C ALA A 57 42.32 22.20 -22.58
N LEU A 58 43.08 22.01 -23.66
CA LEU A 58 44.52 21.80 -23.56
C LEU A 58 45.19 22.97 -22.85
N GLU A 59 44.73 24.20 -23.13
CA GLU A 59 45.26 25.42 -22.50
C GLU A 59 45.20 25.36 -20.96
N THR A 60 44.18 24.68 -20.44
CA THR A 60 43.98 24.60 -18.99
C THR A 60 44.57 23.32 -18.37
N ALA A 61 45.06 22.42 -19.22
CA ALA A 61 45.68 21.17 -18.74
C ALA A 61 47.13 21.42 -18.36
N ASN A 62 47.58 20.76 -17.28
CA ASN A 62 48.97 20.88 -16.85
C ASN A 62 49.81 19.66 -17.24
N ILE A 63 49.40 18.96 -18.30
CA ILE A 63 50.14 17.79 -18.81
C ILE A 63 50.67 18.02 -20.23
N PRO A 64 51.71 17.27 -20.64
CA PRO A 64 52.26 17.45 -21.99
C PRO A 64 51.24 17.11 -23.07
N GLU A 65 51.25 17.86 -24.17
CA GLU A 65 50.28 17.74 -25.24
C GLU A 65 50.07 16.31 -25.76
N LYS A 66 51.13 15.52 -25.85
CA LYS A 66 51.02 14.14 -26.35
C LYS A 66 50.21 13.23 -25.42
N ASP A 67 50.35 13.46 -24.10
CA ASP A 67 49.57 12.73 -23.09
C ASP A 67 48.10 13.15 -23.10
N PHE A 68 47.88 14.47 -23.21
CA PHE A 68 46.55 15.05 -23.33
C PHE A 68 45.85 14.53 -24.59
N SER A 69 46.57 14.52 -25.69
CA SER A 69 46.02 14.03 -26.97
C SER A 69 45.59 12.56 -26.88
N ASN A 70 46.42 11.73 -26.27
CA ASN A 70 46.11 10.31 -26.08
C ASN A 70 44.86 10.11 -25.23
N CYS A 71 44.78 10.86 -24.13
CA CYS A 71 43.60 10.83 -23.27
C CYS A 71 42.35 11.37 -23.95
N PHE A 72 42.49 12.47 -24.68
CA PHE A 72 41.40 13.02 -25.48
C PHE A 72 40.79 11.93 -26.37
N ARG A 73 41.66 11.24 -27.12
CA ARG A 73 41.24 10.18 -28.03
C ARG A 73 40.54 9.04 -27.32
N PHE A 74 41.10 8.61 -26.20
CA PHE A 74 40.49 7.59 -25.37
C PHE A 74 39.06 7.99 -24.98
N LEU A 75 38.91 9.21 -24.45
CA LEU A 75 37.62 9.73 -24.02
C LEU A 75 36.63 9.84 -25.17
N LYS A 76 37.11 10.34 -26.31
CA LYS A 76 36.29 10.52 -27.50
C LYS A 76 35.79 9.20 -28.07
N GLU A 77 36.65 8.19 -28.17
CA GLU A 77 36.26 6.93 -28.83
C GLU A 77 35.16 6.18 -28.06
N ASN A 78 35.19 6.28 -26.73
CA ASN A 78 34.21 5.65 -25.84
C ASN A 78 32.99 6.52 -25.55
N PHE A 79 32.95 7.70 -26.18
CA PHE A 79 31.88 8.69 -25.99
C PHE A 79 31.72 9.14 -24.53
N PHE A 80 32.84 9.28 -23.82
CA PHE A 80 32.88 9.92 -22.51
C PHE A 80 32.85 11.44 -22.67
N ILE A 81 33.53 11.94 -23.70
CA ILE A 81 33.34 13.31 -24.18
C ILE A 81 32.61 13.23 -25.50
N ILE A 82 31.69 14.17 -25.68
CA ILE A 82 30.76 14.16 -26.79
C ILE A 82 30.67 15.58 -27.37
N PRO A 83 30.31 15.71 -28.66
CA PRO A 83 30.17 17.06 -29.23
C PRO A 83 29.27 17.92 -28.34
N GLY A 84 29.63 19.18 -28.14
CA GLY A 84 28.88 20.09 -27.25
C GLY A 84 27.40 20.23 -27.57
N GLU A 85 27.08 20.20 -28.87
CA GLU A 85 25.70 20.29 -29.37
C GLU A 85 24.80 19.12 -28.97
N TYR A 86 25.40 17.97 -28.62
CA TYR A 86 24.62 16.79 -28.25
C TYR A 86 23.97 16.99 -26.87
N ASN A 87 24.28 18.14 -26.26
CA ASN A 87 23.70 18.55 -24.99
C ASN A 87 22.74 19.74 -25.18
N ASN A 88 22.35 20.02 -26.43
CA ASN A 88 21.45 21.13 -26.79
C ASN A 88 19.96 20.78 -26.70
N SER A 89 19.52 20.46 -25.49
CA SER A 89 18.10 20.25 -25.18
C SER A 89 17.87 20.69 -23.73
N THR A 90 16.63 21.00 -23.39
CA THR A 90 16.30 21.46 -22.04
C THR A 90 16.31 20.30 -21.05
N GLU A 91 16.72 20.58 -19.81
CA GLU A 91 16.65 19.57 -18.74
C GLU A 91 15.19 19.20 -18.39
N ASN A 92 14.26 20.02 -18.85
CA ASN A 92 12.83 19.83 -18.56
C ASN A 92 12.12 19.02 -19.65
N ASN A 93 12.84 18.71 -20.73
CA ASN A 93 12.34 17.80 -21.77
C ASN A 93 11.94 16.47 -21.13
N ARG A 94 10.74 16.00 -21.45
CA ARG A 94 10.22 14.74 -20.89
C ARG A 94 11.08 13.50 -21.21
N TYR A 95 11.89 13.59 -22.25
CA TYR A 95 12.71 12.46 -22.71
C TYR A 95 14.19 12.60 -22.34
N SER A 96 14.51 13.60 -21.52
CA SER A 96 15.91 13.96 -21.20
C SER A 96 16.75 12.86 -20.54
N ARG A 97 16.12 11.93 -19.83
CA ARG A 97 16.86 10.82 -19.22
C ARG A 97 17.37 9.80 -20.26
N ASN A 98 16.53 9.50 -21.25
CA ASN A 98 16.95 8.64 -22.36
C ASN A 98 18.12 9.23 -23.12
N PHE A 99 18.26 10.56 -23.04
CA PHE A 99 19.23 11.33 -23.80
C PHE A 99 20.65 11.00 -23.39
N LEU A 100 20.90 10.85 -22.08
CA LEU A 100 22.20 10.42 -21.60
C LEU A 100 22.55 9.03 -22.15
N HIS A 101 21.54 8.16 -22.20
CA HIS A 101 21.66 6.83 -22.79
C HIS A 101 22.07 6.92 -24.27
N TYR A 102 21.36 7.71 -25.07
CA TYR A 102 21.73 7.92 -26.48
C TYR A 102 23.14 8.52 -26.62
N GLN A 103 23.42 9.57 -25.85
CA GLN A 103 24.75 10.20 -25.82
C GLN A 103 25.87 9.18 -25.58
N SER A 104 25.62 8.25 -24.63
CA SER A 104 26.62 7.24 -24.25
C SER A 104 26.97 6.24 -25.35
N TYR A 105 26.13 6.15 -26.38
CA TYR A 105 26.39 5.29 -27.56
C TYR A 105 26.86 6.11 -28.75
N GLY A 106 27.21 7.38 -28.51
CA GLY A 106 27.78 8.23 -29.53
C GLY A 106 26.77 8.79 -30.51
N ALA A 107 25.53 8.92 -30.07
CA ALA A 107 24.48 9.44 -30.92
C ALA A 107 24.04 10.81 -30.45
N ASN A 108 23.52 11.61 -31.38
CA ASN A 108 22.86 12.86 -31.05
C ASN A 108 21.42 12.54 -30.58
N PRO A 109 21.12 12.82 -29.30
CA PRO A 109 19.83 12.39 -28.75
C PRO A 109 18.63 13.07 -29.43
N VAL A 110 18.81 14.26 -29.97
CA VAL A 110 17.74 14.95 -30.70
C VAL A 110 17.37 14.22 -31.99
N LEU A 111 18.36 13.61 -32.64
CA LEU A 111 18.13 12.82 -33.86
C LEU A 111 17.48 11.44 -33.60
N VAL A 112 17.88 10.77 -32.51
CA VAL A 112 17.20 9.52 -32.10
C VAL A 112 15.72 9.80 -31.79
N GLN A 113 15.48 10.81 -30.97
CA GLN A 113 14.13 11.25 -30.62
C GLN A 113 13.23 11.54 -31.82
N ASP A 114 13.80 12.18 -32.84
CA ASP A 114 13.06 12.50 -34.06
C ASP A 114 12.69 11.25 -34.88
N LYS A 115 13.59 10.27 -34.92
CA LYS A 115 13.29 8.95 -35.48
C LYS A 115 12.17 8.22 -34.72
N LEU A 116 12.18 8.27 -33.39
CA LEU A 116 11.12 7.64 -32.58
C LEU A 116 9.76 8.31 -32.82
N LYS A 117 9.77 9.64 -32.83
CA LYS A 117 8.59 10.48 -33.08
C LYS A 117 7.90 10.16 -34.41
N ASN A 118 8.68 9.80 -35.42
CA ASN A 118 8.11 9.56 -36.75
C ASN A 118 7.79 8.11 -37.03
N ALA A 119 8.05 7.24 -36.04
CA ALA A 119 7.84 5.81 -36.19
C ALA A 119 6.41 5.38 -35.86
N LYS A 120 6.02 4.25 -36.46
CA LYS A 120 4.74 3.62 -36.25
C LYS A 120 5.03 2.17 -35.82
N VAL A 121 4.43 1.76 -34.70
CA VAL A 121 4.62 0.40 -34.18
C VAL A 121 3.28 -0.31 -33.96
N VAL A 122 3.21 -1.55 -34.44
CA VAL A 122 2.07 -2.45 -34.21
C VAL A 122 2.36 -3.36 -33.02
N ILE A 123 1.48 -3.31 -32.02
CA ILE A 123 1.50 -4.23 -30.88
C ILE A 123 0.47 -5.34 -31.16
N LEU A 124 0.95 -6.46 -31.70
CA LEU A 124 0.10 -7.61 -32.01
C LEU A 124 0.09 -8.54 -30.81
N GLY A 125 -0.97 -8.47 -30.01
CA GLY A 125 -0.99 -9.15 -28.71
C GLY A 125 -0.86 -8.14 -27.60
N CYS A 126 -1.95 -7.97 -26.83
CA CYS A 126 -1.99 -6.96 -25.78
C CYS A 126 -2.09 -7.55 -24.37
N GLY A 127 -1.52 -8.74 -24.19
CA GLY A 127 -1.45 -9.35 -22.88
C GLY A 127 -0.25 -8.82 -22.12
N GLY A 128 0.39 -9.69 -21.34
CA GLY A 128 1.50 -9.33 -20.45
C GLY A 128 2.68 -8.68 -21.15
N ILE A 129 3.09 -9.23 -22.29
CA ILE A 129 4.20 -8.67 -23.05
C ILE A 129 3.85 -7.33 -23.70
N GLY A 130 2.68 -7.27 -24.35
CA GLY A 130 2.17 -6.07 -24.99
C GLY A 130 1.91 -4.90 -24.07
N ASN A 131 1.33 -5.17 -22.91
CA ASN A 131 1.24 -4.18 -21.84
C ASN A 131 2.61 -3.53 -21.61
N HIS A 132 3.60 -4.34 -21.22
CA HIS A 132 4.92 -3.82 -20.87
C HIS A 132 5.70 -3.19 -22.03
N VAL A 133 5.67 -3.79 -23.20
CA VAL A 133 6.29 -3.19 -24.39
C VAL A 133 5.67 -1.84 -24.75
N SER A 134 4.34 -1.79 -24.76
CA SER A 134 3.64 -0.58 -25.18
C SER A 134 3.88 0.66 -24.30
N VAL A 135 4.00 0.49 -22.97
CA VAL A 135 4.30 1.65 -22.12
C VAL A 135 5.70 2.14 -22.30
N ILE A 136 6.66 1.22 -22.46
CA ILE A 136 8.04 1.63 -22.68
C ILE A 136 8.11 2.45 -23.96
N LEU A 137 7.56 1.90 -25.04
CA LEU A 137 7.58 2.57 -26.34
C LEU A 137 6.81 3.90 -26.30
N ALA A 138 5.70 3.92 -25.58
CA ALA A 138 4.85 5.11 -25.47
C ALA A 138 5.56 6.26 -24.75
N THR A 139 6.17 5.96 -23.60
CA THR A 139 6.80 6.95 -22.73
C THR A 139 8.21 7.31 -23.24
N SER A 140 8.72 6.51 -24.16
CA SER A 140 9.96 6.83 -24.86
C SER A 140 9.74 7.68 -26.11
N GLY A 141 8.49 7.88 -26.50
CA GLY A 141 8.19 8.81 -27.59
C GLY A 141 8.00 8.25 -28.98
N ILE A 142 7.71 6.95 -29.09
CA ILE A 142 7.30 6.39 -30.38
C ILE A 142 5.99 7.08 -30.80
N GLY A 143 6.01 7.70 -31.96
CA GLY A 143 4.92 8.59 -32.39
C GLY A 143 3.56 7.96 -32.56
N GLU A 144 3.54 6.67 -32.91
CA GLU A 144 2.28 6.00 -33.19
C GLU A 144 2.31 4.53 -32.79
N ILE A 145 1.30 4.16 -32.01
CA ILE A 145 1.12 2.81 -31.52
C ILE A 145 -0.26 2.31 -31.92
N ILE A 146 -0.30 1.13 -32.53
CA ILE A 146 -1.54 0.49 -32.95
C ILE A 146 -1.70 -0.80 -32.15
N LEU A 147 -2.76 -0.86 -31.36
CA LEU A 147 -2.96 -1.97 -30.42
C LEU A 147 -3.88 -2.97 -31.05
N ILE A 148 -3.43 -4.22 -31.15
CA ILE A 148 -4.25 -5.26 -31.77
C ILE A 148 -4.47 -6.44 -30.83
N ASP A 149 -5.74 -6.78 -30.63
CA ASP A 149 -6.21 -7.78 -29.67
C ASP A 149 -7.74 -7.79 -29.72
N ASN A 150 -8.34 -8.97 -29.53
CA ASN A 150 -9.81 -9.09 -29.50
C ASN A 150 -10.35 -9.48 -28.12
N ASP A 151 -9.45 -9.91 -27.22
CA ASP A 151 -9.83 -10.34 -25.87
C ASP A 151 -10.23 -9.22 -24.91
N GLN A 152 -10.91 -9.60 -23.83
CA GLN A 152 -11.33 -8.68 -22.77
C GLN A 152 -10.54 -8.95 -21.48
N ILE A 153 -10.44 -7.94 -20.62
CA ILE A 153 -9.66 -8.00 -19.38
C ILE A 153 -10.31 -8.89 -18.31
N GLU A 154 -9.51 -9.80 -17.74
CA GLU A 154 -9.95 -10.70 -16.66
C GLU A 154 -9.19 -10.38 -15.37
N ASN A 155 -9.63 -10.96 -14.26
CA ASN A 155 -8.97 -10.75 -12.96
C ASN A 155 -7.56 -11.38 -12.84
N THR A 156 -7.30 -12.39 -13.66
CA THR A 156 -6.04 -13.14 -13.63
C THR A 156 -4.94 -12.43 -14.40
N ASN A 157 -5.32 -11.37 -15.13
CA ASN A 157 -4.40 -10.61 -15.97
C ASN A 157 -3.56 -9.68 -15.11
N LEU A 158 -4.12 -9.33 -13.95
CA LEU A 158 -3.57 -8.26 -13.11
C LEU A 158 -2.18 -8.59 -12.58
N THR A 159 -1.81 -9.85 -12.68
CA THR A 159 -0.48 -10.31 -12.31
C THR A 159 0.67 -9.70 -13.13
N ARG A 160 0.50 -9.67 -14.46
CA ARG A 160 1.54 -9.25 -15.40
C ARG A 160 1.20 -7.93 -16.09
N GLN A 161 -0.09 -7.73 -16.36
CA GLN A 161 -0.61 -6.67 -17.23
C GLN A 161 -0.79 -5.38 -16.46
N VAL A 162 0.33 -4.66 -16.37
CA VAL A 162 0.61 -3.58 -15.43
C VAL A 162 -0.24 -2.32 -15.63
N LEU A 163 -0.84 -2.20 -16.82
CA LEU A 163 -1.69 -1.05 -17.12
C LEU A 163 -3.11 -1.22 -16.60
N PHE A 164 -3.49 -2.47 -16.33
CA PHE A 164 -4.87 -2.81 -15.95
C PHE A 164 -5.09 -2.83 -14.43
N SER A 165 -6.31 -2.50 -14.03
CA SER A 165 -6.72 -2.52 -12.62
C SER A 165 -7.99 -3.36 -12.43
N GLU A 166 -8.32 -3.66 -11.18
CA GLU A 166 -9.53 -4.40 -10.83
C GLU A 166 -10.75 -3.83 -11.56
N ASP A 167 -10.91 -2.51 -11.49
CA ASP A 167 -11.99 -1.78 -12.17
C ASP A 167 -12.10 -1.95 -13.69
N ASP A 168 -11.05 -2.47 -14.32
CA ASP A 168 -11.01 -2.56 -15.78
C ASP A 168 -11.55 -3.87 -16.32
N VAL A 169 -11.76 -4.82 -15.40
CA VAL A 169 -12.25 -6.15 -15.74
C VAL A 169 -13.56 -6.07 -16.51
N GLY A 170 -13.61 -6.76 -17.66
CA GLY A 170 -14.78 -6.72 -18.53
C GLY A 170 -14.64 -5.87 -19.78
N LYS A 171 -13.69 -4.94 -19.77
CA LYS A 171 -13.41 -4.08 -20.91
C LYS A 171 -12.43 -4.72 -21.90
N ASN A 172 -12.38 -4.18 -23.12
CA ASN A 172 -11.37 -4.58 -24.11
C ASN A 172 -9.99 -4.21 -23.59
N LYS A 173 -9.01 -5.06 -23.86
CA LYS A 173 -7.61 -4.76 -23.51
C LYS A 173 -7.10 -3.53 -24.24
N THR A 174 -7.32 -3.48 -25.55
CA THR A 174 -6.87 -2.36 -26.39
C THR A 174 -7.48 -1.04 -25.94
N GLU A 175 -8.72 -1.09 -25.45
CA GLU A 175 -9.39 0.11 -24.93
C GLU A 175 -8.67 0.70 -23.72
N VAL A 176 -8.38 -0.13 -22.71
CA VAL A 176 -7.75 0.34 -21.48
C VAL A 176 -6.27 0.74 -21.69
N ILE A 177 -5.52 -0.04 -22.47
CA ILE A 177 -4.13 0.30 -22.76
C ILE A 177 -4.05 1.70 -23.36
N LYS A 178 -4.81 1.96 -24.43
CA LYS A 178 -4.87 3.29 -25.05
C LYS A 178 -5.11 4.39 -24.02
N ARG A 179 -6.17 4.24 -23.22
CA ARG A 179 -6.46 5.15 -22.10
C ARG A 179 -5.21 5.38 -21.24
N GLU A 180 -4.56 4.29 -20.84
CA GLU A 180 -3.42 4.36 -19.92
C GLU A 180 -2.12 4.84 -20.55
N LEU A 181 -1.90 4.51 -21.83
CA LEU A 181 -0.79 5.06 -22.59
C LEU A 181 -0.88 6.58 -22.75
N LEU A 182 -2.08 7.06 -23.09
CA LEU A 182 -2.30 8.49 -23.34
C LEU A 182 -2.29 9.32 -22.06
N LYS A 183 -2.53 8.68 -20.91
CA LYS A 183 -2.42 9.35 -19.62
C LYS A 183 -0.95 9.57 -19.28
N ARG A 184 -0.08 8.73 -19.84
CA ARG A 184 1.37 8.80 -19.62
C ARG A 184 2.08 9.67 -20.64
N ASN A 185 1.62 9.60 -21.89
CA ASN A 185 2.17 10.40 -22.97
C ASN A 185 1.08 10.81 -23.96
N SER A 186 0.51 12.00 -23.75
CA SER A 186 -0.54 12.55 -24.58
C SER A 186 -0.04 13.21 -25.88
N GLU A 187 1.27 13.16 -26.12
CA GLU A 187 1.87 13.75 -27.32
C GLU A 187 2.04 12.72 -28.44
N ILE A 188 1.65 11.47 -28.17
CA ILE A 188 1.68 10.42 -29.19
C ILE A 188 0.28 10.10 -29.73
N SER A 189 0.21 9.22 -30.72
CA SER A 189 -1.05 8.77 -31.29
C SER A 189 -1.20 7.28 -31.03
N VAL A 190 -2.40 6.89 -30.62
CA VAL A 190 -2.65 5.49 -30.25
C VAL A 190 -3.96 5.03 -30.88
N SER A 191 -3.89 3.99 -31.70
CA SER A 191 -5.08 3.38 -32.33
C SER A 191 -5.24 1.95 -31.86
N GLU A 192 -6.45 1.42 -32.07
CA GLU A 192 -6.78 0.03 -31.71
C GLU A 192 -7.51 -0.65 -32.86
N ILE A 193 -7.17 -1.91 -33.10
CA ILE A 193 -7.93 -2.75 -34.02
C ILE A 193 -8.45 -3.98 -33.29
N ALA A 194 -9.75 -4.19 -33.33
CA ALA A 194 -10.36 -5.39 -32.78
C ALA A 194 -10.25 -6.53 -33.77
N LEU A 195 -9.26 -7.39 -33.54
CA LEU A 195 -8.95 -8.50 -34.43
C LEU A 195 -8.44 -9.70 -33.67
N ASN A 196 -8.97 -10.87 -33.98
CA ASN A 196 -8.36 -12.11 -33.56
C ASN A 196 -7.93 -12.92 -34.78
N ILE A 197 -6.66 -13.35 -34.76
CA ILE A 197 -6.07 -14.03 -35.90
C ILE A 197 -6.37 -15.53 -35.88
N ASN A 198 -7.40 -15.90 -36.65
CA ASN A 198 -7.89 -17.26 -36.76
C ASN A 198 -7.15 -18.03 -37.85
N ASP A 199 -6.78 -17.31 -38.91
CA ASP A 199 -6.13 -17.87 -40.09
C ASP A 199 -5.01 -16.97 -40.55
N TYR A 200 -4.14 -17.51 -41.39
CA TYR A 200 -3.10 -16.74 -42.08
C TYR A 200 -3.67 -15.49 -42.78
N THR A 201 -4.82 -15.66 -43.43
CA THR A 201 -5.48 -14.57 -44.17
C THR A 201 -5.86 -13.35 -43.31
N ASP A 202 -6.10 -13.56 -42.02
CA ASP A 202 -6.42 -12.48 -41.08
C ASP A 202 -5.30 -11.44 -40.92
N LEU A 203 -4.06 -11.85 -41.17
CA LEU A 203 -2.89 -10.98 -41.02
C LEU A 203 -2.87 -9.78 -41.98
N HIS A 204 -3.65 -9.87 -43.05
CA HIS A 204 -3.79 -8.78 -44.04
C HIS A 204 -4.52 -7.57 -43.44
N LYS A 205 -5.28 -7.81 -42.37
CA LYS A 205 -6.00 -6.74 -41.68
C LYS A 205 -5.11 -6.00 -40.67
N VAL A 206 -3.89 -6.49 -40.47
CA VAL A 206 -2.88 -5.80 -39.66
C VAL A 206 -2.09 -4.80 -40.53
N PRO A 207 -2.05 -3.52 -40.12
CA PRO A 207 -1.44 -2.46 -40.93
C PRO A 207 0.10 -2.51 -41.05
N GLU A 208 0.61 -1.95 -42.14
CA GLU A 208 2.04 -1.68 -42.34
C GLU A 208 2.57 -0.86 -41.16
N ALA A 209 3.82 -1.09 -40.77
CA ALA A 209 4.50 -0.29 -39.74
C ALA A 209 6.02 -0.43 -39.83
N ASP A 210 6.72 0.43 -39.09
CA ASP A 210 8.16 0.29 -38.91
C ASP A 210 8.51 -1.09 -38.35
N ILE A 211 7.66 -1.58 -37.45
CA ILE A 211 7.85 -2.91 -36.86
C ILE A 211 6.57 -3.43 -36.19
N TRP A 212 6.38 -4.75 -36.28
CA TRP A 212 5.34 -5.45 -35.52
C TRP A 212 5.98 -6.04 -34.27
N VAL A 213 5.41 -5.77 -33.10
CA VAL A 213 5.79 -6.48 -31.87
C VAL A 213 4.81 -7.63 -31.67
N VAL A 214 5.30 -8.85 -31.85
CA VAL A 214 4.41 -10.01 -31.81
C VAL A 214 4.56 -10.85 -30.53
N SER A 215 3.55 -10.80 -29.69
CA SER A 215 3.53 -11.67 -28.50
C SER A 215 2.29 -12.60 -28.41
N ALA A 216 1.30 -12.39 -29.26
CA ALA A 216 0.19 -13.33 -29.36
C ALA A 216 0.76 -14.72 -29.68
N ASP A 217 0.29 -15.75 -28.97
CA ASP A 217 0.85 -17.10 -29.16
C ASP A 217 -0.22 -18.17 -29.37
N HIS A 218 -1.39 -17.74 -29.83
CA HIS A 218 -2.49 -18.65 -30.18
C HIS A 218 -3.05 -18.42 -31.60
N PRO A 219 -3.18 -19.49 -32.41
CA PRO A 219 -2.86 -20.90 -32.12
C PRO A 219 -1.35 -21.16 -32.13
N PHE A 220 -0.96 -22.44 -32.06
CA PHE A 220 0.43 -22.83 -31.88
C PHE A 220 1.35 -22.30 -33.00
N ASN A 221 0.83 -22.28 -34.23
CA ASN A 221 1.59 -21.85 -35.41
C ASN A 221 1.36 -20.39 -35.85
N LEU A 222 0.86 -19.56 -34.92
CA LEU A 222 0.61 -18.15 -35.18
C LEU A 222 1.86 -17.42 -35.67
N ILE A 223 2.96 -17.67 -34.99
CA ILE A 223 4.27 -17.13 -35.33
C ILE A 223 4.72 -17.52 -36.73
N ASN A 224 4.44 -18.77 -37.11
CA ASN A 224 4.74 -19.24 -38.47
C ASN A 224 3.96 -18.50 -39.53
N TRP A 225 2.67 -18.24 -39.26
CA TRP A 225 1.86 -17.38 -40.13
C TRP A 225 2.44 -15.95 -40.22
N VAL A 226 2.74 -15.36 -39.06
CA VAL A 226 3.27 -13.99 -38.96
C VAL A 226 4.58 -13.87 -39.74
N ASN A 227 5.48 -14.84 -39.54
CA ASN A 227 6.73 -14.89 -40.26
C ASN A 227 6.54 -15.02 -41.78
N LYS A 228 5.78 -16.03 -42.21
CA LYS A 228 5.45 -16.21 -43.63
C LYS A 228 4.90 -14.92 -44.23
N TYR A 229 3.92 -14.33 -43.55
CA TYR A 229 3.30 -13.08 -43.98
C TYR A 229 4.33 -11.96 -44.12
N CYS A 230 5.07 -11.72 -43.04
CA CYS A 230 6.04 -10.62 -43.00
C CYS A 230 7.14 -10.77 -44.05
N VAL A 231 7.58 -12.01 -44.29
CA VAL A 231 8.54 -12.25 -45.39
C VAL A 231 7.96 -11.79 -46.71
N ARG A 232 6.70 -12.16 -46.98
CA ARG A 232 6.04 -11.82 -48.24
C ARG A 232 5.65 -10.33 -48.32
N ALA A 233 5.35 -9.74 -47.17
CA ALA A 233 4.97 -8.32 -47.09
C ALA A 233 6.18 -7.39 -46.90
N ASN A 234 7.37 -7.97 -46.78
CA ASN A 234 8.60 -7.23 -46.43
C ASN A 234 8.44 -6.41 -45.15
N GLN A 235 7.86 -7.02 -44.11
CA GLN A 235 7.54 -6.32 -42.88
C GLN A 235 8.43 -6.78 -41.72
N PRO A 236 9.19 -5.84 -41.11
CA PRO A 236 9.96 -6.17 -39.90
C PRO A 236 9.06 -6.53 -38.73
N TYR A 237 9.47 -7.55 -37.96
CA TYR A 237 8.79 -7.94 -36.76
C TYR A 237 9.78 -8.45 -35.70
N ILE A 238 9.37 -8.41 -34.44
CA ILE A 238 10.12 -9.03 -33.38
C ILE A 238 9.17 -9.90 -32.55
N ASN A 239 9.67 -11.06 -32.14
CA ASN A 239 8.92 -11.97 -31.29
C ASN A 239 9.45 -11.87 -29.87
N ALA A 240 8.55 -12.03 -28.90
CA ALA A 240 8.90 -12.01 -27.50
C ALA A 240 7.86 -12.78 -26.72
N GLY A 241 8.30 -13.41 -25.64
CA GLY A 241 7.40 -14.11 -24.75
C GLY A 241 8.21 -14.90 -23.75
N TYR A 242 7.80 -16.14 -23.56
CA TYR A 242 8.38 -16.99 -22.55
C TYR A 242 7.98 -18.43 -22.83
N VAL A 243 8.85 -19.34 -22.39
CA VAL A 243 8.54 -20.74 -22.23
C VAL A 243 8.67 -21.03 -20.74
N ASN A 244 7.54 -20.95 -20.03
CA ASN A 244 7.49 -21.04 -18.57
C ASN A 244 8.45 -20.05 -17.90
N ASP A 245 9.48 -20.57 -17.24
CA ASP A 245 10.41 -19.77 -16.45
C ASP A 245 11.55 -19.09 -17.26
N ILE A 246 11.63 -19.39 -18.55
CA ILE A 246 12.62 -18.74 -19.43
C ILE A 246 11.97 -17.60 -20.21
N ALA A 247 12.53 -16.39 -20.05
CA ALA A 247 12.19 -15.23 -20.84
C ALA A 247 12.74 -15.31 -22.26
N VAL A 248 11.90 -15.04 -23.25
CA VAL A 248 12.34 -15.15 -24.66
C VAL A 248 12.03 -13.90 -25.46
N PHE A 249 13.04 -13.42 -26.19
CA PHE A 249 12.83 -12.35 -27.16
C PHE A 249 13.68 -12.58 -28.40
N GLY A 250 13.19 -12.12 -29.54
CA GLY A 250 13.82 -12.47 -30.82
C GLY A 250 13.13 -13.65 -31.48
N PRO A 251 13.34 -13.82 -32.80
CA PRO A 251 14.24 -13.00 -33.58
C PRO A 251 13.61 -11.64 -33.88
N LEU A 252 14.46 -10.70 -34.29
CA LEU A 252 14.01 -9.50 -34.97
C LEU A 252 14.27 -9.74 -36.44
N TYR A 253 13.19 -9.81 -37.21
CA TYR A 253 13.25 -10.00 -38.65
C TYR A 253 13.33 -8.68 -39.41
N VAL A 254 14.40 -8.53 -40.19
CA VAL A 254 14.55 -7.42 -41.15
C VAL A 254 14.69 -8.05 -42.53
N PRO A 255 13.75 -7.74 -43.45
CA PRO A 255 13.77 -8.17 -44.86
C PRO A 255 15.12 -7.99 -45.53
N GLY A 256 15.66 -9.08 -46.06
CA GLY A 256 16.91 -9.09 -46.83
C GLY A 256 18.18 -8.88 -46.03
N LYS A 257 18.02 -8.52 -44.75
CA LYS A 257 19.14 -8.16 -43.89
C LYS A 257 19.38 -9.18 -42.76
N THR A 258 18.50 -10.17 -42.65
CA THR A 258 18.48 -11.09 -41.51
C THR A 258 17.76 -12.40 -41.88
N GLY A 259 17.97 -13.45 -41.11
CA GLY A 259 17.23 -14.69 -41.31
C GLY A 259 15.82 -14.64 -40.73
N CYS A 260 14.94 -15.50 -41.24
CA CYS A 260 13.56 -15.54 -40.76
C CYS A 260 13.40 -16.68 -39.75
N TYR A 261 12.19 -16.80 -39.21
CA TYR A 261 11.88 -17.76 -38.15
C TYR A 261 12.08 -19.23 -38.54
N GLU A 262 11.82 -19.53 -39.81
CA GLU A 262 11.85 -20.91 -40.34
C GLU A 262 13.23 -21.36 -40.88
N CYS A 263 14.19 -20.42 -40.97
CA CYS A 263 15.52 -20.64 -41.57
C CYS A 263 16.36 -21.79 -41.00
N GLN A 264 16.30 -21.94 -39.68
CA GLN A 264 17.18 -22.88 -38.98
C GLN A 264 16.44 -24.07 -38.37
N LYS A 265 15.19 -24.30 -38.80
CA LYS A 265 14.39 -25.43 -38.34
C LYS A 265 14.83 -26.73 -39.02
N LYS A 275 3.87 -44.06 -35.31
CA LYS A 275 2.96 -44.48 -34.26
C LYS A 275 1.82 -43.46 -34.04
N GLU A 276 0.60 -43.86 -34.38
CA GLU A 276 -0.58 -43.00 -34.28
C GLU A 276 -1.05 -42.81 -32.84
N ASN A 277 -1.06 -43.91 -32.08
CA ASN A 277 -1.48 -43.92 -30.67
C ASN A 277 -0.77 -42.89 -29.78
N ILE A 278 0.56 -42.97 -29.73
CA ILE A 278 1.35 -41.98 -28.96
C ILE A 278 1.22 -40.58 -29.54
N ASP A 279 1.05 -40.49 -30.86
CA ASP A 279 0.81 -39.23 -31.56
C ASP A 279 -0.44 -38.54 -31.03
N HIS A 280 -1.51 -39.34 -30.84
CA HIS A 280 -2.74 -38.88 -30.17
C HIS A 280 -2.47 -38.39 -28.74
N LYS A 281 -1.56 -39.07 -28.04
CA LYS A 281 -1.24 -38.76 -26.65
C LYS A 281 -0.45 -37.46 -26.52
N ILE A 282 0.53 -37.27 -27.40
CA ILE A 282 1.32 -36.04 -27.46
C ILE A 282 0.39 -34.84 -27.67
N LYS A 283 -0.42 -34.91 -28.70
CA LYS A 283 -1.42 -33.90 -29.05
C LYS A 283 -2.37 -33.51 -27.90
N LEU A 284 -2.89 -34.49 -27.17
CA LEU A 284 -3.73 -34.19 -26.00
C LEU A 284 -2.94 -33.47 -24.92
N ILE A 285 -1.75 -33.97 -24.61
CA ILE A 285 -0.87 -33.33 -23.62
C ILE A 285 -0.60 -31.88 -24.00
N ASN A 286 -0.14 -31.66 -25.22
CA ASN A 286 0.12 -30.31 -25.68
C ASN A 286 -1.10 -29.42 -25.79
N SER A 287 -2.26 -30.00 -26.08
CA SER A 287 -3.52 -29.22 -26.11
C SER A 287 -3.89 -28.66 -24.75
N ARG A 288 -3.49 -29.36 -23.68
CA ARG A 288 -3.77 -28.89 -22.34
C ARG A 288 -2.69 -27.98 -21.77
N PHE A 289 -1.78 -27.47 -22.63
CA PHE A 289 -0.67 -26.65 -22.18
C PHE A 289 -1.09 -25.23 -21.83
N LYS A 290 -0.64 -24.79 -20.65
CA LYS A 290 -0.76 -23.41 -20.21
C LYS A 290 0.55 -23.05 -19.52
N PRO A 291 1.16 -21.92 -19.92
CA PRO A 291 2.49 -21.60 -19.43
C PRO A 291 2.43 -21.26 -17.94
N ALA A 292 3.48 -21.65 -17.21
CA ALA A 292 3.65 -21.19 -15.83
C ALA A 292 4.09 -19.71 -15.87
N THR A 293 3.11 -18.83 -16.08
CA THR A 293 3.36 -17.38 -16.18
C THR A 293 3.88 -16.84 -14.85
N PHE A 294 4.80 -15.88 -14.95
CA PHE A 294 5.42 -15.29 -13.78
C PHE A 294 5.85 -13.89 -14.19
N ALA A 295 5.22 -12.87 -13.59
CA ALA A 295 5.48 -11.46 -13.94
C ALA A 295 6.94 -11.11 -14.24
N PRO A 296 7.88 -11.44 -13.33
CA PRO A 296 9.29 -11.10 -13.62
C PRO A 296 9.82 -11.64 -14.94
N VAL A 297 9.38 -12.83 -15.33
CA VAL A 297 9.82 -13.45 -16.59
C VAL A 297 9.21 -12.70 -17.76
N ASN A 298 7.91 -12.46 -17.68
CA ASN A 298 7.19 -11.63 -18.63
C ASN A 298 7.86 -10.26 -18.84
N ASN A 299 8.28 -9.65 -17.74
CA ASN A 299 8.80 -8.28 -17.75
C ASN A 299 10.18 -8.21 -18.37
N VAL A 300 11.04 -9.15 -18.02
CA VAL A 300 12.37 -9.27 -18.65
C VAL A 300 12.24 -9.37 -20.17
N ALA A 301 11.44 -10.32 -20.63
CA ALA A 301 11.20 -10.50 -22.07
C ALA A 301 10.68 -9.22 -22.75
N ALA A 302 9.73 -8.57 -22.11
CA ALA A 302 9.14 -7.35 -22.65
C ALA A 302 10.11 -6.18 -22.63
N ALA A 303 10.97 -6.13 -21.60
CA ALA A 303 11.91 -5.03 -21.47
C ALA A 303 12.91 -5.10 -22.60
N LEU A 304 13.50 -6.27 -22.80
CA LEU A 304 14.54 -6.47 -23.79
C LEU A 304 14.04 -6.38 -25.22
N CYS A 305 12.78 -6.76 -25.41
CA CYS A 305 12.10 -6.62 -26.67
C CYS A 305 11.96 -5.14 -27.03
N ALA A 306 11.48 -4.32 -26.07
CA ALA A 306 11.32 -2.87 -26.28
C ALA A 306 12.65 -2.15 -26.56
N ALA A 307 13.68 -2.53 -25.82
CA ALA A 307 15.05 -2.06 -26.06
C ALA A 307 15.48 -2.30 -27.50
N ASP A 308 15.10 -3.45 -28.06
CA ASP A 308 15.48 -3.82 -29.42
C ASP A 308 14.68 -3.04 -30.47
N VAL A 309 13.41 -2.78 -30.15
CA VAL A 309 12.56 -1.87 -30.96
C VAL A 309 13.07 -0.41 -30.97
N ILE A 310 13.46 0.08 -29.78
CA ILE A 310 13.98 1.46 -29.66
C ILE A 310 15.29 1.58 -30.43
N LYS A 311 16.11 0.53 -30.38
CA LYS A 311 17.40 0.52 -31.06
C LYS A 311 17.23 0.33 -32.55
N PHE A 312 16.32 -0.57 -32.94
CA PHE A 312 16.01 -0.78 -34.36
C PHE A 312 15.61 0.54 -35.01
N ILE A 313 14.76 1.31 -34.32
CA ILE A 313 14.19 2.55 -34.88
C ILE A 313 15.12 3.74 -34.63
N GLY A 314 15.68 3.82 -33.43
CA GLY A 314 16.66 4.85 -33.10
C GLY A 314 17.97 4.79 -33.86
N LYS A 315 18.39 3.58 -34.23
CA LYS A 315 19.57 3.31 -35.05
C LYS A 315 20.90 3.65 -34.38
N TYR A 316 20.94 3.67 -33.07
CA TYR A 316 22.17 4.10 -32.38
C TYR A 316 22.99 2.94 -31.80
N SER A 317 22.43 1.74 -31.83
CA SER A 317 23.10 0.55 -31.33
C SER A 317 22.41 -0.64 -31.97
N GLU A 318 23.12 -1.76 -32.08
CA GLU A 318 22.55 -2.91 -32.76
C GLU A 318 21.59 -3.65 -31.84
N PRO A 319 20.35 -3.87 -32.30
CA PRO A 319 19.42 -4.75 -31.60
C PRO A 319 20.11 -6.09 -31.28
N LEU A 320 19.88 -6.61 -30.07
CA LEU A 320 20.48 -7.90 -29.66
C LEU A 320 19.97 -9.08 -30.47
N SER A 321 18.68 -9.07 -30.82
CA SER A 321 18.02 -10.25 -31.38
C SER A 321 17.98 -10.33 -32.91
N LEU A 322 18.88 -9.61 -33.55
CA LEU A 322 19.15 -9.80 -34.97
C LEU A 322 19.76 -11.18 -35.12
N ASN A 323 19.10 -12.03 -35.91
CA ASN A 323 19.55 -13.39 -36.21
C ASN A 323 19.55 -14.37 -35.05
N LYS A 324 18.82 -14.04 -33.99
CA LYS A 324 18.84 -14.80 -32.74
C LYS A 324 17.52 -14.82 -32.01
N ARG A 325 17.24 -15.94 -31.38
CA ARG A 325 16.17 -16.08 -30.41
C ARG A 325 16.86 -16.17 -29.05
N ILE A 326 16.68 -15.17 -28.18
CA ILE A 326 17.45 -15.11 -26.93
C ILE A 326 16.61 -15.55 -25.72
N GLY A 327 17.17 -16.46 -24.94
CA GLY A 327 16.55 -16.96 -23.72
C GLY A 327 17.28 -16.51 -22.47
N ILE A 328 16.54 -15.97 -21.51
CA ILE A 328 17.10 -15.58 -20.21
C ILE A 328 16.41 -16.46 -19.18
N TRP A 329 17.18 -17.23 -18.43
CA TRP A 329 16.64 -18.11 -17.39
C TRP A 329 16.28 -17.30 -16.15
N SER A 330 15.31 -17.80 -15.37
CA SER A 330 14.93 -17.13 -14.12
C SER A 330 15.33 -17.89 -12.86
N ASP A 331 15.63 -19.18 -12.99
CA ASP A 331 16.00 -19.99 -11.83
C ASP A 331 17.48 -20.46 -11.83
N GLU A 332 18.22 -20.04 -12.85
CA GLU A 332 19.66 -20.14 -12.85
C GLU A 332 20.19 -18.90 -13.57
N ILE A 333 21.50 -18.70 -13.51
CA ILE A 333 22.09 -17.50 -14.08
C ILE A 333 22.61 -17.88 -15.46
N LYS A 334 21.82 -17.57 -16.48
CA LYS A 334 22.04 -18.09 -17.82
C LYS A 334 21.31 -17.26 -18.87
N ILE A 335 22.03 -16.89 -19.93
CA ILE A 335 21.44 -16.45 -21.20
C ILE A 335 21.96 -17.42 -22.25
N HIS A 336 21.14 -17.71 -23.26
CA HIS A 336 21.54 -18.49 -24.40
C HIS A 336 20.88 -17.92 -25.64
N SER A 337 21.65 -17.77 -26.70
CA SER A 337 21.09 -17.38 -27.98
C SER A 337 21.03 -18.54 -28.96
N GLN A 338 19.89 -18.65 -29.62
CA GLN A 338 19.64 -19.70 -30.60
C GLN A 338 19.83 -19.12 -32.00
N ASN A 339 20.76 -19.69 -32.76
CA ASN A 339 21.02 -19.30 -34.14
C ASN A 339 19.77 -19.29 -35.04
N MET A 340 19.41 -18.10 -35.52
CA MET A 340 18.34 -17.93 -36.48
C MET A 340 18.82 -17.09 -37.67
N GLY A 341 20.06 -17.35 -38.10
CA GLY A 341 20.66 -16.69 -39.25
C GLY A 341 20.04 -17.14 -40.56
N ARG A 342 20.29 -16.38 -41.62
CA ARG A 342 19.73 -16.66 -42.95
C ARG A 342 20.19 -18.00 -43.48
N SER A 343 19.23 -18.76 -44.02
CA SER A 343 19.51 -19.99 -44.76
C SER A 343 19.05 -19.83 -46.22
N PRO A 344 20.01 -19.94 -47.16
CA PRO A 344 19.72 -19.77 -48.59
C PRO A 344 18.76 -20.83 -49.08
N VAL A 345 18.64 -21.90 -48.30
CA VAL A 345 17.84 -23.07 -48.65
C VAL A 345 16.49 -23.08 -47.88
N CYS A 346 16.19 -21.99 -47.17
CA CYS A 346 14.90 -21.84 -46.46
C CYS A 346 13.74 -21.81 -47.43
N SER A 347 12.65 -22.48 -47.07
CA SER A 347 11.50 -22.61 -47.97
C SER A 347 10.58 -21.38 -47.93
N VAL A 348 10.76 -20.55 -46.90
CA VAL A 348 9.95 -19.35 -46.73
C VAL A 348 10.60 -18.13 -47.38
N CYS A 349 11.83 -17.82 -46.98
CA CYS A 349 12.50 -16.62 -47.47
C CYS A 349 13.63 -16.89 -48.45
N GLY A 350 13.84 -18.16 -48.78
CA GLY A 350 15.05 -18.60 -49.50
C GLY A 350 15.16 -18.34 -51.00
N ASN A 351 15.45 -19.41 -51.73
CA ASN A 351 15.79 -19.34 -53.17
C ASN A 351 14.58 -19.44 -54.09
N MET B 4 -1.64 -40.14 -2.28
CA MET B 4 -2.90 -40.63 -2.90
C MET B 4 -2.91 -40.33 -4.39
N ASP B 5 -3.34 -39.10 -4.73
CA ASP B 5 -3.67 -38.70 -6.08
C ASP B 5 -2.58 -37.82 -6.71
N TYR B 6 -2.27 -38.06 -7.98
CA TYR B 6 -1.33 -37.23 -8.73
C TYR B 6 -1.93 -36.68 -10.02
N ILE B 7 -1.49 -35.49 -10.42
CA ILE B 7 -1.99 -34.84 -11.63
C ILE B 7 -0.86 -34.22 -12.49
N LEU B 8 -1.04 -34.25 -13.80
CA LEU B 8 -0.09 -33.63 -14.73
C LEU B 8 -0.21 -32.10 -14.73
N GLY B 9 0.93 -31.44 -14.53
CA GLY B 9 1.03 -29.99 -14.60
C GLY B 9 0.67 -29.51 -15.98
N ARG B 10 0.05 -28.34 -16.06
CA ARG B 10 -0.41 -27.74 -17.33
C ARG B 10 0.76 -27.13 -18.09
N TYR B 11 1.81 -26.84 -17.35
CA TYR B 11 3.02 -26.28 -17.88
C TYR B 11 3.91 -27.36 -18.54
N VAL B 12 3.52 -28.63 -18.49
CA VAL B 12 4.28 -29.63 -19.27
C VAL B 12 3.96 -29.55 -20.76
N LYS B 13 5.03 -29.63 -21.56
CA LYS B 13 4.98 -29.50 -22.99
C LYS B 13 5.81 -30.70 -23.44
N ILE B 14 5.55 -31.19 -24.63
CA ILE B 14 6.24 -32.38 -25.14
C ILE B 14 6.42 -32.27 -26.64
N ALA B 15 7.63 -32.53 -27.13
CA ALA B 15 7.88 -32.50 -28.58
C ALA B 15 8.79 -33.63 -29.06
N ARG B 16 8.53 -34.13 -30.26
CA ARG B 16 9.45 -35.00 -30.97
C ARG B 16 10.66 -34.19 -31.39
N TYR B 17 11.85 -34.64 -30.98
CA TYR B 17 13.08 -33.93 -31.24
C TYR B 17 14.23 -34.89 -31.45
N GLY B 18 14.84 -34.81 -32.63
CA GLY B 18 16.04 -35.55 -32.97
C GLY B 18 15.93 -37.06 -32.81
N SER B 19 16.62 -37.59 -31.81
CA SER B 19 16.64 -39.03 -31.54
C SER B 19 15.32 -39.51 -30.96
N GLY B 20 14.84 -38.82 -29.92
CA GLY B 20 13.60 -39.16 -29.25
C GLY B 20 12.71 -37.94 -29.13
N GLY B 21 12.83 -37.25 -28.01
CA GLY B 21 12.11 -36.00 -27.82
C GLY B 21 12.41 -35.24 -26.55
N LEU B 22 11.68 -34.14 -26.35
CA LEU B 22 11.83 -33.27 -25.20
C LEU B 22 10.64 -33.40 -24.27
N VAL B 23 10.91 -33.50 -22.97
CA VAL B 23 9.87 -33.47 -21.96
C VAL B 23 10.04 -32.22 -21.11
N GLY B 24 9.02 -31.38 -21.13
CA GLY B 24 9.02 -30.20 -20.30
C GLY B 24 9.28 -28.93 -21.09
N GLY B 25 9.02 -27.81 -20.45
CA GLY B 25 9.18 -26.49 -21.06
C GLY B 25 9.93 -25.61 -20.10
N GLY B 26 10.88 -24.84 -20.64
CA GLY B 26 11.65 -23.89 -19.85
C GLY B 26 12.89 -24.52 -19.24
N GLY B 27 13.18 -24.13 -18.01
CA GLY B 27 14.38 -24.61 -17.32
C GLY B 27 14.48 -26.10 -17.08
N LYS B 28 13.34 -26.81 -17.04
CA LYS B 28 13.35 -28.25 -16.80
C LYS B 28 13.27 -29.07 -18.08
N GLU B 29 13.15 -28.39 -19.21
CA GLU B 29 13.13 -29.02 -20.53
C GLU B 29 14.26 -30.03 -20.63
N GLN B 30 13.90 -31.28 -20.95
CA GLN B 30 14.87 -32.36 -20.99
C GLN B 30 14.83 -33.16 -22.26
N TYR B 31 15.99 -33.24 -22.90
CA TYR B 31 16.19 -34.12 -24.03
C TYR B 31 16.31 -35.57 -23.54
N VAL B 32 15.41 -36.41 -24.04
CA VAL B 32 15.46 -37.83 -23.79
C VAL B 32 15.82 -38.51 -25.12
N GLU B 33 17.05 -39.02 -25.20
CA GLU B 33 17.55 -39.66 -26.41
C GLU B 33 16.88 -41.00 -26.68
N ASN B 34 16.74 -41.83 -25.63
CA ASN B 34 16.09 -43.14 -25.78
C ASN B 34 14.60 -42.97 -26.09
N LEU B 35 14.26 -43.24 -27.36
CA LEU B 35 12.89 -43.06 -27.87
C LEU B 35 11.88 -43.95 -27.15
N VAL B 36 12.31 -45.17 -26.79
CA VAL B 36 11.48 -46.10 -26.02
C VAL B 36 11.14 -45.53 -24.64
N LEU B 37 12.14 -44.93 -24.00
CA LEU B 37 11.94 -44.30 -22.70
C LEU B 37 11.13 -43.01 -22.86
N TRP B 38 11.32 -42.32 -23.98
CA TRP B 38 10.57 -41.12 -24.27
C TRP B 38 9.08 -41.42 -24.43
N GLU B 39 8.77 -42.41 -25.25
CA GLU B 39 7.38 -42.87 -25.44
C GLU B 39 6.75 -43.38 -24.15
N ASN B 40 7.53 -44.08 -23.33
CA ASN B 40 7.05 -44.55 -22.03
C ASN B 40 6.73 -43.44 -21.05
N ILE B 41 7.48 -42.34 -21.15
CA ILE B 41 7.21 -41.14 -20.36
C ILE B 41 5.84 -40.56 -20.73
N ILE B 42 5.60 -40.39 -22.03
CA ILE B 42 4.32 -39.84 -22.50
C ILE B 42 3.13 -40.78 -22.22
N LYS B 43 3.35 -42.09 -22.28
CA LYS B 43 2.33 -43.08 -21.88
C LYS B 43 2.00 -42.97 -20.39
N THR B 44 3.01 -42.74 -19.57
CA THR B 44 2.82 -42.57 -18.12
C THR B 44 2.16 -41.22 -17.80
N ALA B 45 2.64 -40.15 -18.44
CA ALA B 45 2.06 -38.81 -18.26
C ALA B 45 0.57 -38.75 -18.62
N TYR B 46 0.21 -39.47 -19.69
CA TYR B 46 -1.14 -39.47 -20.25
C TYR B 46 -2.19 -40.00 -19.27
N CYS B 47 -1.76 -40.88 -18.36
CA CYS B 47 -2.62 -41.43 -17.31
C CYS B 47 -2.86 -40.46 -16.15
N PHE B 48 -2.21 -39.28 -16.20
CA PHE B 48 -2.29 -38.31 -15.11
C PHE B 48 -2.86 -36.96 -15.55
N ILE B 49 -3.22 -36.87 -16.83
CA ILE B 49 -3.87 -35.67 -17.36
C ILE B 49 -5.08 -35.36 -16.49
N THR B 50 -5.82 -36.41 -16.21
CA THR B 50 -6.88 -36.43 -15.24
C THR B 50 -6.30 -37.09 -13.98
N PRO B 51 -6.53 -36.49 -12.80
CA PRO B 51 -5.93 -37.00 -11.55
C PRO B 51 -6.09 -38.51 -11.32
N SER B 52 -5.00 -39.15 -10.92
CA SER B 52 -4.95 -40.59 -10.70
C SER B 52 -3.93 -40.98 -9.63
N SER B 53 -4.23 -42.05 -8.90
CA SER B 53 -3.28 -42.62 -7.94
C SER B 53 -2.24 -43.47 -8.65
N TYR B 54 -1.10 -43.68 -7.98
CA TYR B 54 -0.01 -44.50 -8.51
C TYR B 54 -0.48 -45.82 -9.11
N THR B 55 -1.14 -46.64 -8.30
CA THR B 55 -1.54 -47.98 -8.72
C THR B 55 -2.59 -47.99 -9.85
N ALA B 56 -3.56 -47.09 -9.77
CA ALA B 56 -4.58 -46.95 -10.82
C ALA B 56 -3.98 -46.63 -12.19
N ALA B 57 -2.99 -45.75 -12.22
CA ALA B 57 -2.31 -45.38 -13.47
C ALA B 57 -1.49 -46.54 -14.05
N LEU B 58 -0.92 -47.35 -13.17
CA LEU B 58 -0.19 -48.57 -13.56
C LEU B 58 -1.06 -49.55 -14.35
N GLU B 59 -2.29 -49.77 -13.86
CA GLU B 59 -3.24 -50.63 -14.56
C GLU B 59 -3.81 -49.97 -15.82
N THR B 60 -3.69 -48.65 -15.89
CA THR B 60 -4.13 -47.84 -17.04
C THR B 60 -3.09 -47.78 -18.14
N ALA B 61 -1.81 -47.75 -17.76
CA ALA B 61 -0.71 -47.71 -18.72
C ALA B 61 -0.41 -49.10 -19.31
N ASN B 62 -0.03 -49.11 -20.58
CA ASN B 62 0.33 -50.34 -21.28
C ASN B 62 1.84 -50.51 -21.30
N ILE B 63 2.46 -50.48 -20.12
CA ILE B 63 3.91 -50.60 -19.95
C ILE B 63 4.24 -51.38 -18.68
N PRO B 64 5.39 -52.10 -18.67
CA PRO B 64 5.78 -52.94 -17.53
C PRO B 64 6.06 -52.14 -16.26
N GLU B 65 5.75 -52.75 -15.11
CA GLU B 65 5.81 -52.13 -13.78
C GLU B 65 7.16 -51.47 -13.44
N LYS B 66 8.24 -52.02 -13.97
CA LYS B 66 9.59 -51.44 -13.80
C LYS B 66 9.77 -50.16 -14.63
N ASP B 67 9.22 -50.15 -15.84
CA ASP B 67 9.31 -48.98 -16.71
C ASP B 67 8.42 -47.84 -16.20
N PHE B 68 7.27 -48.22 -15.65
CA PHE B 68 6.31 -47.28 -15.08
C PHE B 68 6.83 -46.59 -13.83
N SER B 69 7.51 -47.35 -12.97
CA SER B 69 8.11 -46.81 -11.74
C SER B 69 9.18 -45.76 -12.08
N ASN B 70 10.01 -46.09 -13.06
CA ASN B 70 11.04 -45.20 -13.59
C ASN B 70 10.50 -43.90 -14.18
N CYS B 71 9.43 -44.01 -14.97
CA CYS B 71 8.81 -42.86 -15.62
C CYS B 71 8.02 -42.02 -14.65
N PHE B 72 7.38 -42.69 -13.68
CA PHE B 72 6.66 -42.01 -12.60
C PHE B 72 7.60 -41.17 -11.74
N ARG B 73 8.75 -41.73 -11.36
CA ARG B 73 9.73 -41.02 -10.56
C ARG B 73 10.32 -39.85 -11.35
N PHE B 74 10.62 -40.09 -12.61
CA PHE B 74 11.08 -39.04 -13.52
C PHE B 74 10.11 -37.85 -13.55
N LEU B 75 8.83 -38.15 -13.74
CA LEU B 75 7.84 -37.09 -13.79
C LEU B 75 7.70 -36.41 -12.43
N LYS B 76 7.72 -37.22 -11.37
CA LYS B 76 7.54 -36.73 -9.99
C LYS B 76 8.69 -35.85 -9.49
N GLU B 77 9.93 -36.26 -9.76
CA GLU B 77 11.13 -35.53 -9.33
C GLU B 77 11.27 -34.19 -10.05
N ASN B 78 10.86 -34.16 -11.32
CA ASN B 78 10.89 -32.95 -12.14
C ASN B 78 9.68 -32.07 -11.94
N PHE B 79 8.76 -32.50 -11.07
CA PHE B 79 7.50 -31.81 -10.79
C PHE B 79 6.61 -31.60 -12.03
N PHE B 80 6.76 -32.50 -13.00
CA PHE B 80 5.87 -32.60 -14.14
C PHE B 80 4.52 -33.24 -13.71
N ILE B 81 4.58 -34.18 -12.76
CA ILE B 81 3.39 -34.59 -12.03
C ILE B 81 3.49 -34.18 -10.57
N ILE B 82 2.39 -33.66 -10.04
CA ILE B 82 2.32 -33.16 -8.68
C ILE B 82 1.15 -33.79 -7.91
N PRO B 83 1.23 -33.81 -6.55
CA PRO B 83 0.08 -34.21 -5.74
C PRO B 83 -1.19 -33.51 -6.20
N GLY B 84 -2.30 -34.23 -6.19
CA GLY B 84 -3.54 -33.73 -6.76
C GLY B 84 -4.14 -32.54 -6.06
N GLU B 85 -3.93 -32.45 -4.74
CA GLU B 85 -4.46 -31.34 -3.93
C GLU B 85 -3.87 -29.99 -4.35
N TYR B 86 -2.68 -30.03 -4.95
CA TYR B 86 -1.97 -28.86 -5.44
C TYR B 86 -2.65 -28.21 -6.65
N ASN B 87 -3.62 -28.92 -7.21
CA ASN B 87 -4.31 -28.49 -8.43
C ASN B 87 -5.43 -27.48 -8.17
N ASN B 88 -6.12 -27.63 -7.04
CA ASN B 88 -7.14 -26.66 -6.60
C ASN B 88 -7.83 -25.90 -7.76
N ASN B 92 -9.27 -18.72 -12.24
CA ASN B 92 -10.44 -18.13 -11.58
C ASN B 92 -10.02 -17.27 -10.38
N ASN B 93 -9.20 -17.84 -9.50
CA ASN B 93 -8.59 -17.16 -8.36
C ASN B 93 -7.73 -15.97 -8.81
N ARG B 94 -7.66 -14.95 -7.97
CA ARG B 94 -6.82 -13.78 -8.18
C ARG B 94 -5.39 -14.15 -8.59
N TYR B 95 -4.77 -15.07 -7.84
CA TYR B 95 -3.38 -15.44 -8.04
C TYR B 95 -3.22 -16.75 -8.79
N SER B 96 -4.34 -17.26 -9.33
CA SER B 96 -4.39 -18.55 -10.00
C SER B 96 -3.33 -18.67 -11.10
N ARG B 97 -3.02 -17.54 -11.72
CA ARG B 97 -1.98 -17.48 -12.74
C ARG B 97 -0.61 -17.92 -12.21
N ASN B 98 -0.19 -17.33 -11.08
CA ASN B 98 1.09 -17.66 -10.42
C ASN B 98 1.18 -19.09 -9.85
N PHE B 99 0.02 -19.75 -9.75
CA PHE B 99 -0.05 -21.07 -9.15
C PHE B 99 0.71 -22.11 -9.96
N LEU B 100 0.68 -22.01 -11.30
CA LEU B 100 1.42 -22.95 -12.12
C LEU B 100 2.90 -22.76 -11.91
N HIS B 101 3.32 -21.50 -11.71
CA HIS B 101 4.72 -21.19 -11.44
C HIS B 101 5.19 -21.95 -10.19
N TYR B 102 4.52 -21.76 -9.06
CA TYR B 102 4.86 -22.47 -7.81
C TYR B 102 4.78 -23.99 -7.92
N GLN B 103 3.77 -24.51 -8.63
CA GLN B 103 3.64 -25.95 -8.86
C GLN B 103 4.84 -26.49 -9.60
N SER B 104 5.31 -25.75 -10.62
CA SER B 104 6.44 -26.17 -11.45
C SER B 104 7.73 -26.38 -10.67
N TYR B 105 7.79 -25.77 -9.48
CA TYR B 105 8.92 -25.93 -8.55
C TYR B 105 8.62 -26.87 -7.39
N GLY B 106 7.49 -27.58 -7.47
CA GLY B 106 7.14 -28.61 -6.48
C GLY B 106 6.65 -28.09 -5.15
N ALA B 107 6.07 -26.89 -5.18
CA ALA B 107 5.45 -26.30 -3.99
C ALA B 107 3.94 -26.38 -4.12
N ASN B 108 3.27 -26.38 -2.97
CA ASN B 108 1.84 -26.19 -2.89
C ASN B 108 1.55 -24.71 -3.00
N PRO B 109 0.90 -24.28 -4.10
CA PRO B 109 0.69 -22.85 -4.35
C PRO B 109 -0.02 -22.16 -3.21
N VAL B 110 -1.03 -22.81 -2.65
CA VAL B 110 -1.81 -22.28 -1.52
C VAL B 110 -0.91 -21.93 -0.34
N LEU B 111 0.07 -22.79 -0.06
CA LEU B 111 1.02 -22.55 1.04
C LEU B 111 2.02 -21.44 0.72
N VAL B 112 2.51 -21.38 -0.51
CA VAL B 112 3.32 -20.25 -0.96
C VAL B 112 2.50 -18.95 -0.86
N GLN B 113 1.26 -18.99 -1.35
CA GLN B 113 0.39 -17.82 -1.40
C GLN B 113 0.17 -17.25 -0.01
N ASP B 114 -0.03 -18.17 0.94
CA ASP B 114 -0.17 -17.83 2.33
C ASP B 114 1.06 -17.12 2.91
N LYS B 115 2.25 -17.65 2.65
CA LYS B 115 3.50 -17.04 3.07
C LYS B 115 3.65 -15.61 2.55
N LEU B 116 3.26 -15.39 1.30
CA LEU B 116 3.27 -14.06 0.71
C LEU B 116 2.27 -13.14 1.41
N LYS B 117 1.07 -13.67 1.68
CA LYS B 117 0.00 -12.94 2.35
C LYS B 117 0.44 -12.44 3.73
N ASN B 118 1.32 -13.20 4.39
CA ASN B 118 1.73 -12.88 5.75
C ASN B 118 3.05 -12.10 5.87
N ALA B 119 3.57 -11.61 4.74
CA ALA B 119 4.86 -10.94 4.68
C ALA B 119 4.79 -9.40 4.67
N LYS B 120 5.86 -8.77 5.13
CA LYS B 120 6.01 -7.30 5.10
C LYS B 120 7.23 -6.94 4.28
N VAL B 121 7.05 -6.11 3.25
CA VAL B 121 8.18 -5.66 2.45
C VAL B 121 8.36 -4.13 2.48
N VAL B 122 9.58 -3.69 2.78
CA VAL B 122 9.94 -2.28 2.72
C VAL B 122 10.51 -1.97 1.32
N ILE B 123 9.99 -0.92 0.69
CA ILE B 123 10.52 -0.45 -0.57
C ILE B 123 11.30 0.84 -0.29
N LEU B 124 12.62 0.73 -0.16
CA LEU B 124 13.49 1.87 0.13
C LEU B 124 13.98 2.52 -1.19
N GLY B 125 13.18 3.46 -1.69
CA GLY B 125 13.42 4.09 -2.98
C GLY B 125 12.23 3.79 -3.86
N CYS B 126 11.42 4.82 -4.14
CA CYS B 126 10.21 4.68 -4.96
C CYS B 126 10.31 5.32 -6.36
N GLY B 127 11.50 5.27 -6.96
CA GLY B 127 11.70 5.72 -8.34
C GLY B 127 11.39 4.61 -9.33
N GLY B 128 12.22 4.48 -10.36
CA GLY B 128 12.07 3.45 -11.38
C GLY B 128 12.00 2.03 -10.84
N ILE B 129 12.96 1.66 -10.00
CA ILE B 129 13.03 0.30 -9.47
C ILE B 129 11.88 0.04 -8.49
N GLY B 130 11.69 0.97 -7.55
CA GLY B 130 10.55 0.94 -6.63
C GLY B 130 9.20 0.78 -7.29
N ASN B 131 8.90 1.62 -8.28
CA ASN B 131 7.67 1.49 -9.05
C ASN B 131 7.41 0.03 -9.46
N HIS B 132 8.32 -0.50 -10.27
CA HIS B 132 8.20 -1.83 -10.84
C HIS B 132 8.22 -2.96 -9.80
N VAL B 133 9.14 -2.91 -8.83
CA VAL B 133 9.21 -3.94 -7.78
C VAL B 133 7.90 -4.00 -6.99
N SER B 134 7.41 -2.84 -6.56
CA SER B 134 6.23 -2.76 -5.71
C SER B 134 4.98 -3.29 -6.39
N VAL B 135 4.82 -3.04 -7.70
CA VAL B 135 3.63 -3.51 -8.39
C VAL B 135 3.61 -5.05 -8.63
N ILE B 136 4.77 -5.63 -8.93
CA ILE B 136 4.88 -7.09 -8.99
C ILE B 136 4.49 -7.71 -7.64
N LEU B 137 5.07 -7.18 -6.56
CA LEU B 137 4.82 -7.69 -5.23
C LEU B 137 3.36 -7.58 -4.82
N ALA B 138 2.76 -6.41 -5.08
CA ALA B 138 1.36 -6.15 -4.75
C ALA B 138 0.43 -7.12 -5.47
N THR B 139 0.62 -7.29 -6.78
CA THR B 139 -0.28 -8.14 -7.58
C THR B 139 0.04 -9.64 -7.45
N SER B 140 1.15 -9.96 -6.81
CA SER B 140 1.47 -11.35 -6.48
C SER B 140 0.93 -11.73 -5.10
N GLY B 141 0.62 -10.71 -4.29
CA GLY B 141 -0.08 -10.90 -3.04
C GLY B 141 0.74 -10.77 -1.77
N ILE B 142 1.84 -10.03 -1.85
CA ILE B 142 2.58 -9.69 -0.61
C ILE B 142 1.61 -8.88 0.24
N GLY B 143 1.39 -9.35 1.47
CA GLY B 143 0.38 -8.77 2.35
C GLY B 143 0.52 -7.30 2.74
N GLU B 144 1.71 -6.91 3.21
CA GLU B 144 1.99 -5.54 3.61
C GLU B 144 3.19 -4.98 2.84
N ILE B 145 3.00 -3.83 2.20
CA ILE B 145 4.09 -3.15 1.49
C ILE B 145 4.31 -1.75 2.07
N ILE B 146 5.52 -1.48 2.55
CA ILE B 146 5.89 -0.18 3.12
C ILE B 146 6.74 0.65 2.14
N LEU B 147 6.15 1.75 1.66
CA LEU B 147 6.76 2.60 0.64
C LEU B 147 7.48 3.79 1.28
N ILE B 148 8.73 4.01 0.88
CA ILE B 148 9.56 5.02 1.52
C ILE B 148 10.28 5.89 0.48
N ASP B 149 9.94 7.19 0.50
CA ASP B 149 10.52 8.18 -0.38
C ASP B 149 10.14 9.60 0.08
N ASN B 150 11.01 10.57 -0.16
CA ASN B 150 10.68 11.97 0.15
C ASN B 150 10.76 12.87 -1.08
N ASP B 151 10.52 12.28 -2.24
CA ASP B 151 10.57 13.00 -3.50
C ASP B 151 9.21 13.14 -4.18
N GLN B 152 9.08 14.21 -4.98
CA GLN B 152 7.86 14.47 -5.73
C GLN B 152 8.01 14.01 -7.17
N ILE B 153 6.88 13.66 -7.79
CA ILE B 153 6.84 13.22 -9.18
C ILE B 153 7.12 14.38 -10.12
N GLU B 154 7.94 14.11 -11.13
CA GLU B 154 8.21 15.03 -12.22
C GLU B 154 7.79 14.42 -13.56
N ASN B 155 7.75 15.24 -14.61
CA ASN B 155 7.40 14.78 -15.94
C ASN B 155 8.46 13.82 -16.49
N THR B 156 9.69 14.04 -16.06
CA THR B 156 10.85 13.25 -16.49
C THR B 156 10.87 11.83 -15.90
N ASN B 157 10.00 11.57 -14.93
CA ASN B 157 9.90 10.29 -14.25
C ASN B 157 9.18 9.27 -15.11
N LEU B 158 8.35 9.76 -16.03
CA LEU B 158 7.35 8.92 -16.68
C LEU B 158 7.92 7.93 -17.65
N THR B 159 9.20 8.07 -17.95
CA THR B 159 9.85 7.21 -18.92
C THR B 159 10.01 5.74 -18.43
N ARG B 160 9.99 5.55 -17.12
CA ARG B 160 10.24 4.24 -16.53
C ARG B 160 9.44 3.99 -15.25
N GLN B 161 8.96 5.06 -14.63
CA GLN B 161 8.19 4.98 -13.38
C GLN B 161 6.73 4.72 -13.75
N VAL B 162 6.45 3.44 -13.98
CA VAL B 162 5.27 2.98 -14.71
C VAL B 162 3.92 3.24 -14.03
N LEU B 163 3.91 3.48 -12.72
CA LEU B 163 2.66 3.71 -12.03
C LEU B 163 2.14 5.15 -12.21
N PHE B 164 2.98 6.01 -12.77
CA PHE B 164 2.76 7.46 -12.78
C PHE B 164 2.30 7.97 -14.14
N SER B 165 1.34 8.89 -14.11
CA SER B 165 0.81 9.57 -15.29
C SER B 165 1.20 11.05 -15.31
N GLU B 166 0.93 11.73 -16.43
CA GLU B 166 1.15 13.18 -16.57
C GLU B 166 0.41 14.00 -15.52
N ASP B 167 -0.83 13.61 -15.26
CA ASP B 167 -1.71 14.26 -14.28
C ASP B 167 -1.33 14.03 -12.80
N ASP B 168 -0.29 13.23 -12.57
CA ASP B 168 0.25 12.93 -11.24
C ASP B 168 1.48 13.79 -10.89
N VAL B 169 1.99 14.52 -11.87
CA VAL B 169 3.19 15.36 -11.71
C VAL B 169 2.97 16.38 -10.59
N GLY B 170 3.96 16.51 -9.70
CA GLY B 170 3.87 17.43 -8.57
C GLY B 170 3.37 16.80 -7.28
N LYS B 171 2.82 15.59 -7.40
CA LYS B 171 2.36 14.79 -6.26
C LYS B 171 3.50 13.96 -5.70
N ASN B 172 3.31 13.45 -4.47
CA ASN B 172 4.29 12.59 -3.84
C ASN B 172 4.26 11.19 -4.42
N LYS B 173 5.44 10.60 -4.56
CA LYS B 173 5.59 9.25 -5.13
C LYS B 173 4.89 8.18 -4.29
N THR B 174 5.26 8.09 -3.00
CA THR B 174 4.64 7.15 -2.09
C THR B 174 3.12 7.26 -2.22
N GLU B 175 2.62 8.50 -2.26
CA GLU B 175 1.19 8.79 -2.36
C GLU B 175 0.55 8.12 -3.58
N VAL B 176 1.14 8.34 -4.75
CA VAL B 176 0.57 7.85 -6.01
C VAL B 176 0.78 6.34 -6.20
N ILE B 177 1.96 5.83 -5.84
CA ILE B 177 2.19 4.40 -5.83
C ILE B 177 1.11 3.67 -5.00
N LYS B 178 0.88 4.11 -3.76
CA LYS B 178 -0.15 3.53 -2.91
C LYS B 178 -1.53 3.45 -3.59
N ARG B 179 -2.03 4.59 -4.07
CA ARG B 179 -3.31 4.63 -4.78
C ARG B 179 -3.37 3.60 -5.91
N GLU B 180 -2.33 3.60 -6.76
CA GLU B 180 -2.25 2.71 -7.93
C GLU B 180 -2.06 1.24 -7.58
N LEU B 181 -1.29 0.96 -6.53
CA LEU B 181 -1.22 -0.42 -6.01
C LEU B 181 -2.57 -0.93 -5.53
N LEU B 182 -3.29 -0.08 -4.80
CA LEU B 182 -4.58 -0.45 -4.24
C LEU B 182 -5.63 -0.69 -5.31
N LYS B 183 -5.53 0.02 -6.44
CA LYS B 183 -6.43 -0.19 -7.58
C LYS B 183 -6.26 -1.55 -8.21
N ARG B 184 -5.04 -2.09 -8.13
CA ARG B 184 -4.68 -3.34 -8.80
C ARG B 184 -4.83 -4.56 -7.92
N ASN B 185 -4.55 -4.41 -6.63
CA ASN B 185 -4.85 -5.45 -5.65
C ASN B 185 -5.37 -4.84 -4.34
N SER B 186 -6.70 -4.89 -4.17
CA SER B 186 -7.36 -4.33 -3.00
C SER B 186 -7.25 -5.24 -1.76
N GLU B 187 -6.75 -6.45 -1.95
CA GLU B 187 -6.61 -7.45 -0.88
C GLU B 187 -5.43 -7.17 0.05
N ILE B 188 -4.63 -6.17 -0.26
CA ILE B 188 -3.39 -5.95 0.51
C ILE B 188 -3.39 -4.62 1.24
N SER B 189 -2.42 -4.45 2.15
CA SER B 189 -2.25 -3.18 2.85
C SER B 189 -0.96 -2.48 2.41
N VAL B 190 -1.09 -1.20 2.06
CA VAL B 190 0.05 -0.39 1.64
C VAL B 190 0.29 0.76 2.62
N SER B 191 1.57 1.04 2.87
CA SER B 191 1.96 2.04 3.86
C SER B 191 3.00 2.97 3.25
N GLU B 192 2.92 4.24 3.62
CA GLU B 192 3.92 5.23 3.17
C GLU B 192 4.65 5.92 4.32
N ILE B 193 5.92 6.26 4.06
CA ILE B 193 6.76 7.04 4.97
C ILE B 193 7.49 8.12 4.16
N ALA B 194 7.41 9.36 4.63
CA ALA B 194 8.07 10.47 3.97
C ALA B 194 9.47 10.64 4.56
N LEU B 195 10.45 10.02 3.91
CA LEU B 195 11.82 9.94 4.45
C LEU B 195 12.89 9.95 3.37
N ASN B 196 13.97 10.69 3.61
CA ASN B 196 15.19 10.55 2.83
C ASN B 196 16.43 10.35 3.70
N ILE B 197 17.24 9.36 3.32
CA ILE B 197 18.40 8.97 4.10
C ILE B 197 19.55 9.95 3.89
N ASN B 198 19.60 10.97 4.74
CA ASN B 198 20.64 11.99 4.69
C ASN B 198 21.95 11.52 5.33
N ASP B 199 21.83 10.75 6.42
CA ASP B 199 22.97 10.18 7.10
C ASP B 199 22.71 8.72 7.49
N TYR B 200 23.78 7.98 7.77
CA TYR B 200 23.70 6.58 8.20
C TYR B 200 22.72 6.40 9.35
N THR B 201 22.57 7.45 10.15
CA THR B 201 21.74 7.41 11.35
C THR B 201 20.23 7.52 11.08
N ASP B 202 19.86 7.90 9.86
CA ASP B 202 18.45 7.96 9.45
C ASP B 202 17.81 6.58 9.20
N LEU B 203 18.66 5.56 9.04
CA LEU B 203 18.19 4.19 8.75
C LEU B 203 17.40 3.54 9.89
N HIS B 204 17.64 4.01 11.13
CA HIS B 204 16.88 3.55 12.30
C HIS B 204 15.39 3.88 12.18
N LYS B 205 15.06 4.88 11.36
CA LYS B 205 13.68 5.25 11.11
C LYS B 205 13.02 4.35 10.05
N VAL B 206 13.78 3.40 9.51
CA VAL B 206 13.20 2.42 8.59
C VAL B 206 12.68 1.21 9.38
N PRO B 207 11.38 0.87 9.21
CA PRO B 207 10.79 -0.23 9.97
C PRO B 207 11.27 -1.63 9.59
N GLU B 208 11.16 -2.53 10.57
CA GLU B 208 11.46 -3.94 10.45
C GLU B 208 10.55 -4.59 9.41
N ALA B 209 11.15 -5.30 8.45
CA ALA B 209 10.38 -6.07 7.47
C ALA B 209 10.95 -7.47 7.27
N ASP B 210 10.20 -8.32 6.56
CA ASP B 210 10.72 -9.61 6.05
C ASP B 210 11.94 -9.39 5.16
N ILE B 211 11.92 -8.29 4.40
CA ILE B 211 13.03 -7.88 3.53
C ILE B 211 12.94 -6.40 3.15
N TRP B 212 14.09 -5.75 2.97
CA TRP B 212 14.16 -4.41 2.40
C TRP B 212 14.54 -4.49 0.92
N VAL B 213 13.76 -3.85 0.06
CA VAL B 213 14.19 -3.61 -1.32
C VAL B 213 14.89 -2.26 -1.40
N VAL B 214 16.21 -2.30 -1.62
CA VAL B 214 17.00 -1.07 -1.63
C VAL B 214 17.38 -0.65 -3.04
N SER B 215 16.78 0.43 -3.50
CA SER B 215 17.06 0.96 -4.82
C SER B 215 17.35 2.46 -4.74
N ALA B 216 17.34 2.99 -3.52
CA ALA B 216 17.74 4.37 -3.28
C ALA B 216 19.22 4.53 -3.66
N ASP B 217 19.55 5.65 -4.29
CA ASP B 217 20.88 5.84 -4.88
C ASP B 217 21.46 7.23 -4.64
N HIS B 218 21.24 7.75 -3.43
CA HIS B 218 21.82 9.03 -3.01
C HIS B 218 22.06 9.02 -1.49
N PRO B 219 23.30 9.28 -1.04
CA PRO B 219 24.52 9.52 -1.82
C PRO B 219 25.16 8.25 -2.36
N PHE B 220 26.39 8.37 -2.86
CA PHE B 220 27.16 7.24 -3.39
C PHE B 220 27.29 6.11 -2.37
N ASN B 221 27.31 6.47 -1.09
CA ASN B 221 27.63 5.55 -0.01
C ASN B 221 26.38 5.07 0.73
N LEU B 222 25.22 5.22 0.10
CA LEU B 222 23.96 4.84 0.73
C LEU B 222 23.88 3.34 1.04
N ILE B 223 24.17 2.51 0.04
CA ILE B 223 24.12 1.07 0.17
C ILE B 223 25.19 0.53 1.12
N ASN B 224 26.32 1.22 1.23
CA ASN B 224 27.32 0.93 2.27
C ASN B 224 26.74 1.13 3.67
N TRP B 225 25.97 2.21 3.83
CA TRP B 225 25.25 2.52 5.07
C TRP B 225 24.21 1.45 5.35
N VAL B 226 23.40 1.17 4.33
CA VAL B 226 22.33 0.17 4.40
C VAL B 226 22.88 -1.22 4.77
N ASN B 227 24.01 -1.59 4.19
CA ASN B 227 24.66 -2.86 4.51
C ASN B 227 24.96 -2.98 5.99
N LYS B 228 25.78 -2.05 6.49
CA LYS B 228 26.16 -2.01 7.90
C LYS B 228 24.98 -2.00 8.87
N TYR B 229 23.94 -1.23 8.56
CA TYR B 229 22.75 -1.19 9.40
C TYR B 229 22.03 -2.55 9.44
N CYS B 230 21.86 -3.16 8.26
CA CYS B 230 21.11 -4.39 8.17
C CYS B 230 21.82 -5.58 8.83
N VAL B 231 23.15 -5.56 8.78
CA VAL B 231 23.94 -6.54 9.52
C VAL B 231 23.70 -6.33 11.01
N ARG B 232 23.61 -5.06 11.42
CA ARG B 232 23.38 -4.70 12.81
C ARG B 232 21.94 -4.97 13.25
N ALA B 233 20.97 -4.68 12.37
CA ALA B 233 19.56 -4.82 12.74
C ALA B 233 18.99 -6.25 12.51
N ASN B 234 19.86 -7.19 12.14
CA ASN B 234 19.45 -8.51 11.62
C ASN B 234 18.37 -8.43 10.55
N GLN B 235 18.61 -7.59 9.55
CA GLN B 235 17.59 -7.28 8.55
C GLN B 235 18.00 -7.73 7.14
N PRO B 236 17.24 -8.69 6.57
CA PRO B 236 17.39 -9.05 5.15
C PRO B 236 17.12 -7.87 4.20
N TYR B 237 17.98 -7.70 3.21
CA TYR B 237 17.75 -6.69 2.19
C TYR B 237 18.22 -7.22 0.83
N ILE B 238 17.76 -6.58 -0.23
CA ILE B 238 18.25 -6.88 -1.57
C ILE B 238 18.46 -5.53 -2.27
N ASN B 239 19.61 -5.37 -2.91
CA ASN B 239 19.91 -4.19 -3.74
C ASN B 239 19.56 -4.48 -5.18
N ALA B 240 19.19 -3.43 -5.91
CA ALA B 240 18.81 -3.53 -7.31
C ALA B 240 18.95 -2.15 -7.91
N GLY B 241 19.43 -2.10 -9.13
CA GLY B 241 19.51 -0.88 -9.88
C GLY B 241 20.23 -1.12 -11.17
N TYR B 242 21.17 -0.25 -11.47
CA TYR B 242 21.86 -0.30 -12.76
C TYR B 242 23.15 0.50 -12.65
N VAL B 243 24.09 0.17 -13.52
CA VAL B 243 25.24 1.03 -13.74
C VAL B 243 25.17 1.34 -15.23
N ASN B 244 24.58 2.50 -15.53
CA ASN B 244 24.23 2.87 -16.89
C ASN B 244 23.45 1.76 -17.61
N ASP B 245 23.98 1.23 -18.72
CA ASP B 245 23.33 0.16 -19.51
C ASP B 245 23.31 -1.25 -18.89
N ILE B 246 23.93 -1.46 -17.72
CA ILE B 246 23.94 -2.78 -17.10
C ILE B 246 22.96 -2.80 -15.95
N ALA B 247 21.94 -3.66 -16.09
CA ALA B 247 21.00 -4.01 -15.02
C ALA B 247 21.69 -4.77 -13.88
N VAL B 248 21.42 -4.35 -12.66
CA VAL B 248 22.05 -4.99 -11.49
C VAL B 248 21.02 -5.37 -10.45
N PHE B 249 21.10 -6.61 -9.97
CA PHE B 249 20.42 -6.99 -8.75
C PHE B 249 21.31 -7.90 -7.91
N GLY B 250 20.97 -7.97 -6.62
CA GLY B 250 21.84 -8.58 -5.65
C GLY B 250 22.79 -7.54 -5.10
N PRO B 251 23.42 -7.85 -3.95
CA PRO B 251 23.21 -9.12 -3.25
C PRO B 251 21.87 -9.20 -2.51
N LEU B 252 21.45 -10.40 -2.20
CA LEU B 252 20.43 -10.64 -1.22
C LEU B 252 21.19 -10.96 0.04
N TYR B 253 21.17 -10.02 0.99
CA TYR B 253 21.77 -10.25 2.29
C TYR B 253 20.79 -10.98 3.19
N VAL B 254 21.19 -12.15 3.66
CA VAL B 254 20.46 -12.91 4.68
C VAL B 254 21.37 -13.09 5.91
N PRO B 255 21.00 -12.46 7.04
CA PRO B 255 21.79 -12.57 8.28
C PRO B 255 22.20 -14.01 8.61
N GLY B 256 23.48 -14.22 8.86
CA GLY B 256 24.00 -15.53 9.23
C GLY B 256 24.06 -16.59 8.14
N LYS B 257 23.64 -16.23 6.92
CA LYS B 257 23.68 -17.18 5.79
C LYS B 257 24.57 -16.72 4.63
N THR B 258 24.60 -15.42 4.34
CA THR B 258 25.39 -14.92 3.22
C THR B 258 26.43 -13.90 3.66
N GLY B 259 27.35 -13.58 2.75
CA GLY B 259 28.25 -12.45 2.94
C GLY B 259 27.49 -11.15 2.75
N CYS B 260 28.03 -10.07 3.29
CA CYS B 260 27.39 -8.77 3.12
C CYS B 260 28.01 -8.03 1.92
N TYR B 261 27.45 -6.87 1.59
CA TYR B 261 27.94 -6.03 0.48
C TYR B 261 29.45 -5.69 0.51
N GLU B 262 30.07 -5.79 1.67
CA GLU B 262 31.48 -5.43 1.80
C GLU B 262 32.41 -6.63 2.09
N CYS B 263 31.88 -7.84 1.91
CA CYS B 263 32.63 -9.07 2.19
C CYS B 263 33.82 -9.33 1.27
N GLN B 264 33.53 -9.47 -0.03
CA GLN B 264 34.57 -9.76 -1.00
C GLN B 264 35.17 -8.50 -1.63
N LYS B 265 34.74 -7.33 -1.15
CA LYS B 265 35.19 -6.03 -1.69
C LYS B 265 35.37 -6.11 -3.21
N VAL B 266 34.27 -6.42 -3.90
CA VAL B 266 34.28 -6.67 -5.34
C VAL B 266 34.22 -5.35 -6.12
N LYS B 275 47.71 11.62 -2.60
CA LYS B 275 47.66 12.39 -3.83
C LYS B 275 46.53 13.43 -3.77
N GLU B 276 46.94 14.69 -3.57
CA GLU B 276 46.01 15.79 -3.30
C GLU B 276 45.29 16.26 -4.56
N ASN B 277 46.10 16.65 -5.55
CA ASN B 277 45.65 17.21 -6.83
C ASN B 277 44.58 16.39 -7.55
N ILE B 278 44.71 15.06 -7.52
CA ILE B 278 43.86 14.18 -8.30
C ILE B 278 42.48 13.99 -7.66
N ASP B 279 42.46 13.66 -6.37
CA ASP B 279 41.22 13.34 -5.65
C ASP B 279 40.20 14.48 -5.71
N HIS B 280 40.68 15.71 -5.62
CA HIS B 280 39.80 16.87 -5.77
C HIS B 280 39.06 16.85 -7.13
N LYS B 281 39.76 16.47 -8.20
CA LYS B 281 39.18 16.38 -9.54
C LYS B 281 38.25 15.17 -9.70
N ILE B 282 38.63 14.04 -9.09
CA ILE B 282 37.78 12.87 -9.03
C ILE B 282 36.44 13.21 -8.37
N LYS B 283 36.51 13.83 -7.20
CA LYS B 283 35.31 14.14 -6.42
C LYS B 283 34.40 15.13 -7.13
N LEU B 284 34.99 16.07 -7.87
CA LEU B 284 34.21 17.01 -8.67
C LEU B 284 33.51 16.36 -9.87
N ILE B 285 34.20 15.45 -10.55
CA ILE B 285 33.63 14.72 -11.68
C ILE B 285 32.51 13.80 -11.21
N ASN B 286 32.82 12.98 -10.21
CA ASN B 286 31.88 12.04 -9.62
C ASN B 286 30.59 12.65 -9.08
N SER B 287 30.70 13.88 -8.55
CA SER B 287 29.55 14.58 -7.98
C SER B 287 28.57 15.08 -9.07
N ARG B 288 29.10 15.29 -10.27
CA ARG B 288 28.28 15.65 -11.42
C ARG B 288 27.59 14.44 -12.06
N PHE B 289 27.88 13.24 -11.58
CA PHE B 289 27.35 12.01 -12.17
C PHE B 289 25.81 11.95 -12.24
N LYS B 290 25.32 11.47 -13.37
CA LYS B 290 23.91 11.17 -13.61
C LYS B 290 23.86 9.91 -14.47
N PRO B 291 23.14 8.88 -14.02
CA PRO B 291 23.09 7.62 -14.78
C PRO B 291 22.45 7.80 -16.15
N ALA B 292 22.92 7.04 -17.13
CA ALA B 292 22.25 6.99 -18.42
C ALA B 292 21.11 5.98 -18.32
N THR B 293 20.01 6.43 -17.70
CA THR B 293 18.84 5.59 -17.41
C THR B 293 18.12 5.20 -18.69
N PHE B 294 17.53 4.01 -18.66
CA PHE B 294 16.90 3.41 -19.83
C PHE B 294 15.86 2.41 -19.30
N ALA B 295 14.58 2.63 -19.59
CA ALA B 295 13.52 1.79 -19.04
C ALA B 295 13.78 0.27 -19.14
N PRO B 296 14.09 -0.25 -20.35
CA PRO B 296 14.40 -1.68 -20.41
C PRO B 296 15.39 -2.18 -19.35
N VAL B 297 16.41 -1.36 -19.05
CA VAL B 297 17.44 -1.73 -18.09
C VAL B 297 16.89 -1.65 -16.66
N ASN B 298 16.17 -0.59 -16.40
CA ASN B 298 15.41 -0.44 -15.18
C ASN B 298 14.58 -1.69 -14.93
N ASN B 299 13.81 -2.11 -15.94
CA ASN B 299 12.76 -3.13 -15.77
C ASN B 299 13.26 -4.55 -15.54
N VAL B 300 14.40 -4.88 -16.16
CA VAL B 300 15.05 -6.17 -15.97
C VAL B 300 15.55 -6.31 -14.53
N ALA B 301 16.27 -5.29 -14.05
CA ALA B 301 16.79 -5.26 -12.67
C ALA B 301 15.66 -5.42 -11.67
N ALA B 302 14.60 -4.63 -11.88
CA ALA B 302 13.45 -4.64 -11.00
C ALA B 302 12.71 -5.96 -11.05
N ALA B 303 12.63 -6.56 -12.23
CA ALA B 303 11.90 -7.83 -12.41
C ALA B 303 12.63 -8.97 -11.71
N LEU B 304 13.95 -8.99 -11.84
CA LEU B 304 14.73 -10.09 -11.29
C LEU B 304 14.91 -9.96 -9.80
N CYS B 305 14.97 -8.71 -9.34
CA CYS B 305 14.91 -8.41 -7.92
C CYS B 305 13.60 -8.88 -7.29
N ALA B 306 12.47 -8.54 -7.91
CA ALA B 306 11.14 -8.99 -7.45
C ALA B 306 11.00 -10.50 -7.45
N ALA B 307 11.60 -11.18 -8.42
CA ALA B 307 11.65 -12.65 -8.45
C ALA B 307 12.38 -13.19 -7.23
N ASP B 308 13.49 -12.57 -6.85
CA ASP B 308 14.24 -13.03 -5.69
C ASP B 308 13.51 -12.82 -4.35
N VAL B 309 12.71 -11.75 -4.28
CA VAL B 309 11.93 -11.43 -3.09
C VAL B 309 10.79 -12.45 -2.89
N ILE B 310 10.07 -12.72 -3.98
CA ILE B 310 8.99 -13.70 -3.98
C ILE B 310 9.52 -15.08 -3.58
N LYS B 311 10.67 -15.44 -4.14
CA LYS B 311 11.33 -16.71 -3.85
C LYS B 311 11.88 -16.79 -2.43
N PHE B 312 12.59 -15.75 -1.98
CA PHE B 312 13.08 -15.69 -0.59
C PHE B 312 11.93 -15.87 0.41
N ILE B 313 10.86 -15.09 0.24
CA ILE B 313 9.69 -15.19 1.12
C ILE B 313 8.84 -16.46 0.88
N GLY B 314 8.67 -16.86 -0.38
CA GLY B 314 7.84 -18.03 -0.74
C GLY B 314 8.50 -19.36 -0.47
N LYS B 315 9.84 -19.34 -0.37
CA LYS B 315 10.66 -20.48 0.05
C LYS B 315 10.71 -21.69 -0.90
N TYR B 316 10.17 -21.53 -2.11
CA TYR B 316 9.95 -22.63 -3.05
C TYR B 316 11.10 -22.84 -4.04
N SER B 317 11.97 -21.85 -4.15
CA SER B 317 13.16 -21.90 -4.99
C SER B 317 14.21 -20.99 -4.40
N GLU B 318 15.47 -21.23 -4.77
CA GLU B 318 16.58 -20.40 -4.30
C GLU B 318 16.65 -19.10 -5.10
N PRO B 319 16.61 -17.96 -4.39
CA PRO B 319 16.92 -16.70 -5.04
C PRO B 319 18.28 -16.76 -5.73
N LEU B 320 18.38 -16.14 -6.91
CA LEU B 320 19.61 -16.13 -7.69
C LEU B 320 20.75 -15.32 -7.07
N SER B 321 20.40 -14.29 -6.30
CA SER B 321 21.40 -13.32 -5.85
C SER B 321 21.90 -13.54 -4.41
N LEU B 322 21.61 -14.70 -3.83
CA LEU B 322 22.28 -15.07 -2.59
C LEU B 322 23.78 -15.11 -2.87
N ASN B 323 24.56 -14.40 -2.07
CA ASN B 323 26.02 -14.34 -2.21
C ASN B 323 26.52 -13.79 -3.56
N LYS B 324 25.67 -13.08 -4.30
CA LYS B 324 26.03 -12.62 -5.64
C LYS B 324 25.42 -11.29 -6.02
N ARG B 325 26.23 -10.45 -6.63
CA ARG B 325 25.79 -9.27 -7.33
C ARG B 325 25.77 -9.61 -8.82
N ILE B 326 24.60 -9.58 -9.44
CA ILE B 326 24.48 -10.03 -10.85
C ILE B 326 24.26 -8.85 -11.81
N GLY B 327 24.99 -8.83 -12.91
CA GLY B 327 24.83 -7.81 -13.95
C GLY B 327 24.37 -8.42 -15.26
N ILE B 328 23.33 -7.81 -15.85
CA ILE B 328 22.83 -8.19 -17.17
C ILE B 328 23.09 -7.05 -18.15
N TRP B 329 23.91 -7.31 -19.16
CA TRP B 329 24.22 -6.33 -20.18
C TRP B 329 23.02 -6.06 -21.10
N SER B 330 22.98 -4.86 -21.67
CA SER B 330 21.92 -4.50 -22.59
C SER B 330 22.40 -4.29 -24.02
N ASP B 331 23.69 -4.01 -24.19
CA ASP B 331 24.28 -3.82 -25.52
C ASP B 331 25.06 -5.05 -25.98
N GLU B 332 24.92 -6.12 -25.21
CA GLU B 332 25.65 -7.36 -25.45
C GLU B 332 24.82 -8.47 -24.84
N ILE B 333 24.95 -9.68 -25.37
CA ILE B 333 24.33 -10.84 -24.75
C ILE B 333 25.28 -11.35 -23.67
N LYS B 334 25.01 -10.96 -22.43
CA LYS B 334 25.94 -11.18 -21.33
C LYS B 334 25.27 -11.02 -19.97
N ILE B 335 25.49 -12.02 -19.12
CA ILE B 335 25.12 -11.95 -17.72
C ILE B 335 26.37 -12.34 -16.97
N HIS B 336 26.71 -11.57 -15.94
CA HIS B 336 27.90 -11.88 -15.14
C HIS B 336 27.63 -11.73 -13.65
N SER B 337 28.24 -12.60 -12.88
CA SER B 337 28.00 -12.65 -11.44
C SER B 337 29.29 -12.35 -10.68
N GLN B 338 29.21 -11.48 -9.65
CA GLN B 338 30.33 -11.27 -8.71
C GLN B 338 30.04 -11.94 -7.37
N ASN B 339 30.94 -12.84 -6.98
CA ASN B 339 30.85 -13.54 -5.70
C ASN B 339 30.90 -12.57 -4.51
N MET B 340 29.84 -12.62 -3.70
CA MET B 340 29.75 -11.86 -2.45
C MET B 340 29.61 -12.82 -1.27
N GLY B 341 30.33 -13.94 -1.30
CA GLY B 341 30.32 -14.92 -0.19
C GLY B 341 30.88 -14.39 1.13
N ARG B 342 30.68 -15.16 2.21
CA ARG B 342 31.08 -14.76 3.57
C ARG B 342 32.58 -14.55 3.76
N SER B 343 32.95 -13.41 4.32
CA SER B 343 34.34 -13.10 4.60
C SER B 343 34.58 -13.00 6.12
N PRO B 344 35.45 -13.88 6.67
CA PRO B 344 35.77 -13.82 8.11
C PRO B 344 36.51 -12.54 8.51
N VAL B 345 37.34 -12.02 7.60
CA VAL B 345 38.12 -10.82 7.89
C VAL B 345 37.48 -9.56 7.22
N CYS B 346 36.16 -9.62 7.06
CA CYS B 346 35.35 -8.49 6.60
C CYS B 346 35.28 -7.37 7.64
N SER B 347 35.08 -6.13 7.16
CA SER B 347 35.12 -4.95 8.03
C SER B 347 33.80 -4.62 8.70
N VAL B 348 32.72 -5.20 8.18
CA VAL B 348 31.38 -4.96 8.70
C VAL B 348 30.88 -6.13 9.56
N CYS B 349 31.01 -7.35 9.04
CA CYS B 349 30.62 -8.57 9.77
C CYS B 349 31.74 -9.63 9.82
N GLY B 350 31.34 -10.90 9.85
CA GLY B 350 32.30 -12.01 9.72
C GLY B 350 33.04 -12.33 11.00
N MET C 4 -18.78 -33.33 21.45
CA MET C 4 -18.52 -31.88 21.65
C MET C 4 -19.28 -31.10 20.58
N ASP C 5 -20.21 -30.26 21.02
CA ASP C 5 -21.06 -29.48 20.14
C ASP C 5 -20.36 -28.25 19.56
N TYR C 6 -20.76 -27.91 18.35
CA TYR C 6 -20.39 -26.65 17.72
C TYR C 6 -21.67 -25.89 17.37
N ILE C 7 -21.54 -24.58 17.17
CA ILE C 7 -22.70 -23.76 16.85
C ILE C 7 -22.30 -22.65 15.89
N LEU C 8 -23.20 -22.36 14.95
CA LEU C 8 -23.05 -21.22 14.07
C LEU C 8 -23.13 -19.92 14.89
N GLY C 9 -22.09 -19.09 14.82
CA GLY C 9 -22.11 -17.77 15.47
C GLY C 9 -23.15 -16.84 14.86
N ARG C 10 -23.88 -16.10 15.70
CA ARG C 10 -24.94 -15.20 15.23
C ARG C 10 -24.42 -14.01 14.40
N TYR C 11 -23.12 -13.75 14.44
CA TYR C 11 -22.50 -12.64 13.70
C TYR C 11 -22.08 -13.03 12.27
N VAL C 12 -22.36 -14.26 11.84
CA VAL C 12 -22.08 -14.61 10.44
C VAL C 12 -23.25 -14.30 9.51
N LYS C 13 -22.96 -13.58 8.44
CA LYS C 13 -23.93 -13.36 7.37
C LYS C 13 -23.43 -13.89 6.03
N ILE C 14 -24.33 -14.00 5.07
CA ILE C 14 -24.06 -14.67 3.82
C ILE C 14 -24.74 -13.89 2.70
N ALA C 15 -24.07 -13.75 1.57
CA ALA C 15 -24.65 -13.06 0.42
C ALA C 15 -24.19 -13.69 -0.88
N ARG C 16 -25.11 -13.86 -1.82
CA ARG C 16 -24.73 -14.19 -3.19
C ARG C 16 -23.94 -13.01 -3.73
N TYR C 17 -22.83 -13.31 -4.40
CA TYR C 17 -21.92 -12.27 -4.90
C TYR C 17 -21.01 -12.82 -5.99
N GLY C 18 -20.86 -12.05 -7.07
CA GLY C 18 -20.08 -12.49 -8.21
C GLY C 18 -20.48 -13.88 -8.65
N SER C 19 -19.50 -14.77 -8.78
CA SER C 19 -19.75 -16.16 -9.19
C SER C 19 -20.27 -17.00 -8.02
N GLY C 20 -19.67 -16.82 -6.85
CA GLY C 20 -20.10 -17.54 -5.65
C GLY C 20 -20.82 -16.66 -4.64
N GLY C 21 -20.14 -16.32 -3.56
CA GLY C 21 -20.73 -15.44 -2.57
C GLY C 21 -19.83 -15.17 -1.39
N LEU C 22 -20.32 -14.35 -0.47
CA LEU C 22 -19.56 -13.95 0.71
C LEU C 22 -20.02 -14.72 1.93
N VAL C 23 -19.06 -15.17 2.73
CA VAL C 23 -19.36 -15.77 4.02
C VAL C 23 -18.72 -14.90 5.11
N GLY C 24 -19.56 -14.37 5.99
CA GLY C 24 -19.07 -13.56 7.10
C GLY C 24 -19.17 -12.08 6.79
N GLY C 25 -19.02 -11.26 7.83
CA GLY C 25 -19.04 -9.81 7.69
C GLY C 25 -17.98 -9.17 8.56
N GLY C 26 -17.45 -8.05 8.11
CA GLY C 26 -16.35 -7.38 8.81
C GLY C 26 -15.01 -7.88 8.31
N GLY C 27 -13.99 -7.73 9.14
CA GLY C 27 -12.63 -8.12 8.76
C GLY C 27 -12.52 -9.54 8.24
N LYS C 28 -13.36 -10.44 8.76
CA LYS C 28 -13.29 -11.87 8.48
C LYS C 28 -14.02 -12.28 7.20
N GLU C 29 -14.70 -11.32 6.57
CA GLU C 29 -15.47 -11.59 5.37
C GLU C 29 -14.66 -12.31 4.29
N GLN C 30 -15.17 -13.47 3.89
CA GLN C 30 -14.55 -14.33 2.88
C GLN C 30 -15.38 -14.35 1.58
N TYR C 31 -14.70 -14.12 0.45
CA TYR C 31 -15.33 -14.35 -0.85
C TYR C 31 -14.92 -15.73 -1.33
N VAL C 32 -15.91 -16.59 -1.55
CA VAL C 32 -15.66 -17.91 -2.13
C VAL C 32 -16.24 -17.93 -3.54
N GLU C 33 -15.33 -17.96 -4.51
CA GLU C 33 -15.63 -17.81 -5.95
C GLU C 33 -16.30 -19.05 -6.57
N ASN C 34 -15.95 -20.24 -6.06
CA ASN C 34 -16.60 -21.47 -6.50
C ASN C 34 -18.02 -21.55 -5.95
N LEU C 35 -18.98 -21.48 -6.86
CA LEU C 35 -20.41 -21.47 -6.55
C LEU C 35 -20.85 -22.70 -5.75
N VAL C 36 -20.47 -23.89 -6.23
CA VAL C 36 -20.81 -25.15 -5.58
C VAL C 36 -20.19 -25.28 -4.19
N LEU C 37 -18.99 -24.75 -3.99
CA LEU C 37 -18.34 -24.78 -2.69
C LEU C 37 -19.03 -23.85 -1.68
N TRP C 38 -19.34 -22.62 -2.13
CA TRP C 38 -20.14 -21.67 -1.38
C TRP C 38 -21.52 -22.26 -1.00
N GLU C 39 -22.16 -22.98 -1.93
CA GLU C 39 -23.44 -23.65 -1.65
C GLU C 39 -23.28 -24.66 -0.53
N ASN C 40 -22.22 -25.47 -0.61
CA ASN C 40 -21.91 -26.47 0.42
C ASN C 40 -21.54 -25.87 1.78
N ILE C 41 -20.86 -24.73 1.77
CA ILE C 41 -20.53 -24.05 3.01
C ILE C 41 -21.82 -23.65 3.73
N ILE C 42 -22.81 -23.15 3.00
CA ILE C 42 -24.04 -22.70 3.64
C ILE C 42 -24.89 -23.87 4.16
N LYS C 43 -24.98 -24.94 3.37
CA LYS C 43 -25.62 -26.19 3.77
C LYS C 43 -25.00 -26.76 5.04
N THR C 44 -23.67 -26.64 5.15
CA THR C 44 -22.94 -27.15 6.30
C THR C 44 -23.23 -26.26 7.50
N ALA C 45 -23.22 -24.95 7.27
CA ALA C 45 -23.48 -23.95 8.31
C ALA C 45 -24.88 -24.09 8.86
N TYR C 46 -25.85 -24.28 7.96
CA TYR C 46 -27.23 -24.52 8.34
C TYR C 46 -27.34 -25.63 9.37
N CYS C 47 -26.53 -26.69 9.23
CA CYS C 47 -26.53 -27.83 10.15
C CYS C 47 -26.06 -27.49 11.58
N PHE C 48 -25.43 -26.32 11.73
CA PHE C 48 -24.91 -25.90 13.02
C PHE C 48 -25.67 -24.75 13.64
N ILE C 49 -26.89 -24.49 13.16
CA ILE C 49 -27.71 -23.44 13.76
C ILE C 49 -28.01 -23.78 15.21
N THR C 50 -28.41 -25.04 15.45
CA THR C 50 -28.53 -25.59 16.78
C THR C 50 -27.18 -26.20 17.14
N PRO C 51 -26.82 -26.21 18.45
CA PRO C 51 -25.51 -26.73 18.87
C PRO C 51 -25.41 -28.26 18.71
N SER C 52 -24.52 -28.67 17.81
CA SER C 52 -24.45 -30.06 17.38
C SER C 52 -23.02 -30.49 17.23
N SER C 53 -22.74 -31.74 17.58
CA SER C 53 -21.44 -32.33 17.29
C SER C 53 -21.27 -32.52 15.77
N TYR C 54 -20.03 -32.65 15.32
CA TYR C 54 -19.73 -32.86 13.91
C TYR C 54 -20.56 -34.00 13.24
N THR C 55 -20.76 -35.10 13.96
CA THR C 55 -21.49 -36.26 13.43
C THR C 55 -23.03 -36.12 13.51
N ALA C 56 -23.52 -35.51 14.59
CA ALA C 56 -24.94 -35.20 14.73
C ALA C 56 -25.39 -34.21 13.63
N ALA C 57 -24.60 -33.15 13.44
CA ALA C 57 -24.83 -32.20 12.34
C ALA C 57 -24.72 -32.88 10.96
N LEU C 58 -23.65 -33.68 10.78
CA LEU C 58 -23.44 -34.45 9.55
C LEU C 58 -24.61 -35.36 9.20
N GLU C 59 -25.21 -35.99 10.21
CA GLU C 59 -26.35 -36.90 10.04
C GLU C 59 -27.56 -36.18 9.44
N THR C 60 -27.53 -34.85 9.51
CA THR C 60 -28.61 -33.99 9.06
C THR C 60 -28.30 -33.38 7.67
N ALA C 61 -27.07 -33.61 7.18
CA ALA C 61 -26.56 -32.99 5.96
C ALA C 61 -26.76 -33.85 4.72
N ASN C 62 -27.09 -33.21 3.61
CA ASN C 62 -27.34 -33.95 2.36
C ASN C 62 -26.21 -33.81 1.34
N ILE C 63 -25.01 -33.58 1.84
CA ILE C 63 -23.81 -33.53 1.00
C ILE C 63 -22.83 -34.65 1.39
N PRO C 64 -21.89 -34.99 0.48
CA PRO C 64 -20.83 -35.96 0.78
C PRO C 64 -19.98 -35.58 2.01
N GLU C 65 -19.53 -36.60 2.72
CA GLU C 65 -18.80 -36.48 3.98
C GLU C 65 -17.48 -35.74 3.88
N LYS C 66 -16.80 -35.90 2.74
CA LYS C 66 -15.54 -35.19 2.48
C LYS C 66 -15.79 -33.70 2.25
N ASP C 67 -16.92 -33.39 1.63
CA ASP C 67 -17.31 -32.01 1.37
C ASP C 67 -17.72 -31.32 2.67
N PHE C 68 -18.47 -32.03 3.50
CA PHE C 68 -18.85 -31.57 4.84
C PHE C 68 -17.60 -31.23 5.64
N SER C 69 -16.57 -32.07 5.54
CA SER C 69 -15.28 -31.85 6.20
C SER C 69 -14.58 -30.56 5.78
N ASN C 70 -14.38 -30.38 4.48
CA ASN C 70 -13.79 -29.13 3.96
C ASN C 70 -14.52 -27.90 4.48
N CYS C 71 -15.85 -27.92 4.35
CA CYS C 71 -16.70 -26.81 4.80
C CYS C 71 -16.71 -26.63 6.32
N PHE C 72 -16.73 -27.74 7.06
CA PHE C 72 -16.64 -27.70 8.52
C PHE C 72 -15.34 -27.07 8.96
N ARG C 73 -14.23 -27.53 8.37
CA ARG C 73 -12.90 -26.98 8.65
C ARG C 73 -12.82 -25.49 8.30
N PHE C 74 -13.33 -25.13 7.12
CA PHE C 74 -13.39 -23.73 6.67
C PHE C 74 -14.14 -22.85 7.67
N LEU C 75 -15.30 -23.30 8.13
CA LEU C 75 -16.11 -22.52 9.06
C LEU C 75 -15.41 -22.40 10.41
N LYS C 76 -14.82 -23.51 10.86
CA LYS C 76 -14.20 -23.60 12.17
C LYS C 76 -12.96 -22.72 12.28
N GLU C 77 -12.16 -22.72 11.21
CA GLU C 77 -10.96 -21.88 11.11
C GLU C 77 -11.26 -20.38 11.10
N ASN C 78 -12.36 -19.98 10.47
CA ASN C 78 -12.72 -18.57 10.38
C ASN C 78 -13.52 -18.11 11.61
N PHE C 79 -13.80 -19.06 12.50
CA PHE C 79 -14.61 -18.86 13.71
C PHE C 79 -16.06 -18.48 13.39
N PHE C 80 -16.54 -19.05 12.28
CA PHE C 80 -17.96 -18.94 11.91
C PHE C 80 -18.78 -19.98 12.70
N ILE C 81 -18.19 -21.14 12.97
CA ILE C 81 -18.73 -22.05 13.98
C ILE C 81 -17.77 -22.12 15.17
N ILE C 82 -18.34 -22.20 16.36
CA ILE C 82 -17.55 -22.21 17.60
C ILE C 82 -18.01 -23.32 18.54
N PRO C 83 -17.14 -23.72 19.50
CA PRO C 83 -17.58 -24.63 20.55
C PRO C 83 -18.85 -24.07 21.16
N GLY C 84 -19.85 -24.91 21.32
CA GLY C 84 -21.19 -24.49 21.75
C GLY C 84 -21.18 -23.92 23.15
N GLU C 85 -20.31 -24.48 24.00
CA GLU C 85 -20.00 -23.91 25.31
C GLU C 85 -19.78 -22.39 25.28
N TYR C 86 -19.03 -21.91 24.29
CA TYR C 86 -18.74 -20.47 24.13
C TYR C 86 -20.01 -19.61 24.02
N ASN C 87 -21.17 -20.25 23.86
CA ASN C 87 -22.41 -19.52 23.67
C ASN C 87 -23.41 -19.67 24.82
N ASN C 88 -22.96 -20.30 25.91
CA ASN C 88 -23.86 -20.64 27.01
C ASN C 88 -24.29 -19.51 27.92
N SER C 89 -23.57 -18.38 27.89
CA SER C 89 -23.86 -17.29 28.81
C SER C 89 -25.25 -16.68 28.57
N THR C 90 -25.95 -16.40 29.67
CA THR C 90 -27.29 -15.76 29.68
C THR C 90 -27.47 -14.68 28.61
N GLU C 91 -28.72 -14.46 28.20
CA GLU C 91 -29.04 -13.40 27.25
C GLU C 91 -28.94 -12.05 27.96
N ASN C 92 -29.34 -12.04 29.23
CA ASN C 92 -29.31 -10.83 30.07
C ASN C 92 -27.98 -10.61 30.78
N ASN C 93 -26.94 -11.36 30.38
CA ASN C 93 -25.56 -11.00 30.72
C ASN C 93 -25.31 -9.66 30.07
N ARG C 94 -24.95 -8.66 30.88
CA ARG C 94 -24.71 -7.30 30.39
C ARG C 94 -23.62 -7.23 29.30
N TYR C 95 -22.69 -8.18 29.33
CA TYR C 95 -21.58 -8.21 28.37
C TYR C 95 -21.84 -9.07 27.14
N SER C 96 -23.09 -9.46 26.94
CA SER C 96 -23.53 -10.28 25.80
C SER C 96 -23.10 -9.76 24.41
N ARG C 97 -23.26 -8.46 24.16
CA ARG C 97 -22.88 -7.85 22.87
C ARG C 97 -21.39 -7.94 22.61
N ASN C 98 -20.59 -7.73 23.66
CA ASN C 98 -19.15 -7.94 23.64
C ASN C 98 -18.77 -9.41 23.43
N PHE C 99 -19.59 -10.32 23.97
CA PHE C 99 -19.34 -11.75 23.81
C PHE C 99 -19.25 -12.19 22.33
N LEU C 100 -20.11 -11.63 21.48
CA LEU C 100 -20.10 -11.94 20.04
C LEU C 100 -18.82 -11.47 19.36
N HIS C 101 -18.39 -10.26 19.72
CA HIS C 101 -17.11 -9.72 19.30
C HIS C 101 -15.99 -10.71 19.61
N TYR C 102 -15.87 -11.12 20.87
CA TYR C 102 -14.80 -12.04 21.29
C TYR C 102 -14.85 -13.40 20.60
N GLN C 103 -16.06 -13.97 20.50
CA GLN C 103 -16.31 -15.22 19.76
C GLN C 103 -15.79 -15.16 18.33
N SER C 104 -16.02 -14.03 17.65
CA SER C 104 -15.63 -13.87 16.23
C SER C 104 -14.12 -13.93 15.99
N TYR C 105 -13.35 -13.72 17.05
CA TYR C 105 -11.88 -13.80 17.00
C TYR C 105 -11.36 -15.13 17.51
N GLY C 106 -12.28 -16.08 17.74
CA GLY C 106 -11.94 -17.42 18.18
C GLY C 106 -11.72 -17.61 19.67
N ALA C 107 -12.16 -16.63 20.46
CA ALA C 107 -11.94 -16.69 21.91
C ALA C 107 -13.13 -17.26 22.68
N ASN C 108 -12.84 -17.88 23.81
CA ASN C 108 -13.84 -18.20 24.82
C ASN C 108 -14.18 -16.92 25.56
N PRO C 109 -15.39 -16.37 25.31
CA PRO C 109 -15.79 -15.06 25.83
C PRO C 109 -15.77 -14.97 27.36
N VAL C 110 -16.00 -16.11 28.02
CA VAL C 110 -16.03 -16.18 29.48
C VAL C 110 -14.62 -15.96 30.05
N LEU C 111 -13.61 -16.54 29.41
CA LEU C 111 -12.22 -16.33 29.84
C LEU C 111 -11.69 -14.91 29.58
N VAL C 112 -12.09 -14.31 28.46
CA VAL C 112 -11.75 -12.92 28.17
C VAL C 112 -12.38 -12.00 29.22
N GLN C 113 -13.66 -12.21 29.49
CA GLN C 113 -14.37 -11.41 30.49
C GLN C 113 -13.74 -11.44 31.88
N ASP C 114 -13.26 -12.60 32.31
CA ASP C 114 -12.65 -12.74 33.62
C ASP C 114 -11.27 -12.04 33.64
N LYS C 115 -10.56 -12.12 32.52
CA LYS C 115 -9.32 -11.34 32.34
C LYS C 115 -9.60 -9.88 32.54
N LEU C 116 -10.72 -9.40 31.98
CA LEU C 116 -11.15 -8.00 32.15
C LEU C 116 -11.49 -7.70 33.61
N LYS C 117 -12.28 -8.57 34.23
CA LYS C 117 -12.71 -8.44 35.61
C LYS C 117 -11.51 -8.35 36.59
N ASN C 118 -10.43 -9.04 36.26
CA ASN C 118 -9.25 -9.11 37.13
C ASN C 118 -8.21 -8.01 36.86
N ALA C 119 -8.46 -7.17 35.87
CA ALA C 119 -7.51 -6.13 35.50
C ALA C 119 -7.73 -4.80 36.24
N LYS C 120 -6.62 -4.12 36.51
CA LYS C 120 -6.60 -2.77 37.05
C LYS C 120 -6.02 -1.85 35.98
N VAL C 121 -6.71 -0.73 35.71
CA VAL C 121 -6.26 0.25 34.72
C VAL C 121 -6.12 1.64 35.34
N VAL C 122 -4.94 2.23 35.14
CA VAL C 122 -4.70 3.63 35.48
C VAL C 122 -5.09 4.55 34.30
N ILE C 123 -5.95 5.51 34.61
CA ILE C 123 -6.32 6.56 33.68
C ILE C 123 -5.56 7.85 34.10
N LEU C 124 -4.40 8.06 33.49
CA LEU C 124 -3.59 9.23 33.77
C LEU C 124 -3.94 10.36 32.79
N GLY C 125 -4.81 11.26 33.23
CA GLY C 125 -5.45 12.25 32.36
C GLY C 125 -6.95 11.98 32.29
N CYS C 126 -7.76 12.92 32.74
CA CYS C 126 -9.22 12.75 32.79
C CYS C 126 -9.95 13.86 32.01
N GLY C 127 -9.30 14.33 30.95
CA GLY C 127 -9.96 15.21 30.00
C GLY C 127 -10.84 14.43 29.05
N GLY C 128 -10.81 14.81 27.78
CA GLY C 128 -11.68 14.24 26.76
C GLY C 128 -11.38 12.79 26.47
N ILE C 129 -10.09 12.45 26.41
CA ILE C 129 -9.65 11.08 26.13
C ILE C 129 -9.94 10.18 27.33
N GLY C 130 -9.50 10.61 28.52
CA GLY C 130 -9.81 9.93 29.78
C GLY C 130 -11.28 9.65 29.97
N ASN C 131 -12.12 10.64 29.67
CA ASN C 131 -13.58 10.47 29.73
C ASN C 131 -14.07 9.26 28.93
N HIS C 132 -13.75 9.28 27.63
CA HIS C 132 -14.23 8.27 26.69
C HIS C 132 -13.66 6.88 26.93
N VAL C 133 -12.34 6.79 27.13
CA VAL C 133 -11.71 5.52 27.44
C VAL C 133 -12.30 4.90 28.72
N SER C 134 -12.36 5.68 29.80
CA SER C 134 -12.80 5.11 31.08
C SER C 134 -14.23 4.54 31.04
N VAL C 135 -15.17 5.23 30.37
CA VAL C 135 -16.51 4.70 30.18
C VAL C 135 -16.59 3.42 29.35
N ILE C 136 -15.77 3.33 28.30
CA ILE C 136 -15.72 2.10 27.49
C ILE C 136 -15.18 0.95 28.35
N LEU C 137 -14.13 1.25 29.11
CA LEU C 137 -13.53 0.25 29.98
C LEU C 137 -14.47 -0.23 31.09
N ALA C 138 -15.10 0.70 31.81
CA ALA C 138 -16.07 0.34 32.86
C ALA C 138 -17.20 -0.55 32.32
N THR C 139 -17.83 -0.10 31.24
CA THR C 139 -18.98 -0.79 30.66
C THR C 139 -18.63 -2.08 29.94
N SER C 140 -17.34 -2.27 29.62
CA SER C 140 -16.84 -3.58 29.20
C SER C 140 -16.41 -4.45 30.37
N GLY C 141 -16.43 -3.88 31.57
CA GLY C 141 -16.25 -4.67 32.79
C GLY C 141 -14.82 -4.82 33.28
N ILE C 142 -13.95 -3.86 32.98
CA ILE C 142 -12.64 -3.76 33.64
C ILE C 142 -12.93 -3.57 35.13
N GLY C 143 -12.33 -4.41 35.97
CA GLY C 143 -12.72 -4.48 37.39
C GLY C 143 -12.25 -3.34 38.28
N GLU C 144 -11.13 -2.74 37.91
CA GLU C 144 -10.57 -1.63 38.67
C GLU C 144 -10.04 -0.52 37.75
N ILE C 145 -10.48 0.70 38.07
CA ILE C 145 -10.13 1.90 37.33
C ILE C 145 -9.70 2.99 38.32
N ILE C 146 -8.47 3.46 38.17
CA ILE C 146 -7.91 4.50 39.00
C ILE C 146 -7.84 5.77 38.17
N LEU C 147 -8.55 6.80 38.63
CA LEU C 147 -8.61 8.09 37.94
C LEU C 147 -7.62 9.09 38.54
N ILE C 148 -6.76 9.66 37.70
CA ILE C 148 -5.72 10.57 38.14
C ILE C 148 -5.72 11.89 37.35
N ASP C 149 -5.93 12.99 38.08
CA ASP C 149 -6.05 14.32 37.51
C ASP C 149 -6.04 15.32 38.68
N ASN C 150 -5.71 16.58 38.41
CA ASN C 150 -5.84 17.63 39.42
C ASN C 150 -6.69 18.83 38.96
N ASP C 151 -7.26 18.72 37.77
CA ASP C 151 -8.04 19.81 37.22
C ASP C 151 -9.52 19.73 37.59
N GLN C 152 -10.19 20.87 37.49
CA GLN C 152 -11.63 20.98 37.72
C GLN C 152 -12.31 21.18 36.37
N ILE C 153 -13.60 20.92 36.33
CA ILE C 153 -14.40 21.03 35.12
C ILE C 153 -14.72 22.49 34.77
N GLU C 154 -14.56 22.84 33.49
CA GLU C 154 -14.92 24.15 32.97
C GLU C 154 -15.95 23.95 31.85
N ASN C 155 -16.75 24.98 31.57
CA ASN C 155 -17.82 24.89 30.56
C ASN C 155 -17.33 24.52 29.17
N THR C 156 -16.11 24.93 28.84
CA THR C 156 -15.48 24.60 27.55
C THR C 156 -15.20 23.11 27.41
N ASN C 157 -15.14 22.39 28.53
CA ASN C 157 -14.87 20.95 28.53
C ASN C 157 -16.01 20.16 27.91
N LEU C 158 -17.22 20.71 28.01
CA LEU C 158 -18.46 20.00 27.73
C LEU C 158 -18.66 19.58 26.27
N THR C 159 -17.81 20.10 25.40
CA THR C 159 -17.87 19.81 23.96
C THR C 159 -17.47 18.38 23.64
N ARG C 160 -16.70 17.74 24.52
CA ARG C 160 -16.12 16.41 24.25
C ARG C 160 -16.05 15.49 25.47
N GLN C 161 -16.02 16.10 26.65
CA GLN C 161 -15.90 15.37 27.91
C GLN C 161 -17.28 14.88 28.32
N VAL C 162 -17.64 13.76 27.70
CA VAL C 162 -19.00 13.26 27.54
C VAL C 162 -19.74 12.90 28.84
N LEU C 163 -19.00 12.64 29.90
CA LEU C 163 -19.61 12.28 31.17
C LEU C 163 -20.11 13.50 31.97
N PHE C 164 -19.61 14.69 31.60
CA PHE C 164 -19.83 15.92 32.36
C PHE C 164 -21.08 16.66 31.87
N SER C 165 -21.84 17.21 32.83
CA SER C 165 -22.98 18.08 32.54
C SER C 165 -22.68 19.55 32.89
N GLU C 166 -23.61 20.44 32.56
CA GLU C 166 -23.53 21.84 32.96
C GLU C 166 -23.41 22.06 34.46
N ASP C 167 -24.12 21.25 35.26
CA ASP C 167 -24.09 21.38 36.71
C ASP C 167 -22.82 20.83 37.37
N ASP C 168 -21.89 20.31 36.57
CA ASP C 168 -20.62 19.78 37.07
C ASP C 168 -19.45 20.77 37.03
N VAL C 169 -19.58 21.86 36.28
CA VAL C 169 -18.54 22.90 36.20
C VAL C 169 -18.00 23.26 37.61
N GLY C 170 -16.67 23.35 37.75
CA GLY C 170 -16.05 23.64 39.05
C GLY C 170 -15.68 22.41 39.88
N LYS C 171 -16.31 21.28 39.58
CA LYS C 171 -16.05 20.03 40.30
C LYS C 171 -14.80 19.35 39.77
N ASN C 172 -14.21 18.49 40.60
CA ASN C 172 -13.06 17.69 40.18
C ASN C 172 -13.46 16.70 39.10
N LYS C 173 -12.62 16.60 38.08
CA LYS C 173 -12.90 15.74 36.94
C LYS C 173 -13.00 14.29 37.41
N THR C 174 -12.14 13.90 38.35
CA THR C 174 -12.09 12.52 38.84
C THR C 174 -13.37 12.18 39.62
N GLU C 175 -13.83 13.11 40.45
CA GLU C 175 -15.06 12.95 41.24
C GLU C 175 -16.27 12.66 40.35
N VAL C 176 -16.38 13.40 39.25
CA VAL C 176 -17.54 13.30 38.36
C VAL C 176 -17.46 12.08 37.43
N ILE C 177 -16.26 11.77 36.96
CA ILE C 177 -16.09 10.55 36.21
C ILE C 177 -16.47 9.33 37.08
N LYS C 178 -15.88 9.24 38.27
CA LYS C 178 -16.18 8.15 39.21
C LYS C 178 -17.71 7.90 39.39
N ARG C 179 -18.49 8.96 39.62
CA ARG C 179 -19.92 8.77 39.85
C ARG C 179 -20.71 8.36 38.60
N GLU C 180 -20.32 8.89 37.43
CA GLU C 180 -20.97 8.53 36.17
C GLU C 180 -20.63 7.09 35.70
N LEU C 181 -19.44 6.64 36.05
CA LEU C 181 -19.00 5.26 35.82
C LEU C 181 -19.76 4.27 36.70
N LEU C 182 -19.98 4.64 37.97
CA LEU C 182 -20.72 3.78 38.93
C LEU C 182 -22.23 3.75 38.66
N LYS C 183 -22.73 4.85 38.09
CA LYS C 183 -24.11 4.92 37.60
C LYS C 183 -24.31 3.96 36.44
N ARG C 184 -23.21 3.65 35.74
CA ARG C 184 -23.21 2.86 34.51
C ARG C 184 -22.81 1.41 34.74
N ASN C 185 -21.87 1.18 35.65
CA ASN C 185 -21.52 -0.17 36.10
C ASN C 185 -21.17 -0.13 37.59
N SER C 186 -22.16 -0.47 38.40
CA SER C 186 -21.99 -0.49 39.86
C SER C 186 -21.21 -1.71 40.34
N GLU C 187 -20.81 -2.57 39.40
CA GLU C 187 -20.13 -3.84 39.70
C GLU C 187 -18.60 -3.71 39.82
N ILE C 188 -18.06 -2.59 39.35
CA ILE C 188 -16.62 -2.39 39.31
C ILE C 188 -16.11 -1.44 40.40
N SER C 189 -14.80 -1.35 40.52
CA SER C 189 -14.17 -0.59 41.58
C SER C 189 -13.45 0.58 40.97
N VAL C 190 -13.79 1.78 41.43
CA VAL C 190 -13.17 3.02 40.93
C VAL C 190 -12.54 3.83 42.06
N SER C 191 -11.30 4.25 41.87
CA SER C 191 -10.56 5.08 42.82
C SER C 191 -10.06 6.36 42.14
N GLU C 192 -9.77 7.37 42.96
CA GLU C 192 -9.30 8.67 42.48
C GLU C 192 -8.01 9.07 43.18
N ILE C 193 -7.09 9.66 42.41
CA ILE C 193 -5.92 10.32 42.97
C ILE C 193 -5.84 11.77 42.49
N ALA C 194 -5.88 12.70 43.45
CA ALA C 194 -5.66 14.11 43.13
C ALA C 194 -4.16 14.31 42.93
N LEU C 195 -3.72 14.31 41.68
CA LEU C 195 -2.29 14.42 41.38
C LEU C 195 -2.03 15.12 40.06
N ASN C 196 -1.03 15.99 40.05
CA ASN C 196 -0.47 16.51 38.80
C ASN C 196 0.99 16.13 38.72
N ILE C 197 1.37 15.54 37.59
CA ILE C 197 2.77 15.20 37.37
C ILE C 197 3.52 16.48 37.02
N ASN C 198 4.19 17.04 38.01
CA ASN C 198 4.93 18.28 37.81
C ASN C 198 6.33 17.99 37.35
N ASP C 199 6.88 16.86 37.78
CA ASP C 199 8.21 16.44 37.38
C ASP C 199 8.32 14.92 37.34
N TYR C 200 9.49 14.39 36.94
CA TYR C 200 9.69 12.95 36.85
C TYR C 200 9.33 12.18 38.13
N THR C 201 9.73 12.74 39.28
CA THR C 201 9.62 12.04 40.58
C THR C 201 8.17 11.79 41.04
N ASP C 202 7.24 12.62 40.58
CA ASP C 202 5.81 12.45 40.89
C ASP C 202 5.24 11.13 40.36
N LEU C 203 5.92 10.48 39.42
CA LEU C 203 5.36 9.30 38.76
C LEU C 203 5.26 8.07 39.65
N HIS C 204 6.15 7.96 40.64
CA HIS C 204 6.11 6.84 41.61
C HIS C 204 4.89 6.91 42.56
N LYS C 205 4.15 8.02 42.48
CA LYS C 205 2.85 8.17 43.14
C LYS C 205 1.72 7.55 42.30
N VAL C 206 2.00 7.25 41.03
CA VAL C 206 1.05 6.54 40.20
C VAL C 206 1.24 5.04 40.45
N PRO C 207 0.16 4.35 40.87
CA PRO C 207 0.29 2.94 41.22
C PRO C 207 0.48 2.02 40.02
N GLU C 208 0.98 0.82 40.32
CA GLU C 208 1.17 -0.24 39.38
C GLU C 208 -0.20 -0.74 38.91
N ALA C 209 -0.32 -1.03 37.62
CA ALA C 209 -1.54 -1.59 37.06
C ALA C 209 -1.22 -2.51 35.89
N ASP C 210 -2.25 -3.15 35.33
CA ASP C 210 -2.07 -3.90 34.10
C ASP C 210 -1.62 -3.00 32.96
N ILE C 211 -2.14 -1.76 32.93
CA ILE C 211 -1.78 -0.75 31.92
C ILE C 211 -2.17 0.67 32.38
N TRP C 212 -1.35 1.65 32.02
CA TRP C 212 -1.64 3.07 32.20
C TRP C 212 -2.15 3.60 30.88
N VAL C 213 -3.31 4.25 30.92
CA VAL C 213 -3.79 5.01 29.78
C VAL C 213 -3.38 6.45 30.01
N VAL C 214 -2.48 6.93 29.15
CA VAL C 214 -1.87 8.24 29.34
C VAL C 214 -2.38 9.21 28.29
N SER C 215 -3.14 10.20 28.71
CA SER C 215 -3.61 11.24 27.79
C SER C 215 -3.23 12.66 28.23
N ALA C 216 -2.62 12.77 29.41
CA ALA C 216 -2.18 14.05 29.96
C ALA C 216 -1.16 14.74 29.04
N ASP C 217 -1.34 16.03 28.82
CA ASP C 217 -0.66 16.73 27.74
C ASP C 217 0.17 17.92 28.18
N HIS C 218 0.55 17.95 29.46
CA HIS C 218 1.33 19.04 30.04
C HIS C 218 2.35 18.51 31.06
N PRO C 219 3.64 18.87 30.92
CA PRO C 219 4.20 19.67 29.82
C PRO C 219 4.58 18.82 28.60
N PHE C 220 5.28 19.42 27.64
CA PHE C 220 5.61 18.76 26.36
C PHE C 220 6.33 17.41 26.50
N ASN C 221 7.18 17.30 27.53
CA ASN C 221 7.95 16.09 27.80
C ASN C 221 7.37 15.22 28.92
N LEU C 222 6.08 15.32 29.19
CA LEU C 222 5.42 14.42 30.16
C LEU C 222 5.56 12.97 29.71
N ILE C 223 5.25 12.75 28.43
CA ILE C 223 5.32 11.44 27.80
C ILE C 223 6.73 10.85 27.85
N ASN C 224 7.74 11.72 27.73
CA ASN C 224 9.13 11.32 27.88
C ASN C 224 9.43 10.83 29.29
N TRP C 225 8.79 11.45 30.29
CA TRP C 225 8.95 11.02 31.68
C TRP C 225 8.26 9.69 31.90
N VAL C 226 7.00 9.61 31.48
CA VAL C 226 6.18 8.39 31.58
C VAL C 226 6.91 7.20 30.97
N ASN C 227 7.38 7.36 29.74
CA ASN C 227 8.13 6.34 29.04
C ASN C 227 9.37 5.86 29.78
N LYS C 228 10.22 6.80 30.17
CA LYS C 228 11.41 6.45 30.98
C LYS C 228 11.00 5.73 32.25
N TYR C 229 10.01 6.27 32.95
CA TYR C 229 9.48 5.66 34.16
C TYR C 229 8.96 4.25 33.93
N CYS C 230 8.14 4.09 32.90
CA CYS C 230 7.48 2.80 32.65
C CYS C 230 8.45 1.71 32.20
N VAL C 231 9.49 2.11 31.48
CA VAL C 231 10.58 1.19 31.10
C VAL C 231 11.31 0.65 32.34
N ARG C 232 11.67 1.54 33.27
CA ARG C 232 12.31 1.10 34.53
C ARG C 232 11.37 0.33 35.46
N ALA C 233 10.07 0.65 35.43
CA ALA C 233 9.10 0.04 36.35
C ALA C 233 8.48 -1.26 35.85
N ASN C 234 8.84 -1.64 34.62
CA ASN C 234 8.17 -2.74 33.89
C ASN C 234 6.65 -2.56 33.79
N GLN C 235 6.22 -1.32 33.53
CA GLN C 235 4.80 -0.96 33.48
C GLN C 235 4.32 -0.72 32.05
N PRO C 236 3.41 -1.56 31.53
CA PRO C 236 2.73 -1.23 30.29
C PRO C 236 1.96 0.11 30.34
N TYR C 237 2.01 0.85 29.23
CA TYR C 237 1.23 2.06 29.06
C TYR C 237 0.78 2.21 27.60
N ILE C 238 -0.27 2.99 27.40
CA ILE C 238 -0.63 3.43 26.05
C ILE C 238 -0.84 4.96 26.05
N ASN C 239 -0.21 5.63 25.10
CA ASN C 239 -0.47 7.05 24.88
C ASN C 239 -1.63 7.26 23.88
N ALA C 240 -2.43 8.30 24.11
CA ALA C 240 -3.49 8.69 23.18
C ALA C 240 -3.79 10.18 23.31
N GLY C 241 -4.23 10.78 22.22
CA GLY C 241 -4.62 12.19 22.20
C GLY C 241 -4.81 12.65 20.78
N TYR C 242 -4.36 13.86 20.51
CA TYR C 242 -4.52 14.45 19.18
C TYR C 242 -3.53 15.56 19.01
N VAL C 243 -3.16 15.80 17.75
CA VAL C 243 -2.52 17.04 17.35
C VAL C 243 -3.53 17.84 16.54
N ASN C 244 -4.15 18.82 17.19
CA ASN C 244 -5.21 19.61 16.55
C ASN C 244 -6.19 18.63 15.86
N ASP C 245 -6.29 18.67 14.52
CA ASP C 245 -7.23 17.84 13.76
C ASP C 245 -6.80 16.38 13.45
N ILE C 246 -5.69 15.92 14.02
CA ILE C 246 -5.28 14.52 13.83
C ILE C 246 -5.44 13.77 15.15
N ALA C 247 -6.16 12.65 15.08
CA ALA C 247 -6.37 11.73 16.22
C ALA C 247 -5.19 10.78 16.34
N VAL C 248 -4.62 10.70 17.54
CA VAL C 248 -3.44 9.90 17.79
C VAL C 248 -3.68 8.89 18.92
N PHE C 249 -3.29 7.64 18.69
CA PHE C 249 -3.20 6.64 19.77
C PHE C 249 -1.97 5.81 19.52
N GLY C 250 -1.43 5.23 20.59
CA GLY C 250 -0.15 4.53 20.49
C GLY C 250 1.03 5.42 20.82
N PRO C 251 2.20 4.83 21.10
CA PRO C 251 2.44 3.38 21.08
C PRO C 251 1.79 2.69 22.28
N LEU C 252 1.54 1.39 22.16
CA LEU C 252 1.22 0.57 23.33
C LEU C 252 2.54 -0.06 23.71
N TYR C 253 3.09 0.42 24.83
CA TYR C 253 4.38 -0.08 25.29
C TYR C 253 4.19 -1.35 26.11
N VAL C 254 4.82 -2.43 25.67
CA VAL C 254 4.85 -3.69 26.44
C VAL C 254 6.31 -4.06 26.72
N PRO C 255 6.71 -4.06 28.01
CA PRO C 255 8.08 -4.35 28.45
C PRO C 255 8.64 -5.64 27.81
N GLY C 256 9.84 -5.52 27.22
CA GLY C 256 10.55 -6.65 26.63
C GLY C 256 9.96 -7.21 25.34
N LYS C 257 8.92 -6.57 24.84
CA LYS C 257 8.21 -7.11 23.68
C LYS C 257 8.10 -6.07 22.55
N THR C 258 7.81 -4.82 22.90
CA THR C 258 7.70 -3.75 21.92
C THR C 258 8.85 -2.77 22.04
N GLY C 259 8.91 -1.81 21.12
CA GLY C 259 9.73 -0.62 21.32
C GLY C 259 9.10 0.30 22.35
N CYS C 260 9.88 1.25 22.84
CA CYS C 260 9.32 2.34 23.63
C CYS C 260 9.23 3.60 22.77
N TYR C 261 8.61 4.63 23.34
CA TYR C 261 8.45 5.94 22.72
C TYR C 261 9.73 6.56 22.18
N GLU C 262 10.87 6.13 22.71
CA GLU C 262 12.16 6.77 22.47
C GLU C 262 13.10 5.97 21.55
N CYS C 263 12.69 4.75 21.19
CA CYS C 263 13.46 3.91 20.25
C CYS C 263 13.72 4.63 18.93
N GLN C 264 12.66 5.14 18.33
CA GLN C 264 12.75 5.83 17.07
C GLN C 264 12.45 7.33 17.25
N LYS C 265 13.38 8.14 16.78
CA LYS C 265 13.27 9.60 16.85
C LYS C 265 12.22 10.13 15.86
N VAL C 266 10.96 9.78 16.09
CA VAL C 266 9.88 10.18 15.20
C VAL C 266 9.26 11.53 15.57
N VAL C 267 9.08 11.76 16.87
CA VAL C 267 8.44 12.98 17.37
C VAL C 267 9.46 14.02 17.83
N GLY C 272 12.52 25.22 21.77
CA GLY C 272 13.53 26.25 21.96
C GLY C 272 14.49 26.42 20.79
N SER C 273 15.49 27.28 20.97
CA SER C 273 16.45 27.62 19.93
C SER C 273 17.84 27.93 20.48
N GLU C 274 18.83 28.06 19.57
CA GLU C 274 20.22 28.40 19.88
C GLU C 274 20.44 29.91 20.02
N LYS C 275 19.78 30.69 19.18
CA LYS C 275 19.82 32.15 19.27
C LYS C 275 18.79 32.61 20.29
N GLU C 276 19.24 33.36 21.29
CA GLU C 276 18.36 33.74 22.40
C GLU C 276 17.31 34.79 22.04
N ASN C 277 17.51 35.49 20.92
CA ASN C 277 16.51 36.42 20.41
C ASN C 277 15.26 35.76 19.79
N ILE C 278 15.38 34.53 19.28
CA ILE C 278 14.18 33.80 18.80
C ILE C 278 13.71 32.74 19.80
N ASP C 279 14.62 32.23 20.63
CA ASP C 279 14.30 31.24 21.66
C ASP C 279 13.12 31.71 22.54
N HIS C 280 13.17 32.95 23.03
CA HIS C 280 12.11 33.49 23.88
C HIS C 280 10.81 33.75 23.11
N LYS C 281 10.93 34.01 21.81
CA LYS C 281 9.78 34.12 20.91
C LYS C 281 9.05 32.78 20.74
N ILE C 282 9.81 31.71 20.53
CA ILE C 282 9.28 30.33 20.47
C ILE C 282 8.57 29.95 21.78
N LYS C 283 9.18 30.31 22.91
CA LYS C 283 8.63 29.98 24.23
C LYS C 283 7.28 30.65 24.53
N LEU C 284 7.15 31.93 24.18
CA LEU C 284 5.87 32.62 24.37
C LEU C 284 4.82 32.06 23.41
N ILE C 285 5.18 31.93 22.15
CA ILE C 285 4.26 31.32 21.18
C ILE C 285 3.70 30.00 21.69
N ASN C 286 4.60 29.12 22.15
CA ASN C 286 4.20 27.80 22.61
C ASN C 286 3.47 27.80 23.97
N SER C 287 3.76 28.80 24.80
CA SER C 287 3.01 28.99 26.06
C SER C 287 1.53 29.39 25.82
N ARG C 288 1.29 30.23 24.80
CA ARG C 288 -0.08 30.56 24.41
C ARG C 288 -0.81 29.40 23.71
N PHE C 289 -0.10 28.34 23.37
CA PHE C 289 -0.71 27.24 22.61
C PHE C 289 -1.93 26.62 23.28
N LYS C 290 -3.00 26.49 22.49
CA LYS C 290 -4.21 25.80 22.88
C LYS C 290 -4.64 24.98 21.65
N PRO C 291 -4.78 23.64 21.81
CA PRO C 291 -5.13 22.81 20.66
C PRO C 291 -6.48 23.15 20.09
N ALA C 292 -6.61 23.00 18.77
CA ALA C 292 -7.86 23.22 18.08
C ALA C 292 -8.75 21.99 18.21
N THR C 293 -9.34 21.81 19.40
CA THR C 293 -10.09 20.58 19.69
C THR C 293 -11.35 20.43 18.83
N PHE C 294 -11.75 19.19 18.66
CA PHE C 294 -12.87 18.82 17.84
C PHE C 294 -13.31 17.47 18.39
N ALA C 295 -14.47 17.43 19.02
CA ALA C 295 -14.99 16.20 19.63
C ALA C 295 -14.80 14.92 18.80
N PRO C 296 -15.19 14.95 17.49
CA PRO C 296 -14.97 13.75 16.68
C PRO C 296 -13.52 13.23 16.66
N VAL C 297 -12.55 14.13 16.62
CA VAL C 297 -11.12 13.76 16.70
C VAL C 297 -10.74 13.11 18.06
N ASN C 298 -11.09 13.80 19.15
CA ASN C 298 -10.94 13.25 20.49
C ASN C 298 -11.55 11.85 20.63
N ASN C 299 -12.75 11.68 20.10
CA ASN C 299 -13.51 10.43 20.27
C ASN C 299 -12.93 9.25 19.51
N VAL C 300 -12.52 9.48 18.27
CA VAL C 300 -11.84 8.45 17.47
C VAL C 300 -10.57 7.96 18.16
N ALA C 301 -9.76 8.91 18.65
CA ALA C 301 -8.51 8.57 19.35
C ALA C 301 -8.77 7.76 20.62
N ALA C 302 -9.75 8.21 21.40
CA ALA C 302 -10.12 7.54 22.63
C ALA C 302 -10.71 6.15 22.37
N ALA C 303 -11.49 6.04 21.28
CA ALA C 303 -12.14 4.78 20.88
C ALA C 303 -11.10 3.71 20.58
N LEU C 304 -10.15 4.04 19.72
CA LEU C 304 -9.12 3.10 19.30
C LEU C 304 -8.11 2.75 20.40
N CYS C 305 -7.77 3.75 21.23
CA CYS C 305 -6.98 3.53 22.44
C CYS C 305 -7.68 2.51 23.37
N ALA C 306 -8.98 2.67 23.58
CA ALA C 306 -9.74 1.74 24.43
C ALA C 306 -9.81 0.33 23.84
N ALA C 307 -9.98 0.24 22.52
CA ALA C 307 -9.93 -1.03 21.79
C ALA C 307 -8.64 -1.75 22.10
N ASP C 308 -7.51 -1.08 21.90
CA ASP C 308 -6.21 -1.62 22.18
C ASP C 308 -6.01 -1.99 23.67
N VAL C 309 -6.63 -1.24 24.59
CA VAL C 309 -6.60 -1.65 26.01
C VAL C 309 -7.28 -3.02 26.25
N ILE C 310 -8.54 -3.13 25.80
CA ILE C 310 -9.32 -4.37 25.92
C ILE C 310 -8.63 -5.57 25.27
N LYS C 311 -8.11 -5.37 24.06
CA LYS C 311 -7.37 -6.42 23.37
C LYS C 311 -6.13 -6.82 24.15
N PHE C 312 -5.46 -5.81 24.74
CA PHE C 312 -4.23 -6.07 25.49
C PHE C 312 -4.49 -6.89 26.74
N ILE C 313 -5.56 -6.59 27.45
CA ILE C 313 -5.92 -7.36 28.64
C ILE C 313 -6.64 -8.66 28.25
N GLY C 314 -7.55 -8.56 27.27
CA GLY C 314 -8.31 -9.72 26.80
C GLY C 314 -7.48 -10.80 26.14
N LYS C 315 -6.36 -10.40 25.53
CA LYS C 315 -5.41 -11.32 24.83
C LYS C 315 -5.97 -12.01 23.58
N TYR C 316 -7.14 -11.60 23.11
CA TYR C 316 -7.83 -12.34 22.05
C TYR C 316 -7.43 -11.84 20.64
N SER C 317 -6.84 -10.65 20.59
CA SER C 317 -6.40 -10.06 19.33
C SER C 317 -5.23 -9.14 19.65
N GLU C 318 -4.38 -8.92 18.67
CA GLU C 318 -3.22 -8.07 18.84
C GLU C 318 -3.62 -6.60 18.74
N PRO C 319 -3.30 -5.80 19.79
CA PRO C 319 -3.54 -4.37 19.72
C PRO C 319 -2.90 -3.76 18.48
N LEU C 320 -3.55 -2.75 17.90
CA LEU C 320 -3.07 -2.11 16.68
C LEU C 320 -1.81 -1.29 16.91
N SER C 321 -1.69 -0.73 18.12
CA SER C 321 -0.66 0.26 18.42
C SER C 321 0.60 -0.30 19.06
N LEU C 322 0.75 -1.62 19.07
CA LEU C 322 2.04 -2.23 19.33
C LEU C 322 3.06 -1.72 18.31
N ASN C 323 4.18 -1.19 18.81
CA ASN C 323 5.30 -0.68 17.98
C ASN C 323 4.95 0.51 17.04
N LYS C 324 3.83 1.17 17.28
CA LYS C 324 3.34 2.22 16.39
C LYS C 324 2.63 3.37 17.08
N ARG C 325 2.89 4.58 16.60
CA ARG C 325 2.07 5.75 16.90
C ARG C 325 1.21 5.99 15.67
N ILE C 326 -0.10 5.85 15.84
CA ILE C 326 -1.02 5.92 14.71
C ILE C 326 -1.76 7.27 14.68
N GLY C 327 -1.71 7.94 13.53
CA GLY C 327 -2.49 9.15 13.30
C GLY C 327 -3.63 8.89 12.35
N ILE C 328 -4.81 9.41 12.70
CA ILE C 328 -5.96 9.41 11.80
C ILE C 328 -6.37 10.86 11.55
N TRP C 329 -6.35 11.24 10.26
CA TRP C 329 -6.69 12.59 9.83
C TRP C 329 -8.21 12.80 9.85
N SER C 330 -8.64 14.05 9.99
CA SER C 330 -10.09 14.35 9.97
C SER C 330 -10.54 15.15 8.74
N ASP C 331 -9.61 15.86 8.09
CA ASP C 331 -9.95 16.57 6.84
C ASP C 331 -9.49 15.82 5.58
N GLU C 332 -9.04 14.59 5.80
CA GLU C 332 -8.60 13.71 4.72
C GLU C 332 -8.91 12.29 5.13
N ILE C 333 -9.05 11.42 4.15
CA ILE C 333 -9.18 9.99 4.40
C ILE C 333 -7.78 9.39 4.43
N LYS C 334 -7.25 9.23 5.63
CA LYS C 334 -5.84 8.89 5.80
C LYS C 334 -5.58 8.37 7.21
N ILE C 335 -4.97 7.20 7.28
CA ILE C 335 -4.26 6.74 8.49
C ILE C 335 -2.78 6.55 8.13
N HIS C 336 -1.93 6.95 9.07
CA HIS C 336 -0.50 6.89 8.93
C HIS C 336 0.07 6.48 10.29
N SER C 337 0.95 5.49 10.28
CA SER C 337 1.58 5.04 11.51
C SER C 337 3.07 5.33 11.51
N GLN C 338 3.57 5.84 12.63
CA GLN C 338 5.01 6.05 12.81
C GLN C 338 5.64 4.84 13.49
N ASN C 339 6.77 4.38 12.94
CA ASN C 339 7.55 3.26 13.47
C ASN C 339 8.08 3.49 14.88
N MET C 340 7.59 2.71 15.84
CA MET C 340 8.19 2.68 17.18
C MET C 340 8.60 1.25 17.61
N GLY C 341 9.16 0.50 16.66
CA GLY C 341 9.75 -0.82 16.93
C GLY C 341 11.05 -0.70 17.71
N ARG C 342 11.44 -1.79 18.38
CA ARG C 342 12.60 -1.77 19.27
C ARG C 342 13.90 -1.48 18.53
N SER C 343 14.65 -0.53 19.09
CA SER C 343 16.00 -0.23 18.65
C SER C 343 16.95 -0.78 19.70
N PRO C 344 17.97 -1.56 19.28
CA PRO C 344 18.96 -2.06 20.25
C PRO C 344 19.85 -0.92 20.77
N VAL C 345 19.84 0.20 20.04
CA VAL C 345 20.65 1.38 20.33
C VAL C 345 19.88 2.42 21.18
N CYS C 346 18.68 2.06 21.62
CA CYS C 346 17.85 2.99 22.42
C CYS C 346 18.52 3.45 23.71
N SER C 347 18.20 4.67 24.12
CA SER C 347 18.83 5.31 25.26
C SER C 347 17.97 5.18 26.52
N VAL C 348 16.90 4.38 26.44
CA VAL C 348 15.97 4.19 27.54
C VAL C 348 15.74 2.70 27.82
N CYS C 349 15.34 1.95 26.78
CA CYS C 349 14.89 0.56 26.97
C CYS C 349 15.91 -0.56 26.67
N GLY C 350 17.07 -0.22 26.11
CA GLY C 350 18.13 -1.21 25.83
C GLY C 350 18.89 -1.67 27.07
N ASN C 351 18.65 -2.91 27.51
CA ASN C 351 19.23 -3.41 28.76
C ASN C 351 19.68 -4.88 28.67
N MET D 4 -7.95 46.85 9.15
CA MET D 4 -8.15 45.47 9.68
C MET D 4 -6.89 44.98 10.42
N ASP D 5 -7.10 44.31 11.55
CA ASP D 5 -6.03 43.71 12.34
C ASP D 5 -5.92 42.21 12.04
N TYR D 6 -4.76 41.64 12.36
CA TYR D 6 -4.51 40.21 12.26
C TYR D 6 -4.01 39.69 13.60
N ILE D 7 -4.45 38.48 13.96
CA ILE D 7 -4.00 37.82 15.18
C ILE D 7 -3.47 36.39 14.92
N LEU D 8 -2.47 35.96 15.68
CA LEU D 8 -1.97 34.56 15.61
C LEU D 8 -2.97 33.60 16.28
N GLY D 9 -3.31 32.52 15.59
CA GLY D 9 -4.18 31.49 16.16
C GLY D 9 -3.49 30.81 17.33
N ARG D 10 -4.26 30.46 18.34
CA ARG D 10 -3.76 29.77 19.54
C ARG D 10 -3.29 28.34 19.26
N TYR D 11 -3.82 27.77 18.19
CA TYR D 11 -3.53 26.42 17.71
C TYR D 11 -2.21 26.31 16.94
N VAL D 12 -1.49 27.43 16.74
CA VAL D 12 -0.15 27.32 16.17
C VAL D 12 0.93 26.97 17.19
N LYS D 13 1.74 26.00 16.79
CA LYS D 13 2.74 25.34 17.60
C LYS D 13 4.00 25.53 16.79
N ILE D 14 5.14 25.60 17.46
CA ILE D 14 6.42 25.73 16.78
C ILE D 14 7.44 24.78 17.40
N ALA D 15 8.24 24.13 16.56
CA ALA D 15 9.27 23.21 17.02
C ALA D 15 10.47 23.21 16.09
N ARG D 16 11.66 23.26 16.68
CA ARG D 16 12.91 23.10 15.95
C ARG D 16 12.97 21.64 15.49
N TYR D 17 13.25 21.43 14.20
CA TYR D 17 13.19 20.09 13.60
C TYR D 17 13.99 20.04 12.31
N GLY D 18 14.85 19.02 12.19
CA GLY D 18 15.66 18.80 11.01
C GLY D 18 16.61 19.96 10.76
N SER D 19 16.52 20.55 9.57
CA SER D 19 17.40 21.66 9.15
C SER D 19 16.78 23.03 9.40
N GLY D 20 15.52 23.06 9.82
CA GLY D 20 14.83 24.29 10.14
C GLY D 20 13.82 24.09 11.27
N GLY D 21 12.55 24.08 10.93
CA GLY D 21 11.54 23.81 11.92
C GLY D 21 10.12 23.64 11.41
N LEU D 22 9.24 23.30 12.33
CA LEU D 22 7.83 23.10 12.06
C LEU D 22 7.04 24.30 12.52
N VAL D 23 6.00 24.63 11.76
CA VAL D 23 5.00 25.64 12.14
C VAL D 23 3.62 25.00 12.06
N GLY D 24 2.89 24.97 13.16
CA GLY D 24 1.55 24.39 13.16
C GLY D 24 1.49 22.94 13.55
N GLY D 25 0.27 22.46 13.81
CA GLY D 25 0.05 21.06 14.14
C GLY D 25 -1.17 20.51 13.44
N GLY D 26 -1.20 19.20 13.27
CA GLY D 26 -2.29 18.54 12.56
C GLY D 26 -2.02 18.54 11.07
N GLY D 27 -3.07 18.47 10.27
CA GLY D 27 -2.93 18.39 8.83
C GLY D 27 -2.24 19.56 8.16
N LYS D 28 -2.27 20.74 8.78
CA LYS D 28 -1.64 21.94 8.20
C LYS D 28 -0.19 22.13 8.64
N GLU D 29 0.34 21.16 9.38
CA GLU D 29 1.71 21.21 9.87
C GLU D 29 2.70 21.42 8.73
N GLN D 30 3.47 22.51 8.80
CA GLN D 30 4.46 22.80 7.78
C GLN D 30 5.89 22.57 8.25
N TYR D 31 6.66 21.82 7.46
CA TYR D 31 8.10 21.70 7.71
C TYR D 31 8.90 22.72 6.87
N VAL D 32 9.40 23.75 7.55
CA VAL D 32 10.25 24.76 6.93
C VAL D 32 11.71 24.30 7.05
N GLU D 33 12.24 23.78 5.95
CA GLU D 33 13.59 23.19 5.91
C GLU D 33 14.71 24.23 5.96
N ASN D 34 14.40 25.47 5.62
CA ASN D 34 15.37 26.56 5.69
C ASN D 34 15.30 27.27 7.04
N LEU D 35 16.41 27.27 7.77
CA LEU D 35 16.47 27.88 9.11
C LEU D 35 16.20 29.39 9.16
N VAL D 36 16.84 30.16 8.28
CA VAL D 36 16.66 31.62 8.27
C VAL D 36 15.19 32.03 8.07
N LEU D 37 14.51 31.33 7.18
CA LEU D 37 13.09 31.58 6.90
C LEU D 37 12.25 31.19 8.12
N TRP D 38 12.59 30.06 8.73
CA TRP D 38 11.88 29.57 9.89
C TRP D 38 11.89 30.58 11.04
N GLU D 39 13.07 31.05 11.41
CA GLU D 39 13.22 32.08 12.44
C GLU D 39 12.53 33.41 12.09
N ASN D 40 12.51 33.78 10.80
CA ASN D 40 11.78 34.98 10.38
C ASN D 40 10.27 34.86 10.52
N ILE D 41 9.74 33.67 10.19
CA ILE D 41 8.34 33.31 10.45
C ILE D 41 8.02 33.46 11.94
N ILE D 42 8.91 32.96 12.78
CA ILE D 42 8.78 33.16 14.22
C ILE D 42 8.68 34.64 14.62
N LYS D 43 9.64 35.46 14.18
CA LYS D 43 9.64 36.90 14.46
C LYS D 43 8.35 37.58 13.99
N THR D 44 7.90 37.21 12.79
CA THR D 44 6.63 37.69 12.25
C THR D 44 5.45 37.27 13.14
N ALA D 45 5.45 36.00 13.55
CA ALA D 45 4.36 35.47 14.36
C ALA D 45 4.27 36.20 15.71
N TYR D 46 5.42 36.51 16.27
CA TYR D 46 5.52 37.22 17.56
C TYR D 46 4.73 38.53 17.58
N CYS D 47 4.70 39.21 16.44
CA CYS D 47 4.05 40.51 16.29
C CYS D 47 2.54 40.41 16.35
N PHE D 48 2.03 39.21 16.11
CA PHE D 48 0.60 39.00 16.00
C PHE D 48 -0.01 38.25 17.18
N ILE D 49 0.79 37.99 18.22
CA ILE D 49 0.28 37.33 19.43
C ILE D 49 -0.87 38.13 20.02
N THR D 50 -0.68 39.44 20.06
CA THR D 50 -1.80 40.36 20.27
C THR D 50 -2.11 41.01 18.91
N PRO D 51 -3.40 41.24 18.61
CA PRO D 51 -3.82 41.74 17.31
C PRO D 51 -2.99 42.92 16.83
N SER D 52 -2.63 42.89 15.54
CA SER D 52 -1.82 43.92 14.92
C SER D 52 -2.13 44.03 13.43
N SER D 53 -1.97 45.23 12.87
CA SER D 53 -2.12 45.44 11.44
C SER D 53 -0.82 45.07 10.75
N TYR D 54 -0.88 44.89 9.43
CA TYR D 54 0.31 44.52 8.65
C TYR D 54 1.44 45.52 8.78
N THR D 55 1.11 46.82 8.67
CA THR D 55 2.13 47.88 8.69
C THR D 55 2.75 48.02 10.07
N ALA D 56 1.91 48.04 11.11
CA ALA D 56 2.36 48.15 12.49
C ALA D 56 3.27 46.99 12.89
N ALA D 57 2.94 45.80 12.41
CA ALA D 57 3.75 44.62 12.69
C ALA D 57 5.05 44.61 11.89
N LEU D 58 4.96 45.02 10.62
CA LEU D 58 6.15 45.23 9.78
C LEU D 58 7.19 46.12 10.45
N GLU D 59 6.73 47.19 11.10
CA GLU D 59 7.62 48.09 11.83
C GLU D 59 8.15 47.43 13.11
N THR D 60 7.27 46.73 13.82
CA THR D 60 7.59 46.05 15.09
C THR D 60 8.63 44.94 14.92
N ALA D 61 8.47 44.13 13.87
CA ALA D 61 9.46 43.13 13.50
C ALA D 61 10.64 43.86 12.87
N ASN D 62 11.86 43.52 13.29
CA ASN D 62 13.04 44.23 12.78
C ASN D 62 13.67 43.49 11.61
N ILE D 63 12.85 43.17 10.62
CA ILE D 63 13.24 42.38 9.45
C ILE D 63 12.86 43.09 8.15
N PRO D 64 13.52 42.74 7.02
CA PRO D 64 13.24 43.44 5.75
C PRO D 64 11.85 43.13 5.15
N GLU D 65 11.29 44.12 4.46
CA GLU D 65 9.93 44.06 3.91
C GLU D 65 9.64 42.80 3.09
N LYS D 66 10.52 42.48 2.14
CA LYS D 66 10.36 41.30 1.29
C LYS D 66 10.31 40.00 2.10
N ASP D 67 11.11 39.94 3.17
CA ASP D 67 11.10 38.82 4.11
C ASP D 67 9.81 38.80 4.91
N PHE D 68 9.42 39.96 5.45
CA PHE D 68 8.19 40.07 6.24
C PHE D 68 6.96 39.70 5.43
N SER D 69 6.88 40.23 4.21
CA SER D 69 5.78 39.94 3.30
C SER D 69 5.65 38.44 3.05
N ASN D 70 6.77 37.77 2.79
CA ASN D 70 6.79 36.33 2.59
C ASN D 70 6.30 35.53 3.80
N CYS D 71 6.79 35.91 4.98
CA CYS D 71 6.41 35.28 6.25
C CYS D 71 4.94 35.54 6.57
N PHE D 72 4.50 36.78 6.37
CA PHE D 72 3.10 37.15 6.60
C PHE D 72 2.15 36.33 5.74
N ARG D 73 2.44 36.24 4.43
CA ARG D 73 1.60 35.49 3.49
C ARG D 73 1.58 33.99 3.79
N PHE D 74 2.74 33.42 4.12
CA PHE D 74 2.83 32.04 4.54
C PHE D 74 1.93 31.77 5.76
N LEU D 75 2.02 32.62 6.77
CA LEU D 75 1.20 32.50 7.97
C LEU D 75 -0.27 32.72 7.65
N LYS D 76 -0.57 33.72 6.83
CA LYS D 76 -1.95 34.00 6.43
C LYS D 76 -2.61 32.85 5.64
N GLU D 77 -1.91 32.35 4.62
CA GLU D 77 -2.39 31.27 3.74
C GLU D 77 -2.73 29.95 4.42
N ASN D 78 -2.02 29.66 5.51
CA ASN D 78 -2.19 28.45 6.29
C ASN D 78 -3.14 28.70 7.46
N PHE D 79 -3.59 29.94 7.56
CA PHE D 79 -4.50 30.41 8.59
C PHE D 79 -3.89 30.28 9.97
N PHE D 80 -2.55 30.34 10.03
CA PHE D 80 -1.86 30.43 11.31
C PHE D 80 -2.08 31.82 11.93
N ILE D 81 -2.14 32.85 11.08
CA ILE D 81 -2.69 34.15 11.46
C ILE D 81 -4.02 34.41 10.75
N ILE D 82 -4.95 35.03 11.47
CA ILE D 82 -6.31 35.23 10.98
C ILE D 82 -6.76 36.67 11.17
N PRO D 83 -7.81 37.11 10.42
CA PRO D 83 -8.38 38.45 10.65
C PRO D 83 -8.77 38.60 12.10
N GLY D 84 -8.41 39.74 12.70
CA GLY D 84 -8.61 39.98 14.13
C GLY D 84 -10.06 39.81 14.56
N GLU D 85 -10.96 40.16 13.65
CA GLU D 85 -12.41 40.05 13.84
C GLU D 85 -12.89 38.63 14.21
N TYR D 86 -12.16 37.62 13.73
CA TYR D 86 -12.51 36.21 13.99
C TYR D 86 -12.19 35.74 15.42
N ASN D 87 -11.63 36.62 16.25
CA ASN D 87 -11.25 36.27 17.62
C ASN D 87 -12.22 36.78 18.69
N ASN D 88 -12.37 35.98 19.76
CA ASN D 88 -13.30 36.26 20.87
C ASN D 88 -14.66 36.79 20.40
N SER D 89 -15.30 36.00 19.53
CA SER D 89 -16.57 36.40 18.93
C SER D 89 -17.61 35.28 19.03
N ASN D 93 -18.12 32.17 26.46
CA ASN D 93 -18.31 31.38 25.25
C ASN D 93 -17.96 29.92 25.49
N ARG D 94 -19.00 29.09 25.53
CA ARG D 94 -18.86 27.63 25.75
C ARG D 94 -18.18 26.93 24.58
N TYR D 95 -18.36 27.49 23.39
CA TYR D 95 -17.85 26.92 22.13
C TYR D 95 -16.44 27.42 21.76
N SER D 96 -15.77 28.10 22.69
CA SER D 96 -14.51 28.78 22.40
C SER D 96 -13.44 27.86 21.83
N ARG D 97 -13.43 26.59 22.25
CA ARG D 97 -12.48 25.59 21.73
C ARG D 97 -12.83 25.16 20.30
N ASN D 98 -14.12 25.00 20.03
CA ASN D 98 -14.60 24.69 18.69
C ASN D 98 -14.24 25.85 17.76
N PHE D 99 -14.29 27.06 18.31
CA PHE D 99 -13.87 28.27 17.59
C PHE D 99 -12.48 28.13 17.01
N LEU D 100 -11.54 27.59 17.80
CA LEU D 100 -10.15 27.40 17.33
C LEU D 100 -10.08 26.44 16.15
N HIS D 101 -10.97 25.44 16.16
CA HIS D 101 -11.06 24.44 15.10
C HIS D 101 -11.54 25.10 13.82
N TYR D 102 -12.62 25.88 13.90
CA TYR D 102 -13.16 26.58 12.72
C TYR D 102 -12.18 27.64 12.21
N GLN D 103 -11.60 28.41 13.13
CA GLN D 103 -10.51 29.34 12.79
C GLN D 103 -9.42 28.67 11.98
N SER D 104 -8.95 27.51 12.46
CA SER D 104 -7.85 26.77 11.83
C SER D 104 -8.08 26.39 10.37
N TYR D 105 -9.34 26.39 9.94
CA TYR D 105 -9.72 26.17 8.55
C TYR D 105 -9.96 27.45 7.77
N GLY D 106 -9.70 28.59 8.39
CA GLY D 106 -9.85 29.85 7.70
C GLY D 106 -11.29 30.33 7.65
N ALA D 107 -12.11 29.87 8.59
CA ALA D 107 -13.49 30.30 8.69
C ALA D 107 -13.63 31.34 9.81
N ASN D 108 -14.76 32.04 9.80
CA ASN D 108 -15.19 32.91 10.87
C ASN D 108 -16.04 32.07 11.83
N PRO D 109 -15.51 31.82 13.05
CA PRO D 109 -16.18 30.90 13.98
C PRO D 109 -17.59 31.36 14.40
N VAL D 110 -17.84 32.67 14.39
CA VAL D 110 -19.18 33.22 14.65
C VAL D 110 -20.23 32.85 13.59
N LEU D 111 -19.81 32.81 12.32
CA LEU D 111 -20.67 32.44 11.21
C LEU D 111 -21.00 30.95 11.18
N VAL D 112 -19.99 30.11 11.43
CA VAL D 112 -20.20 28.67 11.52
C VAL D 112 -21.17 28.37 12.66
N GLN D 113 -20.93 28.98 13.84
CA GLN D 113 -21.80 28.82 15.01
C GLN D 113 -23.25 29.23 14.83
N ASP D 114 -23.48 30.30 14.06
CA ASP D 114 -24.83 30.76 13.82
C ASP D 114 -25.49 29.79 12.85
N LYS D 115 -24.68 29.27 11.93
CA LYS D 115 -25.18 28.22 11.02
C LYS D 115 -25.59 27.01 11.83
N LEU D 116 -24.78 26.66 12.83
CA LEU D 116 -25.09 25.54 13.71
C LEU D 116 -26.31 25.80 14.56
N LYS D 117 -26.36 26.97 15.17
CA LYS D 117 -27.43 27.40 16.06
C LYS D 117 -28.80 27.39 15.36
N ASN D 118 -28.77 27.55 14.04
CA ASN D 118 -30.00 27.67 13.25
C ASN D 118 -30.33 26.38 12.49
N ALA D 119 -29.53 25.35 12.70
CA ALA D 119 -29.76 24.04 12.10
C ALA D 119 -30.75 23.14 12.85
N LYS D 120 -31.36 22.21 12.11
CA LYS D 120 -32.25 21.21 12.65
C LYS D 120 -31.71 19.85 12.21
N VAL D 121 -31.49 18.93 13.15
CA VAL D 121 -30.94 17.61 12.82
C VAL D 121 -31.84 16.46 13.31
N VAL D 122 -32.20 15.57 12.38
CA VAL D 122 -32.95 14.35 12.67
C VAL D 122 -31.97 13.21 13.00
N ILE D 123 -32.12 12.64 14.20
CA ILE D 123 -31.40 11.43 14.61
C ILE D 123 -32.38 10.26 14.46
N LEU D 124 -32.26 9.54 13.35
CA LEU D 124 -33.15 8.43 13.06
C LEU D 124 -32.49 7.14 13.50
N GLY D 125 -32.78 6.74 14.74
CA GLY D 125 -32.11 5.62 15.40
C GLY D 125 -31.32 6.12 16.59
N CYS D 126 -31.86 5.89 17.79
CA CYS D 126 -31.21 6.34 19.02
C CYS D 126 -30.50 5.19 19.74
N GLY D 127 -29.85 4.35 18.95
CA GLY D 127 -29.05 3.24 19.44
C GLY D 127 -27.65 3.73 19.75
N GLY D 128 -26.66 2.88 19.51
CA GLY D 128 -25.26 3.20 19.79
C GLY D 128 -24.73 4.41 19.03
N ILE D 129 -25.02 4.46 17.73
CA ILE D 129 -24.60 5.54 16.84
C ILE D 129 -25.33 6.85 17.17
N GLY D 130 -26.66 6.80 17.22
CA GLY D 130 -27.47 7.94 17.62
C GLY D 130 -27.12 8.54 18.99
N ASN D 131 -26.84 7.70 19.97
CA ASN D 131 -26.34 8.16 21.27
C ASN D 131 -25.13 9.06 21.11
N HIS D 132 -24.09 8.54 20.43
CA HIS D 132 -22.84 9.26 20.33
C HIS D 132 -22.90 10.48 19.41
N VAL D 133 -23.60 10.36 18.28
CA VAL D 133 -23.75 11.49 17.33
C VAL D 133 -24.47 12.67 18.00
N SER D 134 -25.64 12.39 18.58
CA SER D 134 -26.47 13.41 19.23
C SER D 134 -25.78 14.15 20.39
N VAL D 135 -24.91 13.48 21.16
CA VAL D 135 -24.15 14.21 22.20
C VAL D 135 -23.22 15.25 21.59
N ILE D 136 -22.51 14.84 20.55
CA ILE D 136 -21.56 15.72 19.87
C ILE D 136 -22.30 16.90 19.27
N LEU D 137 -23.39 16.62 18.55
CA LEU D 137 -24.18 17.68 17.92
C LEU D 137 -24.76 18.66 18.94
N ALA D 138 -25.36 18.14 20.01
CA ALA D 138 -25.94 18.98 21.07
C ALA D 138 -24.90 19.93 21.64
N THR D 139 -23.78 19.37 22.09
CA THR D 139 -22.71 20.13 22.72
C THR D 139 -21.92 21.04 21.76
N SER D 140 -22.03 20.79 20.45
CA SER D 140 -21.45 21.70 19.44
C SER D 140 -22.39 22.85 19.08
N GLY D 141 -23.64 22.77 19.53
CA GLY D 141 -24.57 23.89 19.44
C GLY D 141 -25.56 23.88 18.29
N ILE D 142 -25.71 22.72 17.65
CA ILE D 142 -26.81 22.47 16.71
C ILE D 142 -28.09 22.78 17.46
N GLY D 143 -28.84 23.77 16.97
CA GLY D 143 -29.96 24.36 17.70
C GLY D 143 -31.13 23.44 18.00
N GLU D 144 -31.44 22.54 17.07
CA GLU D 144 -32.64 21.69 17.17
C GLU D 144 -32.35 20.23 16.84
N ILE D 145 -32.63 19.32 17.77
CA ILE D 145 -32.45 17.88 17.54
C ILE D 145 -33.76 17.09 17.74
N ILE D 146 -34.12 16.31 16.73
CA ILE D 146 -35.27 15.41 16.82
C ILE D 146 -34.83 13.94 16.88
N LEU D 147 -35.20 13.30 17.99
CA LEU D 147 -34.83 11.92 18.24
C LEU D 147 -35.95 11.00 17.79
N ILE D 148 -35.62 10.04 16.93
CA ILE D 148 -36.60 9.07 16.45
C ILE D 148 -36.15 7.65 16.72
N ASP D 149 -36.99 6.91 17.44
CA ASP D 149 -36.74 5.52 17.87
C ASP D 149 -37.98 5.09 18.64
N ASN D 150 -38.29 3.80 18.64
CA ASN D 150 -39.40 3.28 19.47
C ASN D 150 -38.97 2.15 20.42
N ASP D 151 -37.66 2.02 20.62
CA ASP D 151 -37.08 0.99 21.47
C ASP D 151 -36.95 1.45 22.93
N GLN D 152 -36.92 0.48 23.85
CA GLN D 152 -36.67 0.75 25.25
C GLN D 152 -35.23 0.42 25.60
N ILE D 153 -34.78 0.93 26.74
CA ILE D 153 -33.42 0.68 27.19
C ILE D 153 -33.33 -0.67 27.89
N GLU D 154 -32.40 -1.47 27.38
CA GLU D 154 -32.09 -2.78 27.92
C GLU D 154 -30.66 -2.77 28.47
N ASN D 155 -30.38 -3.66 29.42
CA ASN D 155 -29.11 -3.65 30.16
C ASN D 155 -27.88 -3.81 29.26
N THR D 156 -28.04 -4.59 28.20
CA THR D 156 -26.98 -4.85 27.23
C THR D 156 -26.58 -3.60 26.42
N ASN D 157 -27.47 -2.62 26.35
CA ASN D 157 -27.20 -1.33 25.67
C ASN D 157 -25.98 -0.58 26.19
N LEU D 158 -25.67 -0.78 27.48
CA LEU D 158 -24.73 0.05 28.24
C LEU D 158 -23.29 0.01 27.74
N THR D 159 -22.96 -1.09 27.09
CA THR D 159 -21.69 -1.24 26.37
C THR D 159 -21.33 -0.06 25.42
N ARG D 160 -22.32 0.45 24.69
CA ARG D 160 -22.09 1.48 23.67
C ARG D 160 -22.89 2.77 23.91
N GLN D 161 -24.04 2.64 24.55
CA GLN D 161 -25.01 3.72 24.58
C GLN D 161 -24.78 4.64 25.75
N VAL D 162 -23.82 5.53 25.50
CA VAL D 162 -23.06 6.24 26.54
C VAL D 162 -23.92 7.13 27.45
N LEU D 163 -25.04 7.63 26.93
CA LEU D 163 -25.89 8.55 27.72
C LEU D 163 -26.75 7.82 28.75
N PHE D 164 -26.78 6.49 28.68
CA PHE D 164 -27.64 5.67 29.53
C PHE D 164 -26.93 5.15 30.78
N SER D 165 -27.69 5.03 31.86
CA SER D 165 -27.21 4.46 33.12
C SER D 165 -28.03 3.23 33.44
N GLU D 166 -27.62 2.49 34.47
CA GLU D 166 -28.32 1.30 34.94
C GLU D 166 -29.76 1.61 35.36
N ASP D 167 -29.97 2.85 35.80
CA ASP D 167 -31.27 3.32 36.30
C ASP D 167 -32.31 3.59 35.22
N ASP D 168 -31.88 3.53 33.96
CA ASP D 168 -32.71 3.88 32.80
C ASP D 168 -33.33 2.66 32.14
N VAL D 169 -33.02 1.47 32.66
CA VAL D 169 -33.47 0.22 32.07
C VAL D 169 -35.00 0.21 32.06
N GLY D 170 -35.56 0.00 30.87
CA GLY D 170 -37.01 -0.03 30.69
C GLY D 170 -37.60 1.26 30.15
N LYS D 171 -36.85 2.36 30.22
CA LYS D 171 -37.33 3.65 29.73
C LYS D 171 -37.11 3.77 28.22
N ASN D 172 -37.86 4.70 27.60
CA ASN D 172 -37.73 5.00 26.17
C ASN D 172 -36.30 5.46 25.91
N LYS D 173 -35.67 4.95 24.85
CA LYS D 173 -34.32 5.42 24.48
C LYS D 173 -34.32 6.93 24.26
N THR D 174 -35.30 7.37 23.47
CA THR D 174 -35.49 8.77 23.07
C THR D 174 -35.64 9.70 24.27
N GLU D 175 -36.29 9.20 25.33
CA GLU D 175 -36.58 9.96 26.55
C GLU D 175 -35.30 10.30 27.32
N VAL D 176 -34.46 9.28 27.54
CA VAL D 176 -33.25 9.42 28.34
C VAL D 176 -32.18 10.21 27.61
N ILE D 177 -32.11 10.06 26.29
CA ILE D 177 -31.22 10.89 25.48
C ILE D 177 -31.54 12.37 25.68
N LYS D 178 -32.80 12.73 25.54
CA LYS D 178 -33.24 14.12 25.68
C LYS D 178 -32.83 14.71 27.03
N ARG D 179 -33.20 14.02 28.12
CA ARG D 179 -32.78 14.42 29.47
C ARG D 179 -31.27 14.65 29.57
N GLU D 180 -30.50 13.74 28.99
CA GLU D 180 -29.05 13.78 29.12
C GLU D 180 -28.39 14.82 28.23
N LEU D 181 -29.00 15.10 27.07
CA LEU D 181 -28.54 16.19 26.20
C LEU D 181 -28.76 17.54 26.86
N LEU D 182 -29.93 17.70 27.49
CA LEU D 182 -30.34 18.95 28.13
C LEU D 182 -29.56 19.28 29.39
N LYS D 183 -29.05 18.26 30.08
CA LYS D 183 -28.10 18.43 31.18
C LYS D 183 -26.76 19.00 30.68
N ARG D 184 -26.37 18.63 29.47
CA ARG D 184 -25.08 18.99 28.89
C ARG D 184 -25.11 20.30 28.10
N ASN D 185 -26.19 20.52 27.37
CA ASN D 185 -26.40 21.78 26.66
C ASN D 185 -27.89 22.19 26.66
N SER D 186 -28.24 23.05 27.61
CA SER D 186 -29.64 23.46 27.82
C SER D 186 -30.13 24.49 26.79
N GLU D 187 -29.20 25.02 25.98
CA GLU D 187 -29.51 26.06 25.00
C GLU D 187 -30.23 25.51 23.76
N ILE D 188 -30.25 24.19 23.62
CA ILE D 188 -30.84 23.58 22.44
C ILE D 188 -32.23 23.01 22.73
N SER D 189 -33.04 22.86 21.68
CA SER D 189 -34.33 22.22 21.81
C SER D 189 -34.27 20.80 21.26
N VAL D 190 -34.74 19.84 22.05
CA VAL D 190 -34.75 18.44 21.67
C VAL D 190 -36.19 17.92 21.62
N SER D 191 -36.54 17.28 20.51
CA SER D 191 -37.86 16.74 20.30
C SER D 191 -37.79 15.23 20.23
N GLU D 192 -38.87 14.56 20.63
CA GLU D 192 -38.95 13.11 20.54
C GLU D 192 -40.07 12.72 19.57
N ILE D 193 -39.81 11.68 18.76
CA ILE D 193 -40.85 11.05 17.96
C ILE D 193 -40.76 9.53 18.16
N ALA D 194 -41.69 8.99 18.94
CA ALA D 194 -41.73 7.56 19.24
C ALA D 194 -42.19 6.78 18.01
N LEU D 195 -41.24 6.42 17.16
CA LEU D 195 -41.56 5.86 15.85
C LEU D 195 -40.47 4.93 15.31
N ASN D 196 -40.76 3.64 15.26
CA ASN D 196 -39.96 2.69 14.48
C ASN D 196 -40.59 2.51 13.09
N ILE D 197 -39.76 2.52 12.05
CA ILE D 197 -40.21 2.53 10.65
C ILE D 197 -40.41 1.12 10.10
N ASN D 198 -41.67 0.74 9.91
CA ASN D 198 -42.01 -0.58 9.38
C ASN D 198 -42.50 -0.53 7.93
N ASP D 199 -42.91 0.66 7.47
CA ASP D 199 -43.29 0.86 6.07
C ASP D 199 -42.64 2.13 5.49
N TYR D 200 -42.60 2.22 4.16
CA TYR D 200 -41.99 3.38 3.49
C TYR D 200 -42.73 4.67 3.84
N THR D 201 -44.05 4.57 3.99
CA THR D 201 -44.93 5.71 4.26
C THR D 201 -44.76 6.30 5.65
N ASP D 202 -44.08 5.57 6.53
CA ASP D 202 -43.80 6.01 7.89
C ASP D 202 -42.86 7.21 7.91
N LEU D 203 -42.00 7.29 6.89
CA LEU D 203 -40.99 8.34 6.80
C LEU D 203 -41.58 9.74 6.68
N HIS D 204 -42.84 9.83 6.29
CA HIS D 204 -43.58 11.09 6.26
C HIS D 204 -43.81 11.68 7.65
N LYS D 205 -43.61 10.85 8.67
CA LYS D 205 -43.69 11.31 10.06
C LYS D 205 -42.37 11.95 10.50
N VAL D 206 -41.28 11.52 9.87
CA VAL D 206 -39.94 12.11 10.05
C VAL D 206 -39.87 13.47 9.37
N PRO D 207 -39.74 14.56 10.17
CA PRO D 207 -39.80 15.94 9.67
C PRO D 207 -38.63 16.36 8.79
N GLU D 208 -38.86 17.39 7.97
CA GLU D 208 -37.82 18.02 7.17
C GLU D 208 -36.77 18.66 8.09
N ALA D 209 -35.51 18.51 7.71
CA ALA D 209 -34.39 19.01 8.51
C ALA D 209 -33.21 19.29 7.60
N ASP D 210 -32.24 20.06 8.10
CA ASP D 210 -31.00 20.34 7.35
C ASP D 210 -30.36 19.04 6.91
N ILE D 211 -30.36 18.07 7.81
CA ILE D 211 -29.81 16.74 7.53
C ILE D 211 -30.47 15.66 8.40
N TRP D 212 -30.55 14.44 7.86
CA TRP D 212 -30.93 13.25 8.62
C TRP D 212 -29.68 12.42 8.90
N VAL D 213 -29.55 11.98 10.15
CA VAL D 213 -28.53 11.01 10.53
C VAL D 213 -29.24 9.67 10.67
N VAL D 214 -28.86 8.71 9.84
CA VAL D 214 -29.59 7.47 9.73
C VAL D 214 -28.75 6.27 10.18
N SER D 215 -29.09 5.72 11.34
CA SER D 215 -28.35 4.62 11.95
C SER D 215 -29.24 3.43 12.30
N ALA D 216 -30.55 3.57 12.05
CA ALA D 216 -31.49 2.46 12.23
C ALA D 216 -31.20 1.33 11.23
N ASP D 217 -31.14 0.09 11.73
CA ASP D 217 -30.57 -1.04 10.99
C ASP D 217 -31.59 -2.09 10.50
N HIS D 218 -32.82 -2.03 11.01
CA HIS D 218 -33.84 -3.00 10.64
C HIS D 218 -34.87 -2.36 9.71
N PRO D 219 -35.28 -3.08 8.65
CA PRO D 219 -34.87 -4.43 8.26
C PRO D 219 -33.73 -4.45 7.24
N PHE D 220 -33.99 -4.96 6.03
CA PHE D 220 -32.99 -4.95 4.97
C PHE D 220 -33.03 -3.63 4.19
N ASN D 221 -34.21 -3.29 3.67
CA ASN D 221 -34.37 -2.17 2.73
C ASN D 221 -34.61 -0.80 3.37
N LEU D 222 -34.24 -0.64 4.64
CA LEU D 222 -34.40 0.64 5.31
C LEU D 222 -33.47 1.69 4.71
N ILE D 223 -32.22 1.31 4.48
CA ILE D 223 -31.25 2.15 3.79
C ILE D 223 -31.86 2.62 2.46
N ASN D 224 -32.45 1.68 1.72
CA ASN D 224 -33.07 1.98 0.42
C ASN D 224 -34.37 2.77 0.53
N TRP D 225 -35.12 2.57 1.61
CA TRP D 225 -36.33 3.35 1.90
C TRP D 225 -36.06 4.82 2.22
N VAL D 226 -35.04 5.05 3.06
CA VAL D 226 -34.61 6.40 3.42
C VAL D 226 -34.14 7.11 2.15
N ASN D 227 -33.24 6.43 1.43
CA ASN D 227 -32.66 6.93 0.18
C ASN D 227 -33.71 7.41 -0.81
N LYS D 228 -34.66 6.55 -1.13
CA LYS D 228 -35.73 6.88 -2.08
C LYS D 228 -36.55 8.06 -1.56
N TYR D 229 -37.01 7.97 -0.31
CA TYR D 229 -37.76 9.06 0.30
C TYR D 229 -37.01 10.41 0.15
N CYS D 230 -35.74 10.41 0.57
CA CYS D 230 -34.91 11.62 0.58
C CYS D 230 -34.58 12.20 -0.80
N VAL D 231 -34.26 11.34 -1.76
CA VAL D 231 -34.07 11.76 -3.17
C VAL D 231 -35.30 12.53 -3.71
N ARG D 232 -36.49 12.01 -3.43
CA ARG D 232 -37.73 12.65 -3.87
C ARG D 232 -38.00 13.96 -3.12
N ALA D 233 -37.70 13.96 -1.81
CA ALA D 233 -38.06 15.09 -0.94
C ALA D 233 -36.94 16.08 -0.71
N ASN D 234 -35.92 16.06 -1.58
CA ASN D 234 -34.77 16.97 -1.51
C ASN D 234 -34.19 17.14 -0.10
N GLN D 235 -34.04 16.01 0.59
CA GLN D 235 -33.64 15.99 2.00
C GLN D 235 -32.26 15.34 2.15
N PRO D 236 -31.25 16.14 2.51
CA PRO D 236 -29.91 15.59 2.71
C PRO D 236 -29.86 14.57 3.85
N TYR D 237 -29.07 13.52 3.69
CA TYR D 237 -28.88 12.53 4.76
C TYR D 237 -27.46 11.96 4.82
N ILE D 238 -27.12 11.38 5.96
CA ILE D 238 -25.88 10.64 6.11
C ILE D 238 -26.18 9.32 6.82
N ASN D 239 -25.59 8.24 6.33
CA ASN D 239 -25.68 6.92 6.94
C ASN D 239 -24.43 6.63 7.79
N ALA D 240 -24.63 5.94 8.90
CA ALA D 240 -23.54 5.46 9.75
C ALA D 240 -23.89 4.13 10.43
N GLY D 241 -22.87 3.35 10.73
CA GLY D 241 -23.04 2.08 11.38
C GLY D 241 -21.74 1.33 11.37
N TYR D 242 -21.85 0.01 11.21
CA TYR D 242 -20.72 -0.90 11.25
C TYR D 242 -21.10 -2.24 10.62
N VAL D 243 -20.10 -2.95 10.12
CA VAL D 243 -20.28 -4.34 9.70
C VAL D 243 -19.36 -5.13 10.62
N ASN D 244 -19.96 -5.75 11.63
CA ASN D 244 -19.20 -6.34 12.73
C ASN D 244 -18.07 -5.41 13.18
N ASP D 245 -16.82 -5.82 12.99
CA ASP D 245 -15.65 -5.04 13.43
C ASP D 245 -15.28 -3.83 12.57
N ILE D 246 -15.95 -3.63 11.43
CA ILE D 246 -15.66 -2.46 10.60
C ILE D 246 -16.64 -1.30 10.88
N ALA D 247 -16.11 -0.13 11.26
CA ALA D 247 -16.91 1.09 11.39
C ALA D 247 -17.19 1.67 10.02
N VAL D 248 -18.42 2.12 9.80
CA VAL D 248 -18.85 2.65 8.50
C VAL D 248 -19.56 3.99 8.64
N PHE D 249 -19.15 4.97 7.85
CA PHE D 249 -19.93 6.20 7.73
C PHE D 249 -19.95 6.63 6.28
N GLY D 250 -21.02 7.33 5.91
CA GLY D 250 -21.22 7.69 4.53
C GLY D 250 -22.20 6.73 3.91
N PRO D 251 -22.78 7.11 2.77
CA PRO D 251 -22.49 8.36 2.06
C PRO D 251 -23.22 9.53 2.67
N LEU D 252 -22.80 10.73 2.29
CA LEU D 252 -23.55 11.94 2.60
C LEU D 252 -24.28 12.40 1.33
N TYR D 253 -25.59 12.19 1.31
CA TYR D 253 -26.40 12.54 0.16
C TYR D 253 -26.81 14.00 0.17
N VAL D 254 -26.37 14.74 -0.83
CA VAL D 254 -26.78 16.13 -1.02
C VAL D 254 -27.59 16.16 -2.30
N PRO D 255 -28.90 16.45 -2.19
CA PRO D 255 -29.80 16.47 -3.35
C PRO D 255 -29.25 17.33 -4.48
N GLY D 256 -29.16 16.72 -5.67
CA GLY D 256 -28.67 17.40 -6.88
C GLY D 256 -27.18 17.72 -6.92
N LYS D 257 -26.40 17.21 -5.97
CA LYS D 257 -24.96 17.50 -5.94
C LYS D 257 -24.06 16.27 -5.89
N THR D 258 -24.49 15.24 -5.17
CA THR D 258 -23.70 14.02 -4.97
C THR D 258 -24.41 12.83 -5.62
N GLY D 259 -23.88 11.63 -5.36
CA GLY D 259 -24.55 10.40 -5.77
C GLY D 259 -25.46 9.88 -4.67
N CYS D 260 -26.41 9.03 -5.05
CA CYS D 260 -27.26 8.35 -4.05
C CYS D 260 -26.73 6.96 -3.72
N TYR D 261 -27.48 6.22 -2.90
CA TYR D 261 -27.05 4.91 -2.45
C TYR D 261 -27.00 3.87 -3.56
N GLU D 262 -27.95 3.94 -4.48
CA GLU D 262 -28.09 2.95 -5.54
C GLU D 262 -27.16 3.13 -6.75
N CYS D 263 -26.43 4.24 -6.81
CA CYS D 263 -25.60 4.59 -7.98
C CYS D 263 -24.65 3.49 -8.47
N GLN D 264 -23.92 2.88 -7.56
CA GLN D 264 -22.81 1.99 -7.90
C GLN D 264 -23.02 0.56 -7.42
N LYS D 275 -30.72 -21.34 -7.03
CA LYS D 275 -31.84 -22.16 -6.61
C LYS D 275 -32.44 -21.60 -5.32
N GLU D 276 -33.77 -21.71 -5.18
CA GLU D 276 -34.44 -21.12 -4.01
C GLU D 276 -34.63 -22.01 -2.75
N ASN D 277 -33.87 -23.18 -2.77
CA ASN D 277 -33.70 -23.92 -1.51
C ASN D 277 -32.43 -23.42 -0.81
N ILE D 278 -31.45 -23.03 -1.62
CA ILE D 278 -30.25 -22.41 -1.10
C ILE D 278 -30.60 -20.99 -0.65
N ASP D 279 -31.48 -20.33 -1.41
CA ASP D 279 -31.91 -18.98 -1.08
C ASP D 279 -32.73 -18.96 0.21
N HIS D 280 -33.43 -20.06 0.47
CA HIS D 280 -34.20 -20.19 1.71
C HIS D 280 -33.31 -20.30 2.96
N LYS D 281 -32.28 -21.14 2.86
CA LYS D 281 -31.32 -21.34 3.95
C LYS D 281 -30.52 -20.08 4.25
N ILE D 282 -30.12 -19.37 3.19
CA ILE D 282 -29.47 -18.07 3.30
C ILE D 282 -30.36 -17.10 4.08
N LYS D 283 -31.63 -17.05 3.70
CA LYS D 283 -32.63 -16.21 4.37
C LYS D 283 -32.71 -16.56 5.87
N LEU D 284 -32.80 -17.85 6.15
CA LEU D 284 -32.89 -18.33 7.52
C LEU D 284 -31.67 -17.99 8.37
N ILE D 285 -30.47 -18.19 7.84
CA ILE D 285 -29.24 -17.84 8.54
C ILE D 285 -29.17 -16.34 8.76
N ASN D 286 -29.42 -15.56 7.70
CA ASN D 286 -29.39 -14.10 7.81
C ASN D 286 -30.50 -13.52 8.69
N SER D 287 -31.59 -14.27 8.86
CA SER D 287 -32.68 -13.81 9.75
C SER D 287 -32.26 -13.81 11.23
N ARG D 288 -31.26 -14.63 11.55
CA ARG D 288 -30.74 -14.79 12.90
C ARG D 288 -29.52 -13.91 13.23
N PHE D 289 -29.05 -13.16 12.23
CA PHE D 289 -27.86 -12.31 12.37
C PHE D 289 -27.93 -11.29 13.52
N LYS D 290 -26.88 -11.27 14.34
CA LYS D 290 -26.66 -10.19 15.31
C LYS D 290 -25.22 -9.69 15.13
N PRO D 291 -25.03 -8.36 15.08
CA PRO D 291 -23.67 -7.86 14.83
C PRO D 291 -22.73 -8.19 15.98
N ALA D 292 -21.47 -8.47 15.66
CA ALA D 292 -20.45 -8.60 16.68
C ALA D 292 -20.00 -7.19 17.12
N THR D 293 -20.85 -6.53 17.92
CA THR D 293 -20.64 -5.13 18.27
C THR D 293 -19.53 -4.94 19.32
N PHE D 294 -19.04 -3.71 19.38
CA PHE D 294 -17.81 -3.37 20.09
C PHE D 294 -17.82 -1.85 20.15
N ALA D 295 -17.93 -1.33 21.38
CA ALA D 295 -17.99 0.12 21.61
C ALA D 295 -17.01 0.93 20.73
N PRO D 296 -15.71 0.56 20.71
CA PRO D 296 -14.75 1.32 19.91
C PRO D 296 -15.13 1.52 18.45
N VAL D 297 -15.64 0.48 17.80
CA VAL D 297 -16.12 0.53 16.41
C VAL D 297 -17.33 1.47 16.27
N ASN D 298 -18.35 1.23 17.11
CA ASN D 298 -19.51 2.11 17.20
C ASN D 298 -19.09 3.58 17.28
N ASN D 299 -18.17 3.88 18.22
CA ASN D 299 -17.82 5.25 18.54
C ASN D 299 -17.05 5.95 17.40
N VAL D 300 -16.15 5.21 16.75
CA VAL D 300 -15.44 5.72 15.54
C VAL D 300 -16.42 6.12 14.45
N ALA D 301 -17.32 5.19 14.10
CA ALA D 301 -18.42 5.46 13.17
C ALA D 301 -19.24 6.69 13.56
N ALA D 302 -19.67 6.74 14.81
CA ALA D 302 -20.49 7.85 15.29
C ALA D 302 -19.75 9.18 15.21
N ALA D 303 -18.46 9.18 15.58
CA ALA D 303 -17.65 10.40 15.58
C ALA D 303 -17.42 11.00 14.19
N LEU D 304 -17.06 10.17 13.21
CA LEU D 304 -16.78 10.69 11.89
C LEU D 304 -18.05 11.12 11.16
N CYS D 305 -19.16 10.46 11.45
CA CYS D 305 -20.49 10.88 11.01
C CYS D 305 -20.87 12.26 11.56
N ALA D 306 -20.74 12.44 12.88
CA ALA D 306 -20.92 13.74 13.52
C ALA D 306 -20.03 14.86 12.92
N ALA D 307 -18.76 14.56 12.67
CA ALA D 307 -17.84 15.50 11.98
C ALA D 307 -18.37 15.95 10.64
N ASP D 308 -18.89 15.01 9.84
CA ASP D 308 -19.41 15.37 8.54
C ASP D 308 -20.71 16.16 8.63
N VAL D 309 -21.48 15.93 9.69
CA VAL D 309 -22.71 16.70 9.89
C VAL D 309 -22.35 18.15 10.23
N ILE D 310 -21.36 18.32 11.11
CA ILE D 310 -20.91 19.63 11.56
C ILE D 310 -20.32 20.41 10.38
N LYS D 311 -19.57 19.72 9.53
CA LYS D 311 -18.97 20.33 8.34
C LYS D 311 -19.99 20.59 7.25
N PHE D 312 -20.94 19.66 7.09
CA PHE D 312 -21.99 19.84 6.10
C PHE D 312 -22.79 21.09 6.44
N ILE D 313 -23.18 21.24 7.70
CA ILE D 313 -23.92 22.45 8.03
C ILE D 313 -23.04 23.70 8.25
N GLY D 314 -21.85 23.52 8.83
CA GLY D 314 -20.94 24.63 9.09
C GLY D 314 -20.30 25.25 7.85
N LYS D 315 -20.21 24.47 6.78
CA LYS D 315 -19.72 24.91 5.45
C LYS D 315 -18.24 25.33 5.38
N TYR D 316 -17.48 25.05 6.43
CA TYR D 316 -16.11 25.54 6.57
C TYR D 316 -15.07 24.57 6.02
N SER D 317 -15.49 23.33 5.78
CA SER D 317 -14.60 22.26 5.32
C SER D 317 -15.48 21.19 4.68
N GLU D 318 -14.97 20.54 3.64
CA GLU D 318 -15.75 19.55 2.89
C GLU D 318 -15.88 18.26 3.71
N PRO D 319 -17.12 17.74 3.87
CA PRO D 319 -17.35 16.43 4.48
C PRO D 319 -16.60 15.30 3.76
N LEU D 320 -16.12 14.32 4.53
CA LEU D 320 -15.32 13.23 3.96
C LEU D 320 -16.16 12.25 3.13
N SER D 321 -17.44 12.11 3.48
CA SER D 321 -18.29 11.07 2.89
C SER D 321 -19.22 11.51 1.75
N LEU D 322 -19.02 12.71 1.21
CA LEU D 322 -19.65 13.07 -0.08
C LEU D 322 -19.20 12.02 -1.09
N ASN D 323 -20.15 11.39 -1.77
CA ASN D 323 -19.86 10.38 -2.81
C ASN D 323 -19.08 9.13 -2.36
N LYS D 324 -18.98 8.93 -1.03
CA LYS D 324 -18.14 7.89 -0.43
C LYS D 324 -18.82 7.14 0.71
N ARG D 325 -18.69 5.82 0.69
CA ARG D 325 -19.01 5.02 1.85
C ARG D 325 -17.67 4.60 2.44
N ILE D 326 -17.39 5.04 3.66
CA ILE D 326 -16.06 4.86 4.25
C ILE D 326 -16.04 3.84 5.39
N GLY D 327 -15.12 2.89 5.28
CA GLY D 327 -14.94 1.83 6.27
C GLY D 327 -13.62 1.98 7.00
N ILE D 328 -13.68 1.93 8.33
CA ILE D 328 -12.48 1.91 9.16
C ILE D 328 -12.39 0.56 9.88
N TRP D 329 -11.32 -0.17 9.60
CA TRP D 329 -11.06 -1.47 10.25
C TRP D 329 -10.56 -1.28 11.69
N SER D 330 -10.93 -2.23 12.55
CA SER D 330 -10.50 -2.23 13.94
C SER D 330 -9.46 -3.31 14.22
N ASP D 331 -9.38 -4.34 13.37
CA ASP D 331 -8.36 -5.37 13.55
C ASP D 331 -7.11 -5.22 12.66
N GLU D 332 -7.11 -4.18 11.82
CA GLU D 332 -5.92 -3.78 11.08
C GLU D 332 -5.90 -2.26 10.87
N ILE D 333 -4.74 -1.73 10.47
CA ILE D 333 -4.65 -0.30 10.16
C ILE D 333 -5.16 -0.12 8.73
N LYS D 334 -6.36 0.41 8.59
CA LYS D 334 -7.03 0.44 7.30
C LYS D 334 -8.26 1.34 7.24
N ILE D 335 -8.22 2.26 6.28
CA ILE D 335 -9.40 3.01 5.83
C ILE D 335 -9.56 2.79 4.34
N HIS D 336 -10.78 2.42 3.95
CA HIS D 336 -11.11 2.22 2.55
C HIS D 336 -12.45 2.87 2.24
N SER D 337 -12.49 3.59 1.12
CA SER D 337 -13.75 4.17 0.65
C SER D 337 -14.28 3.50 -0.60
N GLN D 338 -15.59 3.23 -0.60
CA GLN D 338 -16.27 2.71 -1.78
C GLN D 338 -16.82 3.87 -2.58
N ASN D 339 -16.66 3.82 -3.89
CA ASN D 339 -17.16 4.87 -4.77
C ASN D 339 -18.68 4.91 -4.77
N MET D 340 -19.23 6.07 -4.46
CA MET D 340 -20.67 6.33 -4.59
C MET D 340 -20.93 7.64 -5.35
N GLY D 341 -20.08 7.92 -6.34
CA GLY D 341 -20.29 9.05 -7.25
C GLY D 341 -21.56 8.89 -8.08
N ARG D 342 -22.08 10.00 -8.59
CA ARG D 342 -23.38 10.00 -9.27
C ARG D 342 -23.38 9.23 -10.58
N SER D 343 -24.34 8.32 -10.71
CA SER D 343 -24.54 7.60 -11.96
C SER D 343 -25.50 8.38 -12.85
N PRO D 344 -25.05 8.74 -14.06
CA PRO D 344 -25.95 9.40 -15.01
C PRO D 344 -27.15 8.51 -15.34
N VAL D 345 -27.01 7.21 -15.07
CA VAL D 345 -28.00 6.20 -15.43
C VAL D 345 -28.63 5.47 -14.20
N CYS D 346 -28.50 6.08 -13.02
CA CYS D 346 -29.07 5.55 -11.78
C CYS D 346 -30.61 5.48 -11.88
N SER D 347 -31.20 4.57 -11.11
CA SER D 347 -32.67 4.42 -11.12
C SER D 347 -33.33 5.51 -10.30
N VAL D 348 -32.85 5.65 -9.06
CA VAL D 348 -33.43 6.53 -8.04
C VAL D 348 -33.23 8.01 -8.35
N CYS D 349 -31.96 8.42 -8.55
CA CYS D 349 -31.64 9.82 -8.86
C CYS D 349 -31.49 10.08 -10.37
N GLY D 350 -31.55 11.38 -10.72
CA GLY D 350 -31.43 11.83 -12.11
C GLY D 350 -32.21 11.00 -13.11
N MSE E 1 12.90 -22.96 -23.93
CA MSE E 1 13.18 -22.33 -25.26
C MSE E 1 12.53 -23.10 -26.40
O MSE E 1 13.15 -23.89 -27.12
CB MSE E 1 14.69 -22.19 -25.48
CG MSE E 1 15.31 -21.01 -24.75
SE MSE E 1 16.81 -20.21 -25.74
CE MSE E 1 15.79 -19.41 -27.19
N MSE F 1 29.28 -2.70 -14.05
CA MSE F 1 28.81 -3.30 -12.76
C MSE F 1 29.29 -2.49 -11.56
O MSE F 1 30.13 -2.92 -10.78
CB MSE F 1 29.28 -4.75 -12.64
CG MSE F 1 28.57 -5.72 -13.56
SE MSE F 1 28.61 -7.53 -12.84
CE MSE F 1 27.63 -7.21 -11.19
N MSE G 1 1.74 15.39 12.70
CA MSE G 1 2.15 14.21 13.51
C MSE G 1 3.57 14.28 14.08
O MSE G 1 3.88 13.56 15.04
CB MSE G 1 2.02 12.92 12.70
CG MSE G 1 0.66 12.30 12.76
SE MSE G 1 0.78 10.38 12.43
CE MSE G 1 1.27 9.78 14.24
N ARG G 2 4.43 15.11 13.49
CA ARG G 2 5.83 15.20 13.94
C ARG G 2 5.97 15.98 15.25
N THR G 3 4.85 16.51 15.70
CA THR G 3 4.71 17.07 17.05
C THR G 3 4.02 16.04 17.96
N GLY G 4 4.30 16.13 19.27
CA GLY G 4 3.67 15.26 20.27
C GLY G 4 2.27 15.73 20.64
N ASN G 5 1.51 14.84 21.28
CA ASN G 5 0.17 15.16 21.83
C ASN G 5 0.22 16.12 23.03
N ALA G 6 1.43 16.53 23.42
CA ALA G 6 1.65 17.36 24.60
C ALA G 6 2.46 18.60 24.25
N ASN G 7 2.18 19.70 24.93
CA ASN G 7 2.90 20.95 24.74
C ASN G 7 3.16 21.67 26.07
N MSE H 1 -17.06 -4.99 4.38
CA MSE H 1 -18.22 -4.05 4.32
C MSE H 1 -19.38 -4.68 3.54
O MSE H 1 -20.51 -4.18 3.57
CB MSE H 1 -17.81 -2.74 3.66
CG MSE H 1 -16.74 -1.96 4.42
SE MSE H 1 -16.21 -0.32 3.47
CE MSE H 1 -17.82 0.73 3.73
ZN ZN I . 13.96 -18.09 -43.92
PG APC J . -1.17 -13.11 -21.93
O1G APC J . -0.20 -12.17 -22.58
O2G APC J . -2.59 -12.58 -21.78
O3G APC J . -0.60 -13.79 -20.70
PB APC J . -2.24 -15.59 -22.73
O1B APC J . -3.66 -15.16 -22.47
O2B APC J . -1.51 -16.37 -21.64
O3B APC J . -1.34 -14.29 -23.00
PA APC J . -1.24 -15.80 -25.57
O1A APC J . -1.39 -16.64 -26.81
O2A APC J . 0.17 -15.59 -25.06
C3A APC J . -2.21 -16.60 -24.25
O5' APC J . -1.90 -14.36 -25.88
C5' APC J . -1.32 -13.10 -25.49
C4' APC J . -2.24 -11.93 -25.85
O4' APC J . -2.41 -11.92 -27.27
C3' APC J . -3.63 -12.03 -25.24
O3' APC J . -4.08 -10.73 -24.80
C2' APC J . -4.53 -12.53 -26.36
O2' APC J . -5.83 -11.93 -26.35
C1' APC J . -3.78 -12.11 -27.61
N9 APC J . -3.89 -13.13 -28.69
C8 APC J . -3.53 -14.42 -28.64
N7 APC J . -3.79 -14.98 -29.84
C5 APC J . -4.31 -14.02 -30.64
C6 APC J . -4.76 -13.96 -31.95
N6 APC J . -4.74 -15.06 -32.74
N1 APC J . -5.22 -12.80 -32.46
C2 APC J . -5.26 -11.67 -31.72
N3 APC J . -4.84 -11.69 -30.45
C4 APC J . -4.36 -12.85 -29.89
ZN ZN K . 30.75 -8.72 5.18
PG APC L . 16.07 11.66 -12.10
O1G APC L . 15.56 11.78 -13.52
O2G APC L . 15.30 12.50 -11.08
O3G APC L . 17.58 11.74 -11.99
PB APC L . 15.79 9.55 -10.19
O1B APC L . 14.35 9.26 -9.79
O2B APC L . 16.59 10.50 -9.33
O3B APC L . 15.71 10.14 -11.69
PA APC L . 15.79 6.57 -9.76
O1A APC L . 14.63 6.37 -10.71
O2A APC L . 16.76 5.43 -9.55
C3A APC L . 16.75 8.01 -10.30
O5' APC L . 15.13 6.94 -8.33
C5' APC L . 15.60 6.46 -7.09
C4' APC L . 14.56 6.79 -6.02
O4' APC L . 15.13 6.62 -4.72
C3' APC L . 14.09 8.24 -6.11
O3' APC L . 12.66 8.29 -6.16
C2' APC L . 14.60 8.92 -4.86
O2' APC L . 13.64 9.81 -4.29
C1' APC L . 14.88 7.77 -3.91
N9 APC L . 16.04 8.07 -3.05
C8 APC L . 17.28 8.42 -3.43
N7 APC L . 18.04 8.61 -2.33
C5 APC L . 17.26 8.38 -1.26
C6 APC L . 17.47 8.41 0.12
N6 APC L . 18.68 8.74 0.62
N1 APC L . 16.45 8.12 0.95
C2 APC L . 15.23 7.79 0.48
N3 APC L . 15.00 7.76 -0.84
C4 APC L . 16.00 8.04 -1.72
S SO4 M . -9.45 -24.42 -20.10
O1 SO4 M . -9.74 -25.66 -19.38
O2 SO4 M . -8.23 -24.58 -20.88
O3 SO4 M . -10.55 -24.12 -21.01
O4 SO4 M . -9.29 -23.34 -19.14
ZN ZN N . 13.39 2.29 23.57
PG APC O . -9.68 22.80 28.36
O1G APC O . -10.85 22.41 27.48
O2G APC O . -9.98 22.74 29.85
O3G APC O . -9.00 24.09 27.94
PB APC O . -8.15 20.34 28.93
O1B APC O . -9.45 19.69 29.39
O2B APC O . -7.12 20.72 29.97
O3B APC O . -8.50 21.70 28.09
PA APC O . -7.80 17.55 27.53
O1A APC O . -6.96 16.94 26.44
O2A APC O . -9.30 17.47 27.33
C3A APC O . -7.25 19.28 27.75
O5' APC O . -7.41 16.72 28.86
C5' APC O . -6.09 16.66 29.40
C4' APC O . -6.24 16.24 30.86
O4' APC O . -5.00 15.79 31.40
C3' APC O . -6.73 17.38 31.75
O3' APC O . -7.82 16.90 32.55
C2' APC O . -5.52 17.76 32.59
O2' APC O . -5.82 18.20 33.93
C1' APC O . -4.72 16.47 32.63
N9 APC O . -3.26 16.73 32.79
C8 APC O . -2.48 17.45 31.98
N7 APC O . -1.21 17.42 32.46
C5 APC O . -1.23 16.66 33.58
C6 APC O . -0.25 16.28 34.49
N6 APC O . 1.04 16.70 34.32
N1 APC O . -0.60 15.48 35.53
C2 APC O . -1.87 15.07 35.70
N3 APC O . -2.84 15.42 34.84
C4 APC O . -2.53 16.22 33.78
PG APC P . -8.28 29.44 29.32
O1G APC P . -9.12 28.25 29.76
O2G APC P . -8.71 30.75 29.96
O3G APC P . -8.04 29.52 27.84
PB APC P . -5.54 30.05 29.70
O1B APC P . -5.82 31.40 30.34
O2B APC P . -5.25 30.02 28.22
O3B APC P . -6.84 29.12 29.97
PA APC P . -3.80 27.59 30.01
O1A APC P . -4.52 26.63 30.93
O2A APC P . -4.06 27.50 28.53
C3A APC P . -4.14 29.29 30.58
O5' APC P . -2.22 27.32 30.23
C5' APC P . -1.48 26.48 29.34
C4' APC P . -0.01 26.47 29.71
O4' APC P . 0.15 26.18 31.11
C3' APC P . 0.76 25.42 28.93
O3' APC P . 1.94 26.00 28.37
C2' APC P . 1.11 24.33 29.94
O2' APC P . 2.46 23.89 29.85
C1' APC P . 0.79 24.91 31.33
N9 APC P . -0.13 23.98 32.02
C8 APC P . -1.47 24.07 32.07
N7 APC P . -1.96 23.04 32.79
C5 APC P . -0.90 22.29 33.19
C6 APC P . -0.79 21.12 33.95
N6 APC P . -1.89 20.52 34.43
N1 APC P . 0.44 20.60 34.19
C2 APC P . 1.55 21.21 33.70
N3 APC P . 1.46 22.33 32.97
C4 APC P . 0.25 22.89 32.71
ZN ZN Q . -27.90 6.83 -7.71
PB APC R . -30.17 -2.50 18.03
O1B APC R . -29.81 -3.30 19.27
O2B APC R . -29.60 -2.90 16.69
O3B APC R . -31.77 -2.59 17.90
PA APC R . -28.02 -0.43 17.84
O1A APC R . -27.23 -1.73 17.84
O2A APC R . -28.12 0.35 16.56
C3A APC R . -29.73 -0.77 18.37
O5' APC R . -27.33 0.48 18.97
#